data_8UFU
#
_entry.id   8UFU
#
_cell.length_a   59.673
_cell.length_b   152.827
_cell.length_c   109.162
_cell.angle_alpha   90.00
_cell.angle_beta   90.82
_cell.angle_gamma   90.00
#
_symmetry.space_group_name_H-M   'P 1 21 1'
#
loop_
_entity.id
_entity.type
_entity.pdbx_description
1 polymer 'Nitric oxide synthase, endothelial'
2 non-polymer 'PROTOPORPHYRIN IX CONTAINING FE'
3 non-polymer (7M)-7-[(9S)-9-amino-6,7,8,9-tetrahydro-5H-benzo[7]annulen-2-yl]-4-methylquinolin-2-amine
4 non-polymer 2-[BIS-(2-HYDROXY-ETHYL)-AMINO]-2-HYDROXYMETHYL-PROPANE-1,3-DIOL
5 non-polymer GLYCEROL
6 non-polymer 'CHLORIDE ION'
7 non-polymer 'ZINC ION'
8 non-polymer 'CALCIUM ION'
9 non-polymer 'GADOLINIUM ATOM'
10 water water
#
_entity_poly.entity_id   1
_entity_poly.type   'polypeptide(L)'
_entity_poly.pdbx_seq_one_letter_code
;APASLLPPAPEHSPPSSPLTQPPEGPKFPRVKNWEVGSITYDTLSAQAQQDGPCTPRRCLGSLVFPRKLQGRPSPGPPAP
EQLLSQARDFINQYYSSIKRSGSQAHEQRLQEVEAEVAATGTYQLRESELVFGAKQAWRNAPRCVGRIQWGKLQVFDARD
CRSAQEMFTYICNHIKYATNRGNLRSAITVFPQRCPGRGDFRIWNSQLVRYAGYRQQDGSVRGDPANVEITELCIQHGWT
PGNGRFDVLPLLLQAPDEPPELFLLPPELVLEVPLEHPTLEWFAALGLRWYALPAVSNMLLEIGGLEFPAAPFSGWYMST
EIGTRNLCDPHRYNILEDVAVCMDLDTRTTSSLWKDKAAVEINVAVLHSYQLAKVTIVDHHAATASFMKHLENEQKARGG
CPADWAWIVPPISGSLTPVFHQEMVNYFLSPAFRYQPDPW
;
_entity_poly.pdbx_strand_id   A,B,C,D
#
loop_
_chem_comp.id
_chem_comp.type
_chem_comp.name
_chem_comp.formula
BTB non-polymer 2-[BIS-(2-HYDROXY-ETHYL)-AMINO]-2-HYDROXYMETHYL-PROPANE-1,3-DIOL 'C8 H19 N O5'
CA non-polymer 'CALCIUM ION' 'Ca 2'
CL non-polymer 'CHLORIDE ION' 'Cl -1'
GD non-polymer 'GADOLINIUM ATOM' Gd
GOL non-polymer GLYCEROL 'C3 H8 O3'
HEM non-polymer 'PROTOPORPHYRIN IX CONTAINING FE' 'C34 H32 Fe N4 O4'
WRI non-polymer (7M)-7-[(9S)-9-amino-6,7,8,9-tetrahydro-5H-benzo[7]annulen-2-yl]-4-methylquinolin-2-amine 'C21 H23 N3'
ZN non-polymer 'ZINC ION' 'Zn 2'
#
# COMPACT_ATOMS: atom_id res chain seq x y z
N PHE A 28 41.03 29.82 -5.15
CA PHE A 28 39.88 29.28 -5.89
C PHE A 28 39.24 28.09 -5.19
N PRO A 29 38.09 28.35 -4.56
CA PRO A 29 37.46 27.34 -3.69
C PRO A 29 37.13 26.06 -4.43
N ARG A 30 37.50 24.94 -3.81
CA ARG A 30 37.20 23.62 -4.36
C ARG A 30 35.79 23.21 -3.92
N VAL A 31 34.95 22.89 -4.89
CA VAL A 31 33.56 22.48 -4.67
C VAL A 31 33.42 21.05 -5.18
N LYS A 32 32.86 20.19 -4.33
CA LYS A 32 32.66 18.79 -4.66
C LYS A 32 31.16 18.46 -4.66
N ASN A 33 30.79 17.52 -5.53
CA ASN A 33 29.49 16.84 -5.46
C ASN A 33 29.69 15.45 -4.88
N TRP A 34 29.11 15.20 -3.71
CA TRP A 34 29.37 13.97 -2.96
C TRP A 34 28.57 12.78 -3.47
N GLU A 35 27.67 13.01 -4.42
CA GLU A 35 26.80 11.97 -4.94
C GLU A 35 27.40 11.28 -6.14
N VAL A 36 28.39 11.90 -6.77
CA VAL A 36 28.86 11.49 -8.08
C VAL A 36 30.38 11.48 -8.05
N GLY A 37 30.97 12.42 -7.29
CA GLY A 37 32.41 12.51 -7.10
C GLY A 37 33.08 13.63 -7.87
N SER A 38 32.35 14.36 -8.71
CA SER A 38 32.94 15.41 -9.51
C SER A 38 33.44 16.55 -8.64
N ILE A 39 34.45 17.26 -9.17
CA ILE A 39 35.10 18.36 -8.49
C ILE A 39 35.24 19.51 -9.48
N THR A 40 34.78 20.70 -9.09
CA THR A 40 35.00 21.93 -9.84
C THR A 40 35.62 22.97 -8.91
N TYR A 41 36.07 24.07 -9.51
CA TYR A 41 36.68 25.19 -8.80
C TYR A 41 35.96 26.46 -9.20
N ASP A 42 35.54 27.25 -8.20
CA ASP A 42 34.73 28.45 -8.43
C ASP A 42 35.69 29.64 -8.57
N THR A 43 36.02 29.96 -9.82
CA THR A 43 36.86 31.12 -10.11
C THR A 43 36.07 32.42 -10.12
N LEU A 44 34.74 32.34 -10.28
CA LEU A 44 33.91 33.54 -10.38
C LEU A 44 33.78 34.24 -9.03
N SER A 45 33.84 33.47 -7.94
CA SER A 45 33.82 34.04 -6.60
C SER A 45 34.90 35.10 -6.40
N ALA A 46 35.93 35.10 -7.25
CA ALA A 46 37.00 36.10 -7.16
C ALA A 46 36.46 37.50 -7.41
N GLN A 47 35.46 37.63 -8.28
CA GLN A 47 34.90 38.94 -8.61
C GLN A 47 33.91 39.46 -7.58
N ALA A 48 33.72 38.77 -6.46
CA ALA A 48 32.67 39.14 -5.51
C ALA A 48 32.90 40.56 -4.99
N GLN A 49 31.92 41.45 -5.25
CA GLN A 49 32.02 42.84 -4.83
C GLN A 49 31.53 43.03 -3.40
N GLN A 50 30.23 43.30 -3.23
CA GLN A 50 29.70 43.54 -1.90
C GLN A 50 29.95 42.36 -0.98
N ASP A 51 30.35 42.64 0.26
CA ASP A 51 30.77 41.61 1.19
C ASP A 51 29.59 41.11 2.02
N GLY A 52 29.59 39.80 2.27
CA GLY A 52 28.56 39.17 3.04
C GLY A 52 28.81 39.22 4.53
N PRO A 53 28.06 38.41 5.28
CA PRO A 53 28.07 38.51 6.74
C PRO A 53 29.10 37.65 7.45
N CYS A 54 29.69 36.68 6.75
CA CYS A 54 30.53 35.67 7.37
C CYS A 54 31.96 36.18 7.55
N THR A 55 32.62 35.69 8.59
CA THR A 55 34.03 35.95 8.86
C THR A 55 34.70 34.63 9.22
N PRO A 56 36.05 34.56 9.14
CA PRO A 56 36.76 33.34 9.54
C PRO A 56 36.38 32.85 10.94
N ARG A 57 35.95 33.77 11.79
CA ARG A 57 35.58 33.44 13.17
C ARG A 57 34.23 32.71 13.25
N ARG A 58 33.24 33.11 12.46
CA ARG A 58 31.88 32.63 12.63
C ARG A 58 31.11 32.73 11.33
N CYS A 59 30.26 31.75 11.07
CA CYS A 59 29.48 31.70 9.83
C CYS A 59 28.05 32.12 10.11
N LEU A 60 27.55 33.09 9.33
CA LEU A 60 26.18 33.56 9.41
C LEU A 60 25.37 33.24 8.15
N GLY A 61 25.71 32.13 7.49
CA GLY A 61 25.02 31.75 6.28
C GLY A 61 23.54 31.54 6.45
N SER A 62 23.10 31.26 7.67
CA SER A 62 21.70 30.93 7.87
C SER A 62 20.82 32.14 8.14
N LEU A 63 21.39 33.33 8.23
CA LEU A 63 20.61 34.54 8.51
C LEU A 63 19.83 34.97 7.26
N VAL A 64 18.55 35.28 7.44
CA VAL A 64 17.69 35.64 6.32
C VAL A 64 18.05 37.01 5.76
N PHE A 65 18.21 38.00 6.64
CA PHE A 65 18.63 39.35 6.22
C PHE A 65 20.05 39.57 6.69
N PRO A 66 21.05 39.38 5.84
CA PRO A 66 22.45 39.48 6.27
C PRO A 66 22.76 40.81 6.94
N ARG A 67 22.65 40.84 8.27
CA ARG A 67 23.00 41.98 9.12
C ARG A 67 22.51 43.33 8.57
N PRO A 80 29.48 62.07 -4.07
CA PRO A 80 29.21 60.64 -4.21
C PRO A 80 29.47 60.11 -5.62
N GLU A 81 30.68 60.33 -6.11
CA GLU A 81 31.12 59.86 -7.43
C GLU A 81 31.55 58.41 -7.44
N GLN A 82 31.31 57.67 -6.35
CA GLN A 82 31.43 56.21 -6.40
C GLN A 82 30.52 55.61 -7.46
N LEU A 83 29.54 56.38 -7.93
CA LEU A 83 28.64 55.92 -8.98
C LEU A 83 29.39 55.55 -10.26
N LEU A 84 30.50 56.24 -10.54
CA LEU A 84 31.27 55.98 -11.76
C LEU A 84 31.85 54.57 -11.77
N SER A 85 32.41 54.13 -10.63
CA SER A 85 33.08 52.83 -10.59
C SER A 85 32.13 51.70 -10.96
N GLN A 86 30.94 51.69 -10.35
CA GLN A 86 29.95 50.67 -10.65
C GLN A 86 29.37 50.83 -12.05
N ALA A 87 29.38 52.05 -12.59
CA ALA A 87 28.93 52.25 -13.97
C ALA A 87 29.93 51.67 -14.96
N ARG A 88 31.22 51.94 -14.77
CA ARG A 88 32.23 51.39 -15.67
C ARG A 88 32.17 49.87 -15.68
N ASP A 89 32.12 49.24 -14.51
CA ASP A 89 32.14 47.79 -14.44
C ASP A 89 30.95 47.17 -15.16
N PHE A 90 29.75 47.69 -14.89
CA PHE A 90 28.57 47.15 -15.54
C PHE A 90 28.65 47.28 -17.06
N ILE A 91 29.13 48.42 -17.56
CA ILE A 91 29.26 48.61 -19.01
C ILE A 91 30.30 47.66 -19.58
N ASN A 92 31.36 47.40 -18.82
CA ASN A 92 32.34 46.40 -19.22
C ASN A 92 31.72 45.01 -19.32
N GLN A 93 30.86 44.65 -18.36
CA GLN A 93 30.15 43.36 -18.44
C GLN A 93 29.37 43.27 -19.75
N TYR A 94 28.51 44.26 -20.01
CA TYR A 94 27.64 44.23 -21.19
C TYR A 94 28.41 43.94 -22.47
N TYR A 95 29.47 44.71 -22.73
CA TYR A 95 30.16 44.56 -24.01
C TYR A 95 31.01 43.31 -24.08
N SER A 96 31.43 42.76 -22.94
CA SER A 96 32.09 41.46 -22.96
C SER A 96 31.09 40.36 -23.31
N SER A 97 29.85 40.50 -22.86
CA SER A 97 28.80 39.54 -23.15
C SER A 97 28.30 39.56 -24.59
N ILE A 98 28.59 40.61 -25.35
CA ILE A 98 28.19 40.60 -26.76
C ILE A 98 29.40 40.39 -27.67
N LYS A 99 30.50 39.87 -27.13
CA LYS A 99 31.73 39.66 -27.89
C LYS A 99 32.19 40.95 -28.57
N ARG A 100 32.16 42.04 -27.80
CA ARG A 100 32.46 43.37 -28.31
C ARG A 100 33.37 44.13 -27.36
N SER A 101 34.24 43.41 -26.64
CA SER A 101 35.08 44.02 -25.62
C SER A 101 36.12 44.93 -26.25
N GLY A 102 36.28 46.13 -25.68
CA GLY A 102 37.29 47.06 -26.13
C GLY A 102 37.12 47.59 -27.53
N SER A 103 35.88 47.71 -28.00
CA SER A 103 35.62 48.09 -29.38
C SER A 103 35.40 49.60 -29.49
N GLN A 104 34.85 50.00 -30.65
CA GLN A 104 34.54 51.40 -30.91
C GLN A 104 33.38 51.86 -30.03
N ALA A 105 32.22 51.23 -30.17
CA ALA A 105 31.04 51.58 -29.38
C ALA A 105 31.27 51.35 -27.89
N HIS A 106 32.20 50.46 -27.52
CA HIS A 106 32.46 50.22 -26.11
C HIS A 106 33.14 51.44 -25.47
N GLU A 107 34.25 51.88 -26.07
CA GLU A 107 34.87 53.14 -25.66
C GLU A 107 33.85 54.27 -25.66
N GLN A 108 33.05 54.36 -26.72
CA GLN A 108 32.14 55.48 -26.90
C GLN A 108 31.09 55.54 -25.80
N ARG A 109 30.51 54.39 -25.44
CA ARG A 109 29.49 54.37 -24.41
C ARG A 109 30.10 54.62 -23.03
N LEU A 110 31.38 54.29 -22.85
CA LEU A 110 32.09 54.72 -21.64
C LEU A 110 32.10 56.24 -21.52
N GLN A 111 32.24 56.93 -22.66
CA GLN A 111 32.31 58.39 -22.63
C GLN A 111 30.99 59.00 -22.19
N GLU A 112 29.89 58.59 -22.81
CA GLU A 112 28.61 59.26 -22.56
C GLU A 112 28.20 59.17 -21.10
N VAL A 113 28.39 57.99 -20.47
CA VAL A 113 28.05 57.88 -19.06
C VAL A 113 28.99 58.74 -18.22
N GLU A 114 30.29 58.74 -18.54
CA GLU A 114 31.20 59.64 -17.84
C GLU A 114 30.70 61.07 -17.92
N ALA A 115 30.28 61.50 -19.12
CA ALA A 115 29.78 62.86 -19.31
C ALA A 115 28.39 63.04 -18.70
N GLU A 116 27.52 62.03 -18.80
CA GLU A 116 26.20 62.14 -18.19
C GLU A 116 26.30 62.45 -16.70
N VAL A 117 27.10 61.66 -15.96
CA VAL A 117 27.23 61.87 -14.53
C VAL A 117 27.98 63.17 -14.24
N ALA A 118 29.00 63.49 -15.04
CA ALA A 118 29.67 64.77 -14.90
C ALA A 118 28.67 65.92 -14.90
N ALA A 119 27.69 65.88 -15.80
CA ALA A 119 26.73 66.96 -15.93
C ALA A 119 25.66 66.91 -14.84
N THR A 120 25.04 65.75 -14.64
CA THR A 120 23.85 65.65 -13.80
C THR A 120 24.01 64.74 -12.59
N GLY A 121 25.18 64.15 -12.37
CA GLY A 121 25.37 63.32 -11.19
C GLY A 121 24.66 61.98 -11.23
N THR A 122 24.31 61.49 -12.42
CA THR A 122 23.67 60.19 -12.60
C THR A 122 23.63 59.92 -14.10
N TYR A 123 23.06 58.79 -14.49
CA TYR A 123 22.97 58.45 -15.90
C TYR A 123 21.73 57.60 -16.15
N GLN A 124 21.34 57.53 -17.43
CA GLN A 124 20.29 56.64 -17.89
C GLN A 124 20.90 55.46 -18.63
N LEU A 125 20.30 54.29 -18.46
CA LEU A 125 20.76 53.09 -19.16
C LEU A 125 20.11 53.00 -20.54
N ARG A 126 20.92 52.61 -21.54
CA ARG A 126 20.36 52.20 -22.83
C ARG A 126 19.35 51.08 -22.64
N GLU A 127 18.39 50.98 -23.56
CA GLU A 127 17.32 50.00 -23.42
C GLU A 127 17.87 48.59 -23.30
N SER A 128 18.85 48.25 -24.14
CA SER A 128 19.40 46.89 -24.11
C SER A 128 20.20 46.64 -22.84
N GLU A 129 20.79 47.69 -22.27
CA GLU A 129 21.51 47.55 -21.01
C GLU A 129 20.56 47.27 -19.86
N LEU A 130 19.41 47.94 -19.85
CA LEU A 130 18.44 47.65 -18.80
C LEU A 130 17.94 46.22 -18.89
N VAL A 131 17.81 45.70 -20.10
CA VAL A 131 17.43 44.30 -20.28
C VAL A 131 18.53 43.36 -19.78
N PHE A 132 19.78 43.64 -20.16
CA PHE A 132 20.91 42.81 -19.75
C PHE A 132 21.11 42.86 -18.24
N GLY A 133 21.02 44.06 -17.64
CA GLY A 133 21.17 44.15 -16.20
C GLY A 133 20.09 43.39 -15.44
N ALA A 134 18.85 43.42 -15.96
CA ALA A 134 17.79 42.67 -15.30
C ALA A 134 18.06 41.18 -15.35
N LYS A 135 18.48 40.67 -16.52
CA LYS A 135 18.72 39.25 -16.65
C LYS A 135 19.89 38.79 -15.78
N GLN A 136 20.96 39.59 -15.70
CA GLN A 136 22.10 39.20 -14.89
C GLN A 136 21.76 39.25 -13.40
N ALA A 137 20.88 40.16 -13.00
CA ALA A 137 20.48 40.23 -11.60
C ALA A 137 19.70 38.98 -11.19
N TRP A 138 18.87 38.46 -12.10
CA TRP A 138 18.25 37.16 -11.86
C TRP A 138 19.30 36.05 -11.84
N ARG A 139 20.19 36.03 -12.84
CA ARG A 139 21.26 35.04 -12.92
C ARG A 139 22.11 35.02 -11.65
N ASN A 140 22.28 36.18 -11.02
CA ASN A 140 23.14 36.33 -9.86
C ASN A 140 22.44 36.09 -8.53
N ALA A 141 21.13 35.81 -8.53
CA ALA A 141 20.39 35.65 -7.27
C ALA A 141 20.71 34.30 -6.59
N PRO A 142 21.50 34.27 -5.50
CA PRO A 142 21.98 32.97 -5.00
C PRO A 142 20.89 32.08 -4.40
N ARG A 143 19.78 32.65 -3.93
CA ARG A 143 18.72 31.87 -3.32
C ARG A 143 17.70 31.34 -4.32
N CYS A 144 17.83 31.67 -5.61
CA CYS A 144 16.81 31.28 -6.60
C CYS A 144 17.20 29.96 -7.25
N VAL A 145 16.33 28.96 -7.08
CA VAL A 145 16.48 27.64 -7.72
C VAL A 145 15.98 27.62 -9.15
N GLY A 146 15.31 28.67 -9.62
CA GLY A 146 14.73 28.69 -10.96
C GLY A 146 15.59 29.35 -12.01
N ARG A 147 16.88 29.52 -11.74
CA ARG A 147 17.67 30.36 -12.61
C ARG A 147 18.02 29.71 -13.94
N ILE A 148 17.75 28.42 -14.13
CA ILE A 148 17.95 27.82 -15.46
C ILE A 148 17.17 28.59 -16.52
N GLN A 149 16.15 29.33 -16.11
CA GLN A 149 15.32 30.15 -16.98
C GLN A 149 15.88 31.57 -17.18
N TRP A 150 17.06 31.88 -16.64
CA TRP A 150 17.44 33.29 -16.53
C TRP A 150 17.47 34.01 -17.87
N GLY A 151 17.73 33.29 -18.97
CA GLY A 151 17.84 33.95 -20.26
C GLY A 151 16.51 34.40 -20.86
N LYS A 152 15.41 33.77 -20.43
CA LYS A 152 14.08 34.09 -20.96
C LYS A 152 13.36 34.92 -19.91
N LEU A 153 13.60 36.23 -19.95
CA LEU A 153 12.95 37.18 -19.05
C LEU A 153 12.46 38.35 -19.87
N GLN A 154 11.21 38.73 -19.66
CA GLN A 154 10.58 39.83 -20.38
C GLN A 154 10.68 41.09 -19.52
N VAL A 155 11.33 42.11 -20.05
CA VAL A 155 11.65 43.32 -19.29
C VAL A 155 10.76 44.44 -19.81
N PHE A 156 9.73 44.80 -19.05
CA PHE A 156 8.88 45.94 -19.37
C PHE A 156 9.49 47.20 -18.79
N ASP A 157 9.58 48.24 -19.61
CA ASP A 157 10.23 49.48 -19.22
C ASP A 157 9.16 50.50 -18.82
N ALA A 158 9.11 50.81 -17.53
CA ALA A 158 8.19 51.79 -16.97
C ALA A 158 8.93 53.02 -16.47
N ARG A 159 10.14 53.27 -16.99
CA ARG A 159 10.97 54.35 -16.48
C ARG A 159 10.34 55.71 -16.66
N ASP A 160 9.33 55.83 -17.52
CA ASP A 160 8.63 57.09 -17.77
C ASP A 160 7.36 57.24 -16.94
N CYS A 161 7.25 56.50 -15.85
CA CYS A 161 6.07 56.60 -14.99
C CYS A 161 6.06 57.95 -14.27
N ARG A 162 4.88 58.29 -13.72
CA ARG A 162 4.68 59.64 -13.23
C ARG A 162 3.64 59.75 -12.11
N SER A 163 2.71 58.81 -12.03
CA SER A 163 1.67 58.86 -11.00
C SER A 163 1.40 57.46 -10.48
N ALA A 164 0.62 57.39 -9.39
CA ALA A 164 0.20 56.10 -8.84
C ALA A 164 -0.87 55.42 -9.69
N GLN A 165 -1.69 56.20 -10.38
CA GLN A 165 -2.61 55.62 -11.35
C GLN A 165 -1.86 55.02 -12.53
N GLU A 166 -0.77 55.66 -12.95
CA GLU A 166 0.08 55.11 -14.00
C GLU A 166 0.68 53.78 -13.57
N MET A 167 1.30 53.75 -12.39
CA MET A 167 1.84 52.51 -11.86
C MET A 167 0.83 51.38 -11.96
N PHE A 168 -0.42 51.66 -11.59
CA PHE A 168 -1.43 50.61 -11.54
C PHE A 168 -1.64 49.97 -12.90
N THR A 169 -1.64 50.77 -13.97
CA THR A 169 -1.79 50.18 -15.30
C THR A 169 -0.54 49.46 -15.75
N TYR A 170 0.64 49.97 -15.39
CA TYR A 170 1.87 49.21 -15.61
C TYR A 170 1.85 47.87 -14.87
N ILE A 171 1.35 47.88 -13.64
CA ILE A 171 1.32 46.66 -12.84
C ILE A 171 0.33 45.66 -13.40
N CYS A 172 -0.77 46.17 -13.99
CA CYS A 172 -1.82 45.30 -14.49
C CYS A 172 -1.48 44.70 -15.85
N ASN A 173 -0.67 45.39 -16.66
CA ASN A 173 -0.20 44.79 -17.90
C ASN A 173 0.78 43.67 -17.61
N HIS A 174 1.70 43.90 -16.68
CA HIS A 174 2.58 42.84 -16.16
C HIS A 174 1.78 41.63 -15.70
N ILE A 175 0.82 41.83 -14.79
CA ILE A 175 0.09 40.71 -14.22
C ILE A 175 -0.63 39.92 -15.29
N LYS A 176 -1.23 40.62 -16.26
CA LYS A 176 -1.94 39.92 -17.33
C LYS A 176 -0.97 39.21 -18.27
N TYR A 177 0.13 39.87 -18.64
CA TYR A 177 1.13 39.22 -19.48
C TYR A 177 1.77 38.03 -18.75
N ALA A 178 2.18 38.22 -17.49
CA ALA A 178 2.81 37.10 -16.77
C ALA A 178 1.83 35.94 -16.58
N THR A 179 0.58 36.26 -16.18
CA THR A 179 -0.42 35.20 -15.96
C THR A 179 -0.71 34.44 -17.24
N ASN A 180 -1.10 35.15 -18.31
CA ASN A 180 -1.25 34.56 -19.63
C ASN A 180 -2.24 33.40 -19.62
N ARG A 181 -3.37 33.60 -18.92
CA ARG A 181 -4.41 32.57 -18.77
C ARG A 181 -3.84 31.26 -18.21
N GLY A 182 -2.73 31.35 -17.46
CA GLY A 182 -2.20 30.20 -16.76
C GLY A 182 -0.90 29.65 -17.31
N ASN A 183 -0.48 30.06 -18.51
CA ASN A 183 0.77 29.61 -19.10
C ASN A 183 1.83 30.67 -18.80
N LEU A 184 2.38 30.60 -17.59
CA LEU A 184 3.09 31.72 -17.00
C LEU A 184 4.40 32.04 -17.73
N ARG A 185 4.77 33.32 -17.70
CA ARG A 185 5.96 33.83 -18.37
C ARG A 185 6.67 34.79 -17.44
N SER A 186 7.97 34.55 -17.24
CA SER A 186 8.80 35.42 -16.40
C SER A 186 8.73 36.85 -16.90
N ALA A 187 8.59 37.78 -15.96
CA ALA A 187 8.54 39.18 -16.35
C ALA A 187 8.93 40.07 -15.18
N ILE A 188 9.55 41.19 -15.51
CA ILE A 188 9.89 42.24 -14.55
C ILE A 188 9.47 43.56 -15.17
N THR A 189 9.00 44.48 -14.34
CA THR A 189 8.63 45.83 -14.77
C THR A 189 9.46 46.81 -13.95
N VAL A 190 10.14 47.72 -14.63
CA VAL A 190 11.18 48.57 -14.03
C VAL A 190 10.65 50.01 -14.02
N PHE A 191 10.28 50.48 -12.83
CA PHE A 191 9.77 51.82 -12.63
C PHE A 191 10.95 52.79 -12.51
N PRO A 192 10.68 54.11 -12.50
CA PRO A 192 11.79 55.08 -12.53
C PRO A 192 12.77 54.86 -11.41
N GLN A 193 14.05 55.03 -11.75
CA GLN A 193 15.13 54.89 -10.78
C GLN A 193 15.03 55.97 -9.71
N ARG A 194 15.94 55.96 -8.75
CA ARG A 194 15.95 56.89 -7.65
C ARG A 194 16.86 58.08 -7.96
N CYS A 195 16.47 59.25 -7.47
CA CYS A 195 17.27 60.47 -7.62
C CYS A 195 17.05 61.33 -6.38
N PRO A 196 18.01 62.20 -6.04
CA PRO A 196 17.85 63.08 -4.88
C PRO A 196 16.81 64.16 -5.16
N GLY A 197 16.36 64.79 -4.06
CA GLY A 197 15.35 65.83 -4.13
C GLY A 197 13.95 65.29 -4.25
N ARG A 198 13.81 64.19 -4.99
CA ARG A 198 12.53 63.55 -5.25
C ARG A 198 12.34 62.36 -4.30
N GLY A 199 11.08 62.06 -4.01
CA GLY A 199 10.74 60.86 -3.28
C GLY A 199 11.07 59.58 -4.03
N ASP A 200 10.26 58.54 -3.84
CA ASP A 200 10.56 57.23 -4.40
C ASP A 200 9.29 56.54 -4.86
N PHE A 201 9.39 55.84 -5.98
CA PHE A 201 8.39 54.84 -6.32
C PHE A 201 8.61 53.61 -5.42
N ARG A 202 7.53 53.16 -4.78
CA ARG A 202 7.56 52.03 -3.87
C ARG A 202 6.21 51.33 -3.91
N ILE A 203 6.25 50.00 -3.88
CA ILE A 203 5.06 49.19 -3.69
C ILE A 203 5.09 48.67 -2.25
N TRP A 204 4.06 49.00 -1.47
CA TRP A 204 4.05 48.65 -0.06
C TRP A 204 3.76 47.17 0.19
N ASN A 205 2.99 46.53 -0.69
CA ASN A 205 2.79 45.09 -0.57
C ASN A 205 4.09 44.36 -0.82
N SER A 206 4.32 43.28 -0.06
CA SER A 206 5.49 42.43 -0.31
C SER A 206 5.36 41.70 -1.65
N GLN A 207 4.14 41.33 -2.03
CA GLN A 207 3.86 40.74 -3.32
C GLN A 207 2.66 41.45 -3.94
N LEU A 208 2.51 41.27 -5.26
CA LEU A 208 1.36 41.88 -5.92
C LEU A 208 0.06 41.19 -5.53
N VAL A 209 0.10 39.88 -5.33
CA VAL A 209 -1.05 39.10 -4.88
C VAL A 209 -0.75 38.59 -3.48
N ARG A 210 -1.56 39.01 -2.51
CA ARG A 210 -1.42 38.61 -1.11
C ARG A 210 -2.80 38.40 -0.51
N TYR A 211 -2.89 37.58 0.53
CA TYR A 211 -4.14 37.31 1.21
C TYR A 211 -4.23 38.09 2.53
N ALA A 212 -5.47 38.42 2.92
CA ALA A 212 -5.66 39.26 4.08
C ALA A 212 -5.30 38.54 5.38
N GLY A 213 -4.92 39.34 6.38
CA GLY A 213 -4.65 38.85 7.73
C GLY A 213 -5.42 39.62 8.78
N TYR A 214 -6.52 39.03 9.26
CA TYR A 214 -7.42 39.69 10.19
C TYR A 214 -7.22 39.12 11.58
N ARG A 215 -6.99 40.00 12.57
CA ARG A 215 -6.93 39.56 13.95
C ARG A 215 -8.33 39.37 14.50
N GLN A 216 -8.43 38.68 15.63
CA GLN A 216 -9.72 38.36 16.24
C GLN A 216 -9.79 38.91 17.67
N GLN A 217 -10.93 38.63 18.34
CA GLN A 217 -11.18 38.97 19.74
C GLN A 217 -10.23 38.21 20.70
N ASP A 218 -9.22 37.60 20.07
CA ASP A 218 -8.21 36.84 20.78
C ASP A 218 -6.85 36.87 20.07
N GLY A 219 -6.57 37.89 19.26
CA GLY A 219 -5.29 37.98 18.56
C GLY A 219 -5.21 37.16 17.30
N SER A 220 -5.43 35.84 17.42
CA SER A 220 -5.26 34.88 16.34
C SER A 220 -5.96 35.30 15.04
N VAL A 221 -5.48 34.79 13.92
CA VAL A 221 -5.74 35.41 12.62
C VAL A 221 -6.66 34.52 11.78
N ARG A 222 -7.62 35.17 11.12
CA ARG A 222 -8.32 34.62 9.98
C ARG A 222 -7.60 35.13 8.74
N GLY A 223 -7.25 34.22 7.84
CA GLY A 223 -6.41 34.58 6.70
C GLY A 223 -4.94 34.30 6.94
N ASP A 224 -4.13 34.99 6.14
CA ASP A 224 -2.68 34.78 6.17
C ASP A 224 -2.06 35.60 7.28
N PRO A 225 -1.43 34.98 8.28
CA PRO A 225 -0.79 35.76 9.36
C PRO A 225 0.43 36.52 8.90
N ALA A 226 1.06 36.13 7.78
CA ALA A 226 2.23 36.87 7.31
C ALA A 226 1.89 38.30 6.91
N ASN A 227 0.66 38.54 6.43
CA ASN A 227 0.25 39.83 5.90
C ASN A 227 -0.67 40.59 6.86
N VAL A 228 -0.63 40.26 8.15
CA VAL A 228 -1.45 40.98 9.12
C VAL A 228 -1.13 42.46 9.10
N GLU A 229 0.16 42.80 8.96
CA GLU A 229 0.56 44.20 9.04
C GLU A 229 0.01 45.00 7.87
N ILE A 230 0.26 44.56 6.65
CA ILE A 230 -0.20 45.33 5.49
C ILE A 230 -1.72 45.41 5.47
N THR A 231 -2.41 44.37 5.94
CA THR A 231 -3.87 44.42 6.06
C THR A 231 -4.30 45.53 7.03
N GLU A 232 -3.53 45.74 8.10
CA GLU A 232 -3.82 46.85 9.00
C GLU A 232 -3.71 48.18 8.27
N LEU A 233 -2.84 48.26 7.26
CA LEU A 233 -2.69 49.51 6.51
C LEU A 233 -3.78 49.66 5.46
N CYS A 234 -4.06 48.58 4.72
CA CYS A 234 -5.11 48.63 3.69
C CYS A 234 -6.43 49.10 4.28
N ILE A 235 -6.80 48.57 5.46
CA ILE A 235 -7.97 49.07 6.16
C ILE A 235 -7.74 50.52 6.57
N GLN A 236 -6.54 50.83 7.06
CA GLN A 236 -6.26 52.17 7.56
C GLN A 236 -6.38 53.23 6.46
N HIS A 237 -6.19 52.84 5.20
CA HIS A 237 -6.22 53.77 4.09
C HIS A 237 -7.52 53.71 3.29
N GLY A 238 -8.51 52.95 3.76
CA GLY A 238 -9.81 52.98 3.10
C GLY A 238 -10.47 51.64 2.85
N TRP A 239 -9.69 50.58 2.69
CA TRP A 239 -10.27 49.29 2.36
C TRP A 239 -11.14 48.80 3.49
N THR A 240 -12.30 48.26 3.14
CA THR A 240 -13.11 47.59 4.14
C THR A 240 -12.84 46.10 4.09
N PRO A 241 -12.53 45.48 5.23
CA PRO A 241 -12.09 44.08 5.20
C PRO A 241 -13.22 43.13 4.84
N GLY A 242 -12.86 42.08 4.11
CA GLY A 242 -13.76 40.96 3.95
C GLY A 242 -13.80 40.14 5.23
N ASN A 243 -14.45 38.98 5.12
CA ASN A 243 -14.56 38.05 6.23
C ASN A 243 -13.78 36.76 6.03
N GLY A 244 -13.25 36.52 4.83
CA GLY A 244 -12.72 35.21 4.50
C GLY A 244 -11.25 35.02 4.87
N ARG A 245 -10.81 33.76 4.68
CA ARG A 245 -9.43 33.34 4.86
C ARG A 245 -8.58 33.53 3.60
N PHE A 246 -9.20 33.92 2.49
CA PHE A 246 -8.57 34.05 1.19
C PHE A 246 -9.09 35.29 0.46
N ASP A 247 -9.06 36.43 1.13
CA ASP A 247 -9.40 37.71 0.51
C ASP A 247 -8.13 38.34 -0.05
N VAL A 248 -8.13 38.63 -1.35
CA VAL A 248 -6.96 39.23 -1.99
C VAL A 248 -6.83 40.67 -1.53
N LEU A 249 -5.64 41.03 -1.04
CA LEU A 249 -5.46 42.38 -0.54
C LEU A 249 -5.46 43.37 -1.69
N PRO A 250 -5.77 44.63 -1.42
CA PRO A 250 -5.59 45.67 -2.42
C PRO A 250 -4.16 46.19 -2.44
N LEU A 251 -3.71 46.58 -3.62
CA LEU A 251 -2.38 47.16 -3.75
C LEU A 251 -2.31 48.50 -3.04
N LEU A 252 -1.12 48.82 -2.52
CA LEU A 252 -0.85 50.12 -1.91
C LEU A 252 0.33 50.73 -2.64
N LEU A 253 0.04 51.60 -3.61
CA LEU A 253 1.02 52.14 -4.54
C LEU A 253 1.36 53.59 -4.20
N GLN A 254 2.62 53.96 -4.43
CA GLN A 254 3.19 55.18 -3.87
C GLN A 254 4.03 55.87 -4.94
N ALA A 255 3.46 56.93 -5.52
CA ALA A 255 4.24 57.82 -6.35
C ALA A 255 5.12 58.69 -5.46
N PRO A 256 6.20 59.26 -5.99
CA PRO A 256 7.10 60.06 -5.16
C PRO A 256 6.37 61.16 -4.38
N ASP A 257 6.77 61.30 -3.11
CA ASP A 257 6.35 62.38 -2.22
C ASP A 257 4.85 62.37 -1.89
N GLU A 258 3.99 62.24 -2.88
CA GLU A 258 2.58 62.03 -2.60
C GLU A 258 2.40 60.70 -1.86
N PRO A 259 1.47 60.61 -0.92
CA PRO A 259 1.39 59.42 -0.04
C PRO A 259 0.86 58.22 -0.81
N PRO A 260 0.67 57.07 -0.15
CA PRO A 260 0.12 55.91 -0.85
C PRO A 260 -1.31 56.13 -1.31
N GLU A 261 -1.77 55.21 -2.16
CA GLU A 261 -3.11 55.23 -2.71
C GLU A 261 -3.57 53.80 -2.92
N LEU A 262 -4.76 53.47 -2.44
CA LEU A 262 -5.29 52.12 -2.57
C LEU A 262 -5.74 51.85 -4.00
N PHE A 263 -5.63 50.58 -4.41
CA PHE A 263 -6.09 50.16 -5.73
C PHE A 263 -6.67 48.75 -5.62
N LEU A 264 -7.95 48.62 -5.93
CA LEU A 264 -8.59 47.31 -5.99
C LEU A 264 -8.03 46.52 -7.15
N LEU A 265 -7.76 45.24 -6.92
CA LEU A 265 -7.34 44.49 -8.09
C LEU A 265 -8.57 43.92 -8.80
N PRO A 266 -8.57 43.90 -10.13
CA PRO A 266 -9.70 43.33 -10.86
C PRO A 266 -9.78 41.83 -10.62
N PRO A 267 -10.97 41.32 -10.27
CA PRO A 267 -11.07 39.89 -9.92
C PRO A 267 -10.59 38.95 -11.01
N GLU A 268 -11.07 39.13 -12.23
CA GLU A 268 -10.66 38.28 -13.35
C GLU A 268 -9.20 38.49 -13.73
N LEU A 269 -8.49 39.43 -13.10
CA LEU A 269 -7.06 39.58 -13.35
C LEU A 269 -6.24 38.69 -12.43
N VAL A 270 -6.77 38.33 -11.27
CA VAL A 270 -6.03 37.56 -10.26
C VAL A 270 -6.42 36.10 -10.43
N LEU A 271 -5.58 35.33 -11.11
CA LEU A 271 -5.92 33.94 -11.38
C LEU A 271 -5.58 33.08 -10.15
N GLU A 272 -6.58 32.34 -9.65
CA GLU A 272 -6.42 31.56 -8.45
C GLU A 272 -6.84 30.12 -8.73
N VAL A 273 -6.31 29.22 -7.91
CA VAL A 273 -6.44 27.79 -8.06
C VAL A 273 -7.11 27.22 -6.81
N PRO A 274 -8.32 26.69 -6.90
CA PRO A 274 -8.88 25.96 -5.77
C PRO A 274 -8.16 24.63 -5.63
N LEU A 275 -7.91 24.22 -4.39
CA LEU A 275 -7.07 23.05 -4.14
C LEU A 275 -7.94 21.83 -3.90
N GLU A 276 -7.64 20.75 -4.63
CA GLU A 276 -8.34 19.50 -4.43
CA GLU A 276 -8.35 19.49 -4.50
C GLU A 276 -7.32 18.37 -4.44
N HIS A 277 -7.73 17.25 -3.91
CA HIS A 277 -6.75 16.17 -3.90
C HIS A 277 -7.21 15.09 -4.88
N PRO A 278 -6.31 14.43 -5.60
CA PRO A 278 -6.76 13.47 -6.63
C PRO A 278 -7.57 12.31 -6.07
N THR A 279 -7.35 11.90 -4.82
CA THR A 279 -8.08 10.75 -4.28
C THR A 279 -8.70 11.00 -2.91
N LEU A 280 -8.24 11.98 -2.13
CA LEU A 280 -8.90 12.35 -0.88
C LEU A 280 -10.00 13.35 -1.22
N GLU A 281 -11.21 12.84 -1.45
CA GLU A 281 -12.32 13.63 -1.94
C GLU A 281 -12.77 14.71 -0.95
N TRP A 282 -12.42 14.61 0.33
CA TRP A 282 -12.78 15.64 1.30
C TRP A 282 -11.86 16.85 1.25
N PHE A 283 -10.66 16.73 0.66
CA PHE A 283 -9.69 17.83 0.67
C PHE A 283 -10.28 19.13 0.10
N ALA A 284 -10.98 19.04 -1.04
CA ALA A 284 -11.55 20.22 -1.66
C ALA A 284 -12.49 20.96 -0.71
N ALA A 285 -13.18 20.22 0.15
CA ALA A 285 -14.15 20.85 1.05
C ALA A 285 -13.46 21.66 2.13
N LEU A 286 -12.17 21.44 2.37
CA LEU A 286 -11.42 22.32 3.27
C LEU A 286 -11.42 23.76 2.79
N GLY A 287 -11.80 24.03 1.54
CA GLY A 287 -11.90 25.40 1.06
C GLY A 287 -10.58 26.09 0.84
N LEU A 288 -9.51 25.35 0.63
CA LEU A 288 -8.21 25.97 0.41
C LEU A 288 -8.06 26.40 -1.04
N ARG A 289 -7.49 27.58 -1.24
CA ARG A 289 -7.07 28.03 -2.55
C ARG A 289 -5.70 28.69 -2.43
N TRP A 290 -5.03 28.83 -3.56
CA TRP A 290 -3.86 29.70 -3.64
C TRP A 290 -3.86 30.36 -5.02
N TYR A 291 -3.13 31.47 -5.14
CA TYR A 291 -3.10 32.18 -6.40
C TYR A 291 -1.98 31.66 -7.29
N ALA A 292 -1.99 32.13 -8.55
CA ALA A 292 -1.16 31.59 -9.62
C ALA A 292 0.18 32.30 -9.76
N LEU A 293 0.24 33.60 -9.50
CA LEU A 293 1.42 34.38 -9.88
C LEU A 293 2.22 34.77 -8.65
N PRO A 294 3.49 34.31 -8.52
CA PRO A 294 4.37 34.83 -7.47
C PRO A 294 5.07 36.08 -7.96
N ALA A 295 4.70 37.24 -7.42
CA ALA A 295 5.18 38.51 -7.92
C ALA A 295 5.71 39.32 -6.75
N VAL A 296 7.04 39.43 -6.66
CA VAL A 296 7.70 40.08 -5.53
C VAL A 296 7.86 41.56 -5.83
N SER A 297 7.34 42.40 -4.92
CA SER A 297 7.15 43.84 -5.15
C SER A 297 7.70 44.69 -4.03
N ASN A 298 8.80 44.27 -3.39
CA ASN A 298 9.40 45.08 -2.35
C ASN A 298 10.93 45.09 -2.42
N MET A 299 11.52 44.42 -3.39
CA MET A 299 12.97 44.37 -3.54
C MET A 299 13.45 45.47 -4.48
N LEU A 300 14.72 45.84 -4.31
CA LEU A 300 15.32 46.97 -4.99
C LEU A 300 16.26 46.44 -6.05
N LEU A 301 15.91 46.64 -7.32
CA LEU A 301 16.80 46.27 -8.41
C LEU A 301 17.96 47.25 -8.47
N GLU A 302 19.18 46.73 -8.57
CA GLU A 302 20.38 47.54 -8.56
C GLU A 302 21.22 47.18 -9.77
N ILE A 303 21.33 48.11 -10.73
CA ILE A 303 22.08 47.91 -11.97
C ILE A 303 23.04 49.08 -12.16
N GLY A 304 24.32 48.75 -12.36
CA GLY A 304 25.30 49.78 -12.71
C GLY A 304 25.33 50.96 -11.78
N GLY A 305 25.15 50.72 -10.49
CA GLY A 305 25.16 51.80 -9.53
C GLY A 305 23.85 52.54 -9.41
N LEU A 306 22.85 52.18 -10.20
CA LEU A 306 21.53 52.78 -10.10
C LEU A 306 20.64 51.86 -9.29
N GLU A 307 19.65 52.45 -8.65
CA GLU A 307 18.81 51.74 -7.70
C GLU A 307 17.35 51.94 -8.08
N PHE A 308 16.68 50.85 -8.40
CA PHE A 308 15.27 50.92 -8.79
C PHE A 308 14.44 50.35 -7.64
N PRO A 309 13.90 51.20 -6.75
CA PRO A 309 13.16 50.69 -5.58
C PRO A 309 11.81 50.06 -5.90
N ALA A 310 11.30 50.22 -7.13
CA ALA A 310 10.09 49.55 -7.59
C ALA A 310 10.42 48.86 -8.90
N ALA A 311 10.63 47.55 -8.85
CA ALA A 311 10.94 46.75 -10.04
C ALA A 311 10.37 45.35 -9.84
N PRO A 312 9.04 45.23 -9.83
CA PRO A 312 8.39 43.95 -9.51
C PRO A 312 8.69 42.88 -10.54
N PHE A 313 9.09 41.71 -10.06
CA PHE A 313 9.40 40.57 -10.92
C PHE A 313 8.48 39.40 -10.57
N SER A 314 8.24 38.55 -11.57
CA SER A 314 7.39 37.39 -11.36
C SER A 314 7.86 36.22 -12.21
N GLY A 315 7.77 35.03 -11.63
CA GLY A 315 7.99 33.82 -12.39
C GLY A 315 6.80 32.91 -12.25
N TRP A 316 7.07 31.66 -11.85
CA TRP A 316 6.02 30.74 -11.46
C TRP A 316 6.47 30.01 -10.20
N TYR A 317 5.52 29.35 -9.56
CA TYR A 317 5.75 28.74 -8.27
C TYR A 317 6.45 27.39 -8.42
N MET A 318 7.32 27.08 -7.46
CA MET A 318 7.66 25.72 -7.10
C MET A 318 6.59 25.23 -6.13
N SER A 319 6.14 24.01 -6.31
CA SER A 319 4.95 23.58 -5.56
C SER A 319 5.19 23.54 -4.05
N THR A 320 6.43 23.33 -3.61
CA THR A 320 6.64 23.27 -2.17
C THR A 320 6.55 24.63 -1.50
N GLU A 321 6.72 25.71 -2.27
CA GLU A 321 6.49 27.03 -1.71
C GLU A 321 5.05 27.18 -1.20
N ILE A 322 4.09 26.57 -1.91
CA ILE A 322 2.69 26.71 -1.55
C ILE A 322 2.35 25.65 -0.50
N GLY A 323 2.60 24.39 -0.85
CA GLY A 323 2.15 23.30 0.00
C GLY A 323 2.89 23.27 1.33
N THR A 324 4.20 23.45 1.29
CA THR A 324 4.94 23.32 2.53
C THR A 324 5.07 24.65 3.26
N ARG A 325 5.52 25.70 2.58
CA ARG A 325 5.77 26.96 3.29
C ARG A 325 4.46 27.68 3.60
N ASN A 326 3.70 28.06 2.58
CA ASN A 326 2.57 28.95 2.82
C ASN A 326 1.46 28.26 3.58
N LEU A 327 1.20 26.99 3.28
CA LEU A 327 0.11 26.28 3.92
C LEU A 327 0.51 25.56 5.20
N CYS A 328 1.77 25.11 5.36
CA CYS A 328 2.14 24.31 6.51
C CYS A 328 3.02 24.99 7.56
N ASP A 329 3.74 26.05 7.21
CA ASP A 329 4.54 26.76 8.20
C ASP A 329 3.68 27.08 9.43
N PRO A 330 4.20 26.86 10.64
CA PRO A 330 3.36 27.09 11.84
C PRO A 330 2.86 28.51 11.97
N HIS A 331 3.60 29.48 11.42
CA HIS A 331 3.19 30.87 11.52
C HIS A 331 2.45 31.34 10.30
N ARG A 332 2.17 30.45 9.34
CA ARG A 332 1.46 30.77 8.14
C ARG A 332 0.02 30.19 8.25
N TYR A 333 -0.47 29.44 7.29
CA TYR A 333 -1.84 28.94 7.43
C TYR A 333 -1.94 27.77 8.39
N ASN A 334 -0.85 27.02 8.62
CA ASN A 334 -0.77 26.06 9.73
C ASN A 334 -1.86 24.97 9.62
N ILE A 335 -2.08 24.46 8.41
CA ILE A 335 -3.18 23.53 8.17
C ILE A 335 -2.83 22.09 8.48
N LEU A 336 -1.56 21.82 8.80
CA LEU A 336 -1.04 20.46 8.78
C LEU A 336 -1.81 19.54 9.72
N GLU A 337 -2.04 19.99 10.96
CA GLU A 337 -2.79 19.15 11.87
C GLU A 337 -4.24 18.96 11.40
N ASP A 338 -4.79 19.97 10.72
CA ASP A 338 -6.16 19.81 10.25
C ASP A 338 -6.24 18.80 9.11
N VAL A 339 -5.20 18.69 8.29
CA VAL A 339 -5.21 17.73 7.19
C VAL A 339 -4.98 16.31 7.73
N ALA A 340 -4.19 16.18 8.79
CA ALA A 340 -3.87 14.87 9.36
C ALA A 340 -5.06 14.26 10.09
N VAL A 341 -5.90 15.09 10.71
CA VAL A 341 -7.11 14.59 11.35
C VAL A 341 -8.06 14.00 10.32
N CYS A 342 -8.20 14.65 9.18
CA CYS A 342 -9.04 14.15 8.10
C CYS A 342 -8.51 12.86 7.50
N MET A 343 -7.19 12.64 7.54
CA MET A 343 -6.60 11.40 7.09
C MET A 343 -6.63 10.32 8.16
N ASP A 344 -7.13 10.64 9.34
CA ASP A 344 -7.12 9.73 10.51
C ASP A 344 -5.71 9.20 10.81
N LEU A 345 -4.71 10.08 10.79
CA LEU A 345 -3.36 9.72 11.20
C LEU A 345 -3.22 9.79 12.71
N ASP A 346 -2.22 9.11 13.24
CA ASP A 346 -2.00 9.10 14.68
C ASP A 346 -1.30 10.39 15.09
N THR A 347 -2.09 11.44 15.34
CA THR A 347 -1.45 12.68 15.78
C THR A 347 -0.95 12.63 17.21
N ARG A 348 -1.10 11.49 17.90
CA ARG A 348 -0.77 11.38 19.32
C ARG A 348 0.72 11.19 19.59
N THR A 349 1.50 10.77 18.58
CA THR A 349 2.93 10.57 18.76
C THR A 349 3.69 11.00 17.52
N THR A 350 4.84 11.64 17.72
CA THR A 350 5.63 12.13 16.59
C THR A 350 6.18 11.00 15.74
N SER A 351 6.27 9.78 16.28
CA SER A 351 6.98 8.72 15.59
C SER A 351 6.12 8.02 14.54
N SER A 352 4.84 8.37 14.46
CA SER A 352 4.00 7.95 13.33
C SER A 352 4.35 8.72 12.06
N LEU A 353 5.17 9.76 12.17
CA LEU A 353 5.47 10.67 11.06
C LEU A 353 4.20 11.24 10.44
N TRP A 354 3.22 11.55 11.29
CA TRP A 354 1.98 12.11 10.79
C TRP A 354 2.22 13.44 10.08
N LYS A 355 3.09 14.31 10.63
CA LYS A 355 3.37 15.59 9.95
C LYS A 355 3.90 15.36 8.55
N ASP A 356 4.87 14.46 8.42
CA ASP A 356 5.46 14.14 7.12
C ASP A 356 4.44 13.60 6.13
N LYS A 357 3.54 12.72 6.59
CA LYS A 357 2.54 12.16 5.68
C LYS A 357 1.56 13.23 5.20
N ALA A 358 1.07 14.05 6.13
CA ALA A 358 0.10 15.06 5.72
C ALA A 358 0.73 16.09 4.81
N ALA A 359 2.00 16.41 5.05
CA ALA A 359 2.68 17.39 4.23
C ALA A 359 2.81 16.90 2.78
N VAL A 360 3.18 15.63 2.58
CA VAL A 360 3.33 15.13 1.21
C VAL A 360 2.01 15.20 0.48
N GLU A 361 0.92 14.82 1.15
CA GLU A 361 -0.38 14.88 0.50
C GLU A 361 -0.78 16.32 0.17
N ILE A 362 -0.54 17.25 1.09
CA ILE A 362 -0.79 18.67 0.78
C ILE A 362 -0.06 19.06 -0.50
N ASN A 363 1.20 18.64 -0.63
CA ASN A 363 1.97 18.96 -1.83
C ASN A 363 1.40 18.26 -3.06
N VAL A 364 1.04 16.99 -2.94
CA VAL A 364 0.41 16.29 -4.07
C VAL A 364 -0.82 17.05 -4.56
N ALA A 365 -1.63 17.57 -3.63
CA ALA A 365 -2.86 18.27 -3.99
C ALA A 365 -2.54 19.57 -4.71
N VAL A 366 -1.46 20.25 -4.29
CA VAL A 366 -1.07 21.48 -4.97
C VAL A 366 -0.69 21.18 -6.42
N LEU A 367 0.23 20.23 -6.61
CA LEU A 367 0.60 19.80 -7.95
C LEU A 367 -0.63 19.41 -8.77
N HIS A 368 -1.51 18.59 -8.19
CA HIS A 368 -2.67 18.12 -8.92
C HIS A 368 -3.58 19.29 -9.33
N SER A 369 -3.86 20.19 -8.38
CA SER A 369 -4.80 21.28 -8.62
C SER A 369 -4.27 22.26 -9.68
N TYR A 370 -3.00 22.63 -9.59
CA TYR A 370 -2.44 23.55 -10.59
C TYR A 370 -2.43 22.90 -11.97
N GLN A 371 -2.14 21.60 -12.05
CA GLN A 371 -2.13 20.93 -13.34
C GLN A 371 -3.54 20.86 -13.93
N LEU A 372 -4.52 20.54 -13.09
CA LEU A 372 -5.89 20.44 -13.59
C LEU A 372 -6.39 21.80 -14.03
N ALA A 373 -5.91 22.87 -13.39
CA ALA A 373 -6.24 24.24 -13.80
C ALA A 373 -5.36 24.76 -14.93
N LYS A 374 -4.49 23.92 -15.50
CA LYS A 374 -3.57 24.34 -16.56
C LYS A 374 -2.80 25.60 -16.15
N VAL A 375 -2.24 25.59 -14.96
CA VAL A 375 -1.42 26.69 -14.48
C VAL A 375 -0.01 26.17 -14.24
N THR A 376 0.98 26.91 -14.76
CA THR A 376 2.36 26.49 -14.68
C THR A 376 2.78 26.32 -13.22
N ILE A 377 3.32 25.14 -12.91
CA ILE A 377 3.94 24.88 -11.63
C ILE A 377 5.02 23.82 -11.84
N VAL A 378 6.00 23.77 -10.94
CA VAL A 378 7.07 22.78 -11.05
C VAL A 378 7.34 22.18 -9.67
N ASP A 379 7.47 20.86 -9.62
CA ASP A 379 7.75 20.17 -8.38
C ASP A 379 9.21 20.39 -7.96
N HIS A 380 9.50 20.09 -6.70
CA HIS A 380 10.86 20.32 -6.22
C HIS A 380 11.86 19.35 -6.82
N HIS A 381 11.44 18.18 -7.31
CA HIS A 381 12.42 17.30 -7.93
C HIS A 381 12.80 17.80 -9.32
N ALA A 382 11.80 18.22 -10.12
CA ALA A 382 12.12 18.78 -11.43
C ALA A 382 12.93 20.05 -11.29
N ALA A 383 12.56 20.92 -10.34
CA ALA A 383 13.25 22.21 -10.19
C ALA A 383 14.72 22.02 -9.85
N THR A 384 15.03 21.26 -8.79
CA THR A 384 16.41 21.06 -8.38
C THR A 384 17.23 20.38 -9.46
N ALA A 385 16.62 19.45 -10.21
CA ALA A 385 17.36 18.81 -11.30
C ALA A 385 17.74 19.82 -12.37
N SER A 386 16.86 20.78 -12.64
CA SER A 386 17.21 21.84 -13.61
CA SER A 386 17.22 21.83 -13.61
C SER A 386 18.28 22.76 -13.06
N PHE A 387 18.35 22.91 -11.72
CA PHE A 387 19.39 23.77 -11.15
C PHE A 387 20.76 23.14 -11.31
N MET A 388 20.85 21.83 -11.08
CA MET A 388 22.11 21.12 -11.37
C MET A 388 22.54 21.38 -12.80
N LYS A 389 21.60 21.30 -13.73
CA LYS A 389 21.89 21.63 -15.11
C LYS A 389 22.36 23.07 -15.23
N HIS A 390 21.74 23.97 -14.46
CA HIS A 390 22.18 25.36 -14.49
C HIS A 390 23.61 25.50 -13.99
N LEU A 391 23.95 24.80 -12.89
CA LEU A 391 25.30 24.87 -12.33
C LEU A 391 26.34 24.42 -13.34
N GLU A 392 26.04 23.38 -14.11
CA GLU A 392 27.00 22.92 -15.12
C GLU A 392 27.13 23.92 -16.25
N ASN A 393 26.01 24.53 -16.68
CA ASN A 393 26.07 25.60 -17.68
C ASN A 393 26.89 26.78 -17.18
N GLU A 394 26.65 27.22 -15.95
CA GLU A 394 27.32 28.40 -15.42
C GLU A 394 28.80 28.13 -15.20
N GLN A 395 29.17 26.87 -14.92
CA GLN A 395 30.56 26.49 -14.76
C GLN A 395 31.36 26.77 -16.04
N LYS A 396 30.88 26.28 -17.18
CA LYS A 396 31.63 26.52 -18.41
C LYS A 396 31.51 27.95 -18.91
N ALA A 397 30.44 28.66 -18.54
CA ALA A 397 30.25 30.00 -19.09
C ALA A 397 31.02 31.05 -18.28
N ARG A 398 30.97 30.95 -16.95
CA ARG A 398 31.52 31.97 -16.06
C ARG A 398 32.41 31.38 -14.97
N GLY A 399 32.67 30.09 -14.99
CA GLY A 399 33.55 29.48 -14.02
C GLY A 399 32.99 29.40 -12.62
N GLY A 400 31.67 29.21 -12.48
CA GLY A 400 31.06 29.10 -11.18
C GLY A 400 29.69 29.75 -11.10
N CYS A 401 29.06 29.66 -9.95
CA CYS A 401 27.70 30.15 -9.81
C CYS A 401 27.42 30.38 -8.33
N PRO A 402 27.03 31.59 -7.93
CA PRO A 402 26.70 31.83 -6.53
C PRO A 402 25.38 31.17 -6.15
N ALA A 403 25.43 30.38 -5.08
CA ALA A 403 24.29 29.60 -4.67
C ALA A 403 24.28 29.55 -3.16
N ASP A 404 23.08 29.72 -2.59
CA ASP A 404 22.88 29.66 -1.15
C ASP A 404 22.24 28.30 -0.85
N TRP A 405 23.08 27.37 -0.37
CA TRP A 405 22.65 26.00 -0.11
C TRP A 405 21.34 25.95 0.67
N ALA A 406 21.22 26.76 1.72
CA ALA A 406 20.08 26.64 2.62
C ALA A 406 18.76 27.00 1.95
N TRP A 407 18.80 27.76 0.86
CA TRP A 407 17.59 28.11 0.13
C TRP A 407 17.40 27.33 -1.16
N ILE A 408 18.48 26.78 -1.72
CA ILE A 408 18.33 25.97 -2.93
C ILE A 408 17.72 24.61 -2.60
N VAL A 409 18.15 24.01 -1.49
CA VAL A 409 17.62 22.70 -1.08
C VAL A 409 16.15 22.87 -0.66
N PRO A 410 15.23 22.06 -1.18
CA PRO A 410 13.80 22.25 -0.86
C PRO A 410 13.51 22.00 0.61
N PRO A 411 12.40 22.52 1.14
CA PRO A 411 12.07 22.32 2.56
C PRO A 411 11.33 21.03 2.90
N ILE A 412 11.03 20.18 1.92
CA ILE A 412 10.69 18.78 2.17
C ILE A 412 11.59 17.93 1.29
N SER A 413 11.98 16.77 1.81
CA SER A 413 12.66 15.73 1.02
C SER A 413 14.01 16.20 0.46
N GLY A 414 14.67 17.09 1.17
CA GLY A 414 15.96 17.64 0.74
C GLY A 414 16.98 16.66 0.20
N SER A 415 17.38 15.67 1.00
CA SER A 415 18.44 14.77 0.54
C SER A 415 18.01 13.86 -0.60
N LEU A 416 16.73 13.86 -0.95
CA LEU A 416 16.24 13.11 -2.09
C LEU A 416 16.40 13.84 -3.42
N THR A 417 16.84 15.16 -3.39
CA THR A 417 17.10 16.01 -4.55
C THR A 417 18.60 16.13 -4.77
N PRO A 418 19.06 16.27 -6.01
CA PRO A 418 20.52 16.26 -6.28
C PRO A 418 21.26 17.48 -5.77
N VAL A 419 20.57 18.53 -5.33
CA VAL A 419 21.29 19.69 -4.84
C VAL A 419 21.83 19.48 -3.43
N PHE A 420 21.23 18.55 -2.67
CA PHE A 420 21.60 18.32 -1.28
C PHE A 420 23.07 17.95 -1.15
N HIS A 421 23.54 17.05 -2.00
CA HIS A 421 24.89 16.51 -1.88
C HIS A 421 25.90 17.34 -2.66
N GLN A 422 25.47 18.50 -3.18
CA GLN A 422 26.31 19.42 -3.93
C GLN A 422 26.77 20.54 -3.02
N GLU A 423 28.08 20.62 -2.79
CA GLU A 423 28.63 21.79 -2.11
C GLU A 423 28.44 23.02 -2.99
N MET A 424 28.33 24.19 -2.34
CA MET A 424 28.02 25.45 -2.99
C MET A 424 28.78 26.59 -2.33
N VAL A 425 29.13 27.58 -3.14
CA VAL A 425 29.78 28.80 -2.69
C VAL A 425 28.79 29.94 -2.82
N ASN A 426 28.70 30.76 -1.77
CA ASN A 426 27.76 31.87 -1.72
C ASN A 426 28.52 33.19 -1.67
N TYR A 427 28.22 34.08 -2.62
CA TYR A 427 28.86 35.39 -2.70
C TYR A 427 27.94 36.33 -3.46
N PHE A 428 28.34 37.61 -3.52
CA PHE A 428 27.53 38.68 -4.07
C PHE A 428 28.17 39.19 -5.36
N LEU A 429 27.52 38.95 -6.49
CA LEU A 429 27.87 39.57 -7.76
C LEU A 429 26.90 40.71 -8.08
N SER A 430 27.25 41.48 -9.13
CA SER A 430 26.40 42.58 -9.56
C SER A 430 26.23 42.54 -11.07
N PRO A 431 25.07 42.94 -11.60
CA PRO A 431 23.85 43.48 -10.96
C PRO A 431 23.17 42.52 -10.00
N ALA A 432 22.27 43.02 -9.16
CA ALA A 432 21.66 42.17 -8.14
C ALA A 432 20.34 42.75 -7.67
N PHE A 433 19.53 41.87 -7.06
CA PHE A 433 18.36 42.25 -6.29
C PHE A 433 18.74 42.30 -4.80
N ARG A 434 18.39 43.40 -4.12
CA ARG A 434 18.66 43.57 -2.70
C ARG A 434 17.36 43.81 -1.95
N TYR A 435 17.37 43.50 -0.65
CA TYR A 435 16.29 43.91 0.23
C TYR A 435 16.42 45.39 0.57
N GLN A 436 15.33 45.96 1.07
CA GLN A 436 15.32 47.39 1.35
C GLN A 436 14.35 47.65 2.51
N PRO A 437 14.59 48.71 3.28
CA PRO A 437 13.66 49.05 4.36
C PRO A 437 12.23 49.23 3.89
N ASP A 438 11.27 49.03 4.80
CA ASP A 438 9.88 49.35 4.50
C ASP A 438 9.72 50.85 4.33
N PRO A 439 8.84 51.29 3.43
CA PRO A 439 8.67 52.73 3.20
C PRO A 439 7.91 53.43 4.33
N TRP A 440 8.22 53.08 5.57
CA TRP A 440 7.67 53.77 6.75
C TRP A 440 8.41 53.32 8.02
N PHE B 28 28.26 41.60 18.22
CA PHE B 28 27.65 40.29 18.44
C PHE B 28 26.55 40.04 17.42
N PRO B 29 26.51 38.83 16.86
CA PRO B 29 25.52 38.52 15.82
C PRO B 29 24.13 38.35 16.42
N ARG B 30 23.15 39.00 15.81
CA ARG B 30 21.75 38.91 16.23
C ARG B 30 21.08 37.74 15.51
N VAL B 31 20.49 36.83 16.29
CA VAL B 31 19.97 35.55 15.80
C VAL B 31 18.48 35.49 16.07
N LYS B 32 17.68 35.24 15.03
CA LYS B 32 16.24 35.28 15.13
C LYS B 32 15.64 33.91 14.88
N ASN B 33 14.59 33.58 15.63
CA ASN B 33 13.75 32.43 15.32
C ASN B 33 12.51 32.95 14.61
N TRP B 34 12.39 32.60 13.33
CA TRP B 34 11.31 33.19 12.55
C TRP B 34 9.96 32.58 12.88
N GLU B 35 9.95 31.32 13.31
CA GLU B 35 8.70 30.69 13.73
C GLU B 35 8.03 31.47 14.85
N VAL B 36 8.81 31.91 15.85
CA VAL B 36 8.27 32.53 17.05
C VAL B 36 8.52 34.03 17.14
N GLY B 37 9.56 34.55 16.49
CA GLY B 37 9.91 35.95 16.65
C GLY B 37 10.90 36.23 17.76
N SER B 38 11.42 35.21 18.42
CA SER B 38 12.44 35.42 19.44
C SER B 38 13.71 35.98 18.81
N ILE B 39 14.49 36.68 19.64
CA ILE B 39 15.73 37.31 19.20
C ILE B 39 16.75 37.15 20.33
N THR B 40 17.88 36.50 20.03
CA THR B 40 19.01 36.43 20.93
C THR B 40 20.24 37.03 20.24
N TYR B 41 21.28 37.25 21.03
CA TYR B 41 22.57 37.73 20.56
C TYR B 41 23.63 36.75 21.05
N ASP B 42 24.32 36.12 20.10
CA ASP B 42 25.24 35.04 20.39
C ASP B 42 26.59 35.65 20.76
N THR B 43 26.79 35.90 22.06
CA THR B 43 28.03 36.50 22.53
C THR B 43 29.16 35.47 22.67
N LEU B 44 28.84 34.19 22.72
CA LEU B 44 29.86 33.16 22.83
C LEU B 44 30.72 33.07 21.56
N SER B 45 30.17 33.45 20.41
CA SER B 45 30.91 33.34 19.16
C SER B 45 32.19 34.16 19.15
N ALA B 46 32.30 35.16 20.04
CA ALA B 46 33.50 35.98 20.08
C ALA B 46 34.71 35.24 20.64
N GLN B 47 34.50 34.21 21.45
CA GLN B 47 35.60 33.43 21.99
C GLN B 47 36.07 32.32 21.05
N ALA B 48 35.66 32.34 19.79
CA ALA B 48 35.92 31.23 18.88
C ALA B 48 37.42 30.98 18.73
N GLN B 49 37.88 29.85 19.28
CA GLN B 49 39.29 29.51 19.49
C GLN B 49 40.02 29.12 18.20
N GLN B 50 39.36 29.10 17.06
CA GLN B 50 40.02 28.87 15.78
C GLN B 50 39.23 29.60 14.70
N ASP B 51 39.65 29.43 13.45
CA ASP B 51 39.02 30.08 12.32
C ASP B 51 38.57 29.04 11.31
N GLY B 52 37.41 29.31 10.68
CA GLY B 52 36.82 28.42 9.70
C GLY B 52 36.99 28.89 8.27
N PRO B 53 36.16 28.36 7.36
CA PRO B 53 36.40 28.56 5.93
C PRO B 53 35.83 29.82 5.30
N CYS B 54 34.98 30.57 5.99
CA CYS B 54 34.24 31.66 5.38
C CYS B 54 34.99 32.98 5.49
N THR B 55 34.71 33.89 4.57
CA THR B 55 35.20 35.26 4.62
C THR B 55 34.06 36.21 4.26
N PRO B 56 34.22 37.53 4.43
CA PRO B 56 33.20 38.45 3.91
C PRO B 56 32.98 38.34 2.43
N ARG B 57 33.94 37.77 1.70
CA ARG B 57 33.83 37.63 0.26
C ARG B 57 32.94 36.47 -0.13
N ARG B 58 33.00 35.37 0.61
CA ARG B 58 32.33 34.15 0.18
C ARG B 58 32.10 33.25 1.37
N CYS B 59 30.89 32.70 1.43
CA CYS B 59 30.52 31.71 2.42
C CYS B 59 30.76 30.31 1.85
N LEU B 60 31.40 29.47 2.66
CA LEU B 60 31.67 28.07 2.33
C LEU B 60 31.07 27.14 3.38
N GLY B 61 30.00 27.61 4.04
CA GLY B 61 29.35 26.84 5.08
C GLY B 61 28.92 25.43 4.66
N SER B 62 28.65 25.21 3.38
CA SER B 62 28.19 23.91 2.91
C SER B 62 29.30 22.92 2.61
N LEU B 63 30.57 23.31 2.71
CA LEU B 63 31.64 22.33 2.51
C LEU B 63 31.63 21.30 3.65
N VAL B 64 31.79 20.02 3.31
CA VAL B 64 31.78 18.99 4.34
C VAL B 64 33.04 19.05 5.18
N PHE B 65 34.19 19.18 4.52
CA PHE B 65 35.46 19.33 5.23
C PHE B 65 36.02 20.72 4.99
N PRO B 66 35.88 21.65 5.94
CA PRO B 66 36.36 23.03 5.81
C PRO B 66 37.88 23.11 5.90
N ALA B 79 56.06 23.27 19.05
CA ALA B 79 55.08 24.32 19.30
C ALA B 79 54.75 24.45 20.79
N PRO B 80 55.71 24.96 21.60
CA PRO B 80 55.51 24.96 23.06
C PRO B 80 54.58 26.05 23.57
N GLU B 81 54.72 27.28 23.08
CA GLU B 81 53.97 28.39 23.67
C GLU B 81 52.48 28.30 23.39
N GLN B 82 52.10 27.69 22.27
CA GLN B 82 50.70 27.61 21.87
C GLN B 82 50.03 26.39 22.50
N LEU B 83 50.75 25.28 22.60
CA LEU B 83 50.32 24.22 23.51
C LEU B 83 50.04 24.80 24.88
N LEU B 84 50.92 25.69 25.37
CA LEU B 84 50.72 26.32 26.66
C LEU B 84 49.45 27.16 26.69
N SER B 85 49.17 27.91 25.62
CA SER B 85 48.03 28.82 25.66
C SER B 85 46.71 28.07 25.49
N GLN B 86 46.71 26.99 24.71
CA GLN B 86 45.54 26.11 24.67
C GLN B 86 45.33 25.45 26.02
N ALA B 87 46.40 24.91 26.60
CA ALA B 87 46.27 24.31 27.92
C ALA B 87 45.79 25.34 28.93
N ARG B 88 46.34 26.55 28.86
CA ARG B 88 45.96 27.58 29.81
C ARG B 88 44.45 27.81 29.76
N ASP B 89 43.88 27.88 28.55
CA ASP B 89 42.47 28.20 28.39
C ASP B 89 41.57 27.05 28.82
N PHE B 90 41.99 25.80 28.59
CA PHE B 90 41.19 24.68 29.04
C PHE B 90 41.16 24.58 30.57
N ILE B 91 42.32 24.71 31.22
CA ILE B 91 42.38 24.69 32.69
C ILE B 91 41.48 25.78 33.25
N ASN B 92 41.50 26.96 32.63
CA ASN B 92 40.55 28.02 32.96
C ASN B 92 39.11 27.54 32.83
N GLN B 93 38.79 26.85 31.75
CA GLN B 93 37.43 26.36 31.58
C GLN B 93 37.07 25.39 32.69
N TYR B 94 37.98 24.45 32.99
CA TYR B 94 37.66 23.41 33.96
C TYR B 94 37.40 24.03 35.33
N TYR B 95 38.31 24.89 35.77
CA TYR B 95 38.12 25.55 37.06
C TYR B 95 36.94 26.52 37.05
N SER B 96 36.46 26.92 35.87
CA SER B 96 35.21 27.69 35.82
C SER B 96 34.00 26.81 36.10
N SER B 97 33.97 25.61 35.50
CA SER B 97 32.83 24.72 35.65
C SER B 97 32.72 24.11 37.05
N ILE B 98 33.78 24.14 37.86
CA ILE B 98 33.69 23.69 39.25
C ILE B 98 33.74 24.87 40.21
N LYS B 99 33.45 26.08 39.71
CA LYS B 99 33.36 27.29 40.53
C LYS B 99 34.57 27.45 41.47
N ARG B 100 35.77 27.28 40.92
CA ARG B 100 37.02 27.54 41.63
C ARG B 100 37.96 28.39 40.80
N SER B 101 37.40 29.25 39.93
CA SER B 101 38.23 30.09 39.09
CA SER B 101 38.23 30.11 39.09
C SER B 101 39.09 31.03 39.94
N GLY B 102 40.37 31.11 39.59
CA GLY B 102 41.31 31.99 40.29
C GLY B 102 41.56 31.61 41.73
N SER B 103 41.54 30.32 42.07
CA SER B 103 41.80 29.90 43.43
C SER B 103 43.23 29.39 43.55
N GLN B 104 43.59 28.98 44.78
CA GLN B 104 44.87 28.32 45.02
C GLN B 104 45.02 27.10 44.10
N ALA B 105 43.99 26.25 44.04
CA ALA B 105 44.10 25.03 43.26
C ALA B 105 44.11 25.32 41.76
N HIS B 106 43.52 26.45 41.35
CA HIS B 106 43.52 26.83 39.94
C HIS B 106 44.91 27.32 39.52
N GLU B 107 45.48 28.25 40.29
CA GLU B 107 46.82 28.73 39.99
C GLU B 107 47.85 27.61 40.11
N GLN B 108 47.72 26.78 41.16
CA GLN B 108 48.60 25.63 41.29
C GLN B 108 48.61 24.79 40.02
N ARG B 109 47.44 24.59 39.40
CA ARG B 109 47.36 23.73 38.23
C ARG B 109 48.00 24.37 37.01
N LEU B 110 47.85 25.69 36.84
CA LEU B 110 48.59 26.37 35.78
C LEU B 110 50.10 26.22 35.97
N GLN B 111 50.58 26.39 37.20
CA GLN B 111 52.01 26.21 37.45
C GLN B 111 52.45 24.80 37.13
N GLU B 112 51.69 23.81 37.56
CA GLU B 112 52.01 22.41 37.25
C GLU B 112 52.15 22.17 35.75
N VAL B 113 51.20 22.69 34.95
CA VAL B 113 51.19 22.36 33.53
C VAL B 113 52.38 22.99 32.82
N GLU B 114 52.61 24.28 33.06
CA GLU B 114 53.75 24.95 32.44
C GLU B 114 55.05 24.23 32.76
N ALA B 115 55.24 23.83 34.01
CA ALA B 115 56.47 23.16 34.39
C ALA B 115 56.61 21.82 33.70
N GLU B 116 55.49 21.15 33.40
CA GLU B 116 55.57 19.84 32.79
C GLU B 116 55.84 19.95 31.30
N VAL B 117 55.25 20.95 30.64
CA VAL B 117 55.58 21.21 29.24
C VAL B 117 57.05 21.60 29.13
N ALA B 118 57.60 22.28 30.13
CA ALA B 118 59.00 22.64 30.11
C ALA B 118 59.89 21.39 30.24
N ALA B 119 59.58 20.52 31.20
CA ALA B 119 60.40 19.33 31.41
C ALA B 119 60.23 18.31 30.30
N THR B 120 59.02 18.15 29.76
CA THR B 120 58.73 17.01 28.89
C THR B 120 58.20 17.38 27.50
N GLY B 121 57.82 18.63 27.26
CA GLY B 121 57.20 18.99 25.99
C GLY B 121 55.71 18.77 25.93
N THR B 122 55.10 18.16 26.95
CA THR B 122 53.67 17.90 26.93
C THR B 122 53.18 17.93 28.38
N TYR B 123 51.99 17.41 28.61
CA TYR B 123 51.49 17.29 29.97
C TYR B 123 50.36 16.26 29.97
N GLN B 124 49.96 15.86 31.17
CA GLN B 124 48.93 14.85 31.36
C GLN B 124 47.70 15.47 32.00
N LEU B 125 46.53 15.04 31.54
CA LEU B 125 45.27 15.44 32.14
C LEU B 125 44.96 14.61 33.38
N ARG B 126 44.44 15.26 34.42
CA ARG B 126 43.77 14.54 35.50
C ARG B 126 42.48 13.89 34.97
N GLU B 127 42.02 12.86 35.68
CA GLU B 127 40.83 12.14 35.26
C GLU B 127 39.61 13.06 35.17
N SER B 128 39.42 13.91 36.19
CA SER B 128 38.29 14.84 36.17
CA SER B 128 38.30 14.85 36.18
C SER B 128 38.40 15.81 34.99
N GLU B 129 39.59 16.27 34.69
CA GLU B 129 39.76 17.14 33.54
C GLU B 129 39.44 16.39 32.24
N LEU B 130 39.75 15.09 32.19
CA LEU B 130 39.46 14.35 30.96
C LEU B 130 37.96 14.17 30.77
N VAL B 131 37.25 13.81 31.84
CA VAL B 131 35.80 13.66 31.76
C VAL B 131 35.16 14.99 31.35
N PHE B 132 35.64 16.10 31.93
CA PHE B 132 35.09 17.40 31.60
C PHE B 132 35.38 17.76 30.15
N GLY B 133 36.60 17.47 29.69
CA GLY B 133 36.97 17.77 28.32
C GLY B 133 36.27 16.93 27.28
N ALA B 134 35.91 15.69 27.60
CA ALA B 134 35.19 14.89 26.63
C ALA B 134 33.75 15.35 26.50
N LYS B 135 33.13 15.71 27.63
CA LYS B 135 31.78 16.28 27.59
C LYS B 135 31.75 17.61 26.83
N GLN B 136 32.76 18.47 27.02
CA GLN B 136 32.77 19.77 26.32
C GLN B 136 32.92 19.58 24.82
N ALA B 137 33.72 18.60 24.41
CA ALA B 137 33.88 18.36 22.97
C ALA B 137 32.53 18.02 22.34
N TRP B 138 31.74 17.17 23.01
CA TRP B 138 30.41 16.89 22.49
C TRP B 138 29.55 18.14 22.52
N ARG B 139 29.50 18.80 23.67
CA ARG B 139 28.76 20.05 23.81
C ARG B 139 29.09 21.06 22.71
N ASN B 140 30.33 21.07 22.22
CA ASN B 140 30.81 22.04 21.25
C ASN B 140 30.65 21.59 19.80
N ALA B 141 30.22 20.36 19.55
CA ALA B 141 30.17 19.82 18.19
C ALA B 141 29.01 20.47 17.40
N PRO B 142 29.29 21.31 16.40
CA PRO B 142 28.22 22.18 15.84
C PRO B 142 27.22 21.44 14.99
N ARG B 143 27.58 20.27 14.46
CA ARG B 143 26.72 19.50 13.57
C ARG B 143 25.91 18.44 14.28
N CYS B 144 25.95 18.38 15.62
CA CYS B 144 25.29 17.32 16.38
C CYS B 144 23.95 17.82 16.91
N VAL B 145 22.86 17.19 16.49
CA VAL B 145 21.53 17.55 16.96
C VAL B 145 21.17 16.91 18.29
N GLY B 146 21.93 15.92 18.77
CA GLY B 146 21.62 15.26 20.02
C GLY B 146 22.33 15.80 21.25
N ARG B 147 22.80 17.05 21.22
CA ARG B 147 23.61 17.56 22.30
C ARG B 147 22.82 17.84 23.58
N ILE B 148 21.48 17.73 23.59
CA ILE B 148 20.77 17.95 24.85
C ILE B 148 21.25 16.97 25.92
N GLN B 149 21.82 15.84 25.49
CA GLN B 149 22.37 14.79 26.34
C GLN B 149 23.82 15.05 26.78
N TRP B 150 24.43 16.19 26.40
CA TRP B 150 25.90 16.27 26.45
C TRP B 150 26.46 15.99 27.85
N GLY B 151 25.69 16.27 28.90
CA GLY B 151 26.18 16.06 30.25
C GLY B 151 26.11 14.64 30.76
N LYS B 152 25.30 13.77 30.13
CA LYS B 152 25.19 12.36 30.52
C LYS B 152 26.04 11.55 29.54
N LEU B 153 27.36 11.60 29.73
CA LEU B 153 28.28 10.88 28.87
C LEU B 153 29.20 10.03 29.74
N GLN B 154 29.28 8.74 29.44
CA GLN B 154 30.15 7.82 30.16
C GLN B 154 31.53 7.87 29.53
N VAL B 155 32.52 8.26 30.31
CA VAL B 155 33.89 8.42 29.81
C VAL B 155 34.71 7.25 30.35
N PHE B 156 35.19 6.41 29.45
CA PHE B 156 36.13 5.34 29.81
C PHE B 156 37.55 5.82 29.54
N ASP B 157 38.38 5.79 30.58
CA ASP B 157 39.78 6.16 30.48
C ASP B 157 40.57 4.91 30.13
N ALA B 158 41.07 4.83 28.91
CA ALA B 158 41.93 3.76 28.43
C ALA B 158 43.32 4.30 28.09
N ARG B 159 43.72 5.38 28.75
CA ARG B 159 45.04 5.95 28.48
C ARG B 159 46.18 5.09 28.98
N ASP B 160 45.91 4.03 29.72
CA ASP B 160 46.94 3.07 30.10
C ASP B 160 47.02 1.91 29.12
N CYS B 161 46.38 2.05 27.95
CA CYS B 161 46.32 0.95 26.99
C CYS B 161 47.71 0.67 26.43
N ARG B 162 47.97 -0.61 26.21
CA ARG B 162 49.31 -1.10 25.91
C ARG B 162 49.49 -1.55 24.47
N SER B 163 48.55 -2.32 23.94
CA SER B 163 48.74 -2.99 22.67
C SER B 163 47.43 -2.92 21.90
N ALA B 164 47.49 -3.43 20.66
CA ALA B 164 46.26 -3.57 19.88
C ALA B 164 45.31 -4.54 20.55
N GLN B 165 45.85 -5.62 21.14
CA GLN B 165 44.99 -6.63 21.76
C GLN B 165 44.20 -6.04 22.93
N GLU B 166 44.87 -5.28 23.80
CA GLU B 166 44.15 -4.58 24.87
C GLU B 166 43.15 -3.59 24.30
N MET B 167 43.57 -2.86 23.25
CA MET B 167 42.67 -1.93 22.57
C MET B 167 41.35 -2.63 22.21
N PHE B 168 41.44 -3.83 21.67
CA PHE B 168 40.24 -4.58 21.29
C PHE B 168 39.35 -4.86 22.49
N THR B 169 39.97 -5.21 23.64
CA THR B 169 39.17 -5.49 24.84
C THR B 169 38.44 -4.26 25.34
N TYR B 170 39.11 -3.12 25.38
CA TYR B 170 38.46 -1.88 25.73
C TYR B 170 37.29 -1.59 24.78
N ILE B 171 37.46 -1.88 23.49
CA ILE B 171 36.44 -1.55 22.51
C ILE B 171 35.21 -2.43 22.74
N CYS B 172 35.42 -3.74 22.89
CA CYS B 172 34.33 -4.67 23.13
C CYS B 172 33.53 -4.31 24.37
N ASN B 173 34.23 -3.91 25.44
CA ASN B 173 33.52 -3.46 26.62
CA ASN B 173 33.56 -3.43 26.65
C ASN B 173 32.79 -2.14 26.37
N HIS B 174 33.37 -1.24 25.58
CA HIS B 174 32.62 -0.06 25.18
C HIS B 174 31.33 -0.46 24.46
N ILE B 175 31.44 -1.32 23.44
CA ILE B 175 30.26 -1.73 22.69
C ILE B 175 29.23 -2.36 23.62
N LYS B 176 29.69 -3.18 24.58
CA LYS B 176 28.76 -3.87 25.47
C LYS B 176 28.06 -2.89 26.41
N TYR B 177 28.80 -1.94 26.97
CA TYR B 177 28.19 -0.97 27.87
C TYR B 177 27.19 -0.07 27.13
N ALA B 178 27.57 0.39 25.94
CA ALA B 178 26.72 1.34 25.22
C ALA B 178 25.49 0.68 24.63
N THR B 179 25.61 -0.57 24.17
CA THR B 179 24.47 -1.26 23.61
C THR B 179 23.45 -1.58 24.70
N ASN B 180 23.93 -2.14 25.81
CA ASN B 180 23.12 -2.36 27.00
C ASN B 180 21.81 -3.08 26.66
N ARG B 181 21.94 -4.07 25.76
CA ARG B 181 20.83 -4.94 25.34
C ARG B 181 19.69 -4.15 24.68
N GLY B 182 20.00 -3.03 24.05
CA GLY B 182 19.00 -2.24 23.35
C GLY B 182 18.64 -0.94 24.04
N ASN B 183 18.85 -0.82 25.35
CA ASN B 183 18.65 0.45 26.03
C ASN B 183 19.96 1.25 25.99
N LEU B 184 20.18 1.94 24.88
CA LEU B 184 21.49 2.48 24.58
C LEU B 184 21.90 3.60 25.54
N ARG B 185 23.21 3.71 25.77
CA ARG B 185 23.82 4.75 26.59
C ARG B 185 24.94 5.44 25.82
N SER B 186 25.13 6.74 26.08
CA SER B 186 26.20 7.52 25.44
C SER B 186 27.57 7.20 26.03
N ALA B 187 28.55 6.90 25.18
CA ALA B 187 29.86 6.58 25.76
C ALA B 187 30.99 7.03 24.87
N ILE B 188 32.15 7.24 25.51
CA ILE B 188 33.40 7.50 24.79
C ILE B 188 34.53 6.77 25.53
N THR B 189 35.36 6.06 24.77
CA THR B 189 36.58 5.45 25.30
C THR B 189 37.77 6.23 24.75
N VAL B 190 38.64 6.71 25.65
CA VAL B 190 39.77 7.55 25.29
C VAL B 190 41.06 6.74 25.42
N PHE B 191 41.77 6.58 24.30
CA PHE B 191 43.04 5.88 24.25
C PHE B 191 44.19 6.87 24.43
N PRO B 192 45.44 6.39 24.59
CA PRO B 192 46.54 7.30 24.93
C PRO B 192 46.71 8.43 23.93
N GLN B 193 47.08 9.60 24.46
CA GLN B 193 47.27 10.79 23.66
C GLN B 193 48.51 10.70 22.77
N ARG B 194 48.44 11.36 21.62
CA ARG B 194 49.62 11.66 20.83
C ARG B 194 50.67 12.29 21.74
N CYS B 195 51.91 11.86 21.57
CA CYS B 195 53.01 12.34 22.40
C CYS B 195 54.31 12.13 21.64
N PRO B 196 55.36 12.87 21.98
CA PRO B 196 56.57 12.85 21.15
C PRO B 196 57.37 11.56 21.32
N GLY B 197 57.70 10.92 20.19
CA GLY B 197 58.61 9.79 20.16
C GLY B 197 57.99 8.50 19.70
N ARG B 198 56.67 8.45 19.65
CA ARG B 198 55.92 7.22 19.42
C ARG B 198 54.77 7.52 18.49
N GLY B 199 54.38 6.52 17.69
CA GLY B 199 53.25 6.67 16.81
C GLY B 199 51.92 6.73 17.55
N ASP B 200 50.87 6.91 16.77
CA ASP B 200 49.51 7.03 17.29
C ASP B 200 48.86 5.67 17.43
N PHE B 201 48.05 5.52 18.48
CA PHE B 201 46.91 4.61 18.36
C PHE B 201 45.96 5.13 17.30
N ARG B 202 45.49 4.23 16.43
CA ARG B 202 44.49 4.54 15.43
C ARG B 202 43.54 3.37 15.26
N ILE B 203 42.26 3.68 15.19
CA ILE B 203 41.23 2.79 14.68
C ILE B 203 41.05 3.10 13.20
N TRP B 204 41.32 2.13 12.33
CA TRP B 204 41.24 2.40 10.90
C TRP B 204 39.80 2.53 10.43
N ASN B 205 38.90 1.74 11.01
CA ASN B 205 37.48 1.80 10.69
C ASN B 205 36.88 3.14 11.07
N SER B 206 36.01 3.65 10.19
CA SER B 206 35.32 4.91 10.47
C SER B 206 34.28 4.79 11.57
N GLN B 207 33.59 3.66 11.65
CA GLN B 207 32.74 3.39 12.80
C GLN B 207 33.05 2.00 13.31
N LEU B 208 32.70 1.76 14.57
CA LEU B 208 33.01 0.45 15.14
C LEU B 208 32.19 -0.66 14.49
N VAL B 209 30.99 -0.35 14.02
CA VAL B 209 30.14 -1.31 13.31
C VAL B 209 29.88 -0.76 11.91
N ARG B 210 30.32 -1.49 10.90
CA ARG B 210 30.05 -1.16 9.52
C ARG B 210 29.81 -2.44 8.75
N TYR B 211 29.04 -2.33 7.66
CA TYR B 211 28.79 -3.44 6.76
C TYR B 211 29.76 -3.40 5.59
N ALA B 212 30.28 -4.57 5.23
CA ALA B 212 31.21 -4.66 4.11
C ALA B 212 30.58 -4.15 2.83
N GLY B 213 31.44 -3.75 1.90
CA GLY B 213 31.05 -3.32 0.58
C GLY B 213 32.00 -3.92 -0.44
N TYR B 214 31.51 -4.91 -1.18
CA TYR B 214 32.32 -5.68 -2.10
C TYR B 214 32.04 -5.22 -3.53
N ARG B 215 33.08 -4.76 -4.22
CA ARG B 215 32.95 -4.47 -5.64
C ARG B 215 32.49 -5.71 -6.38
N GLN B 216 31.23 -5.73 -6.82
CA GLN B 216 30.73 -6.90 -7.53
C GLN B 216 31.42 -7.03 -8.88
N GLN B 217 31.09 -8.12 -9.58
CA GLN B 217 31.82 -8.46 -10.80
C GLN B 217 31.70 -7.37 -11.85
N ASP B 218 30.46 -7.08 -12.29
CA ASP B 218 30.27 -6.16 -13.41
C ASP B 218 30.76 -4.76 -13.08
N GLY B 219 30.42 -4.25 -11.91
CA GLY B 219 30.90 -2.95 -11.49
C GLY B 219 30.16 -2.41 -10.28
N SER B 220 29.04 -3.07 -9.95
CA SER B 220 28.22 -2.62 -8.84
C SER B 220 28.89 -2.98 -7.50
N VAL B 221 28.29 -2.50 -6.42
CA VAL B 221 28.75 -2.81 -5.08
C VAL B 221 27.66 -3.60 -4.38
N ARG B 222 28.04 -4.74 -3.81
CA ARG B 222 27.19 -5.51 -2.93
C ARG B 222 27.49 -5.11 -1.50
N GLY B 223 26.46 -4.75 -0.75
CA GLY B 223 26.65 -4.19 0.56
C GLY B 223 26.74 -2.67 0.52
N ASP B 224 27.42 -2.12 1.52
CA ASP B 224 27.46 -0.67 1.70
C ASP B 224 28.55 -0.07 0.83
N PRO B 225 28.23 0.84 -0.10
CA PRO B 225 29.27 1.40 -0.98
C PRO B 225 30.22 2.38 -0.29
N ALA B 226 29.80 3.04 0.80
CA ALA B 226 30.70 3.91 1.53
C ALA B 226 31.90 3.19 2.13
N ASN B 227 31.89 1.86 2.15
CA ASN B 227 32.86 1.09 2.93
C ASN B 227 33.70 0.18 2.02
N VAL B 228 33.77 0.49 0.72
CA VAL B 228 34.54 -0.34 -0.20
C VAL B 228 36.02 -0.29 0.15
N GLU B 229 36.50 0.88 0.57
CA GLU B 229 37.94 1.03 0.81
C GLU B 229 38.36 0.27 2.06
N ILE B 230 37.71 0.53 3.19
CA ILE B 230 38.03 -0.21 4.40
C ILE B 230 37.86 -1.71 4.18
N THR B 231 36.88 -2.12 3.38
CA THR B 231 36.71 -3.53 3.06
C THR B 231 37.89 -4.06 2.27
N GLU B 232 38.42 -3.26 1.33
CA GLU B 232 39.58 -3.69 0.56
C GLU B 232 40.78 -3.89 1.48
N LEU B 233 40.98 -2.94 2.41
CA LEU B 233 42.06 -3.06 3.37
C LEU B 233 41.89 -4.32 4.24
N CYS B 234 40.69 -4.55 4.75
CA CYS B 234 40.49 -5.70 5.64
C CYS B 234 40.86 -7.00 4.94
N ILE B 235 40.53 -7.11 3.66
CA ILE B 235 40.88 -8.31 2.89
C ILE B 235 42.40 -8.40 2.73
N GLN B 236 43.02 -7.29 2.36
CA GLN B 236 44.46 -7.24 2.21
C GLN B 236 45.16 -7.66 3.49
N HIS B 237 44.55 -7.39 4.66
CA HIS B 237 45.13 -7.74 5.95
C HIS B 237 44.66 -9.09 6.46
N GLY B 238 44.11 -9.93 5.59
CA GLY B 238 43.85 -11.32 5.91
C GLY B 238 42.43 -11.69 6.29
N TRP B 239 41.47 -10.78 6.13
CA TRP B 239 40.08 -11.10 6.44
C TRP B 239 39.48 -11.94 5.32
N THR B 240 38.88 -13.08 5.68
CA THR B 240 38.14 -13.88 4.73
C THR B 240 36.77 -13.25 4.49
N PRO B 241 36.49 -12.78 3.29
CA PRO B 241 35.32 -11.90 3.08
C PRO B 241 34.06 -12.71 2.87
N GLY B 242 32.99 -12.29 3.52
CA GLY B 242 31.68 -12.80 3.20
C GLY B 242 31.23 -12.29 1.85
N ASN B 243 29.96 -12.56 1.54
CA ASN B 243 29.44 -12.04 0.29
C ASN B 243 27.97 -11.67 0.39
N GLY B 244 27.54 -11.23 1.58
CA GLY B 244 26.20 -10.70 1.76
C GLY B 244 26.19 -9.18 1.68
N ARG B 245 24.99 -8.63 1.87
CA ARG B 245 24.75 -7.19 1.86
C ARG B 245 24.95 -6.54 3.22
N PHE B 246 24.96 -7.31 4.29
CA PHE B 246 25.05 -6.77 5.63
C PHE B 246 26.06 -7.58 6.46
N ASP B 247 27.28 -7.72 5.92
CA ASP B 247 28.38 -8.40 6.61
C ASP B 247 29.12 -7.40 7.49
N VAL B 248 29.14 -7.66 8.80
CA VAL B 248 29.81 -6.75 9.73
C VAL B 248 31.32 -6.86 9.57
N LEU B 249 31.98 -5.71 9.41
CA LEU B 249 33.42 -5.65 9.12
C LEU B 249 34.26 -5.96 10.37
N PRO B 250 35.40 -6.61 10.21
CA PRO B 250 36.34 -6.71 11.34
C PRO B 250 36.95 -5.34 11.63
N LEU B 251 37.46 -5.19 12.84
CA LEU B 251 38.21 -4.00 13.21
C LEU B 251 39.67 -4.12 12.81
N LEU B 252 40.22 -3.03 12.29
CA LEU B 252 41.65 -2.88 12.04
C LEU B 252 42.19 -1.91 13.07
N LEU B 253 42.99 -2.40 14.01
CA LEU B 253 43.46 -1.63 15.16
C LEU B 253 44.97 -1.47 15.08
N GLN B 254 45.43 -0.23 15.31
CA GLN B 254 46.80 0.17 15.09
C GLN B 254 47.39 0.61 16.42
N ALA B 255 48.27 -0.21 16.96
CA ALA B 255 49.16 0.16 18.04
C ALA B 255 50.30 1.01 17.50
N PRO B 256 50.87 1.89 18.33
CA PRO B 256 51.99 2.72 17.90
C PRO B 256 53.10 1.90 17.25
N ASP B 257 53.50 2.32 16.05
CA ASP B 257 54.69 1.82 15.37
C ASP B 257 54.56 0.33 15.05
N GLU B 258 53.33 -0.15 14.98
CA GLU B 258 52.94 -1.48 14.58
C GLU B 258 52.07 -1.38 13.33
N PRO B 259 52.07 -2.40 12.48
CA PRO B 259 51.04 -2.50 11.43
C PRO B 259 49.67 -2.69 12.07
N PRO B 260 48.58 -2.41 11.36
CA PRO B 260 47.25 -2.64 11.94
C PRO B 260 46.97 -4.13 12.04
N GLU B 261 46.17 -4.48 13.05
CA GLU B 261 45.86 -5.86 13.37
C GLU B 261 44.36 -6.06 13.28
N LEU B 262 43.96 -7.22 12.74
CA LEU B 262 42.58 -7.55 12.45
C LEU B 262 41.95 -8.26 13.64
N PHE B 263 40.80 -7.76 14.09
CA PHE B 263 40.02 -8.39 15.17
C PHE B 263 38.58 -8.53 14.70
N LEU B 264 38.03 -9.75 14.80
CA LEU B 264 36.63 -9.99 14.49
C LEU B 264 35.77 -9.59 15.68
N LEU B 265 34.64 -8.94 15.42
CA LEU B 265 33.72 -8.64 16.52
C LEU B 265 32.90 -9.88 16.83
N PRO B 266 32.73 -10.24 18.09
CA PRO B 266 31.88 -11.37 18.44
C PRO B 266 30.47 -11.11 17.96
N PRO B 267 29.89 -12.03 17.20
CA PRO B 267 28.54 -11.82 16.65
C PRO B 267 27.55 -11.34 17.70
N GLU B 268 27.62 -11.88 18.91
CA GLU B 268 26.64 -11.50 19.93
C GLU B 268 26.93 -10.16 20.58
N LEU B 269 28.04 -9.51 20.24
CA LEU B 269 28.24 -8.12 20.64
C LEU B 269 27.51 -7.13 19.75
N VAL B 270 27.23 -7.49 18.49
CA VAL B 270 26.71 -6.53 17.51
C VAL B 270 25.21 -6.73 17.43
N LEU B 271 24.48 -5.94 18.22
CA LEU B 271 23.02 -5.97 18.17
C LEU B 271 22.54 -5.38 16.84
N GLU B 272 21.70 -6.12 16.11
CA GLU B 272 21.14 -5.67 14.84
C GLU B 272 19.61 -5.67 14.91
N VAL B 273 18.98 -4.99 13.95
CA VAL B 273 17.52 -4.88 13.88
C VAL B 273 17.03 -5.24 12.47
N PRO B 274 16.36 -6.36 12.27
CA PRO B 274 15.73 -6.61 10.97
C PRO B 274 14.64 -5.57 10.73
N LEU B 275 14.52 -5.11 9.49
CA LEU B 275 13.61 -4.02 9.15
C LEU B 275 12.31 -4.58 8.61
N GLU B 276 11.20 -4.17 9.22
CA GLU B 276 9.87 -4.53 8.73
C GLU B 276 9.00 -3.27 8.74
N HIS B 277 7.89 -3.32 7.98
CA HIS B 277 7.01 -2.17 7.98
C HIS B 277 5.69 -2.54 8.63
N PRO B 278 5.14 -1.68 9.49
CA PRO B 278 3.94 -2.07 10.27
C PRO B 278 2.77 -2.50 9.43
N THR B 279 2.56 -1.88 8.27
CA THR B 279 1.47 -2.25 7.39
C THR B 279 1.89 -2.60 5.97
N LEU B 280 3.19 -2.60 5.62
CA LEU B 280 3.58 -3.08 4.30
C LEU B 280 4.32 -4.40 4.53
N GLU B 281 3.60 -5.51 4.38
CA GLU B 281 4.18 -6.78 4.81
C GLU B 281 5.19 -7.35 3.84
N TRP B 282 5.21 -6.88 2.59
CA TRP B 282 6.28 -7.32 1.70
C TRP B 282 7.61 -6.68 2.08
N PHE B 283 7.59 -5.67 2.95
CA PHE B 283 8.82 -4.97 3.29
C PHE B 283 9.80 -5.88 3.99
N ALA B 284 9.33 -6.74 4.89
CA ALA B 284 10.23 -7.66 5.56
C ALA B 284 10.94 -8.56 4.56
N ALA B 285 10.35 -8.78 3.39
CA ALA B 285 10.95 -9.65 2.38
C ALA B 285 12.16 -9.01 1.71
N LEU B 286 12.41 -7.72 1.90
CA LEU B 286 13.59 -7.09 1.34
C LEU B 286 14.88 -7.57 2.02
N GLY B 287 14.79 -8.13 3.21
CA GLY B 287 15.98 -8.58 3.88
C GLY B 287 16.80 -7.50 4.52
N LEU B 288 16.26 -6.29 4.64
CA LEU B 288 17.06 -5.20 5.15
C LEU B 288 17.23 -5.32 6.66
N ARG B 289 18.40 -4.88 7.13
CA ARG B 289 18.78 -4.83 8.54
C ARG B 289 19.55 -3.54 8.78
N TRP B 290 19.58 -3.11 10.04
CA TRP B 290 20.61 -2.14 10.43
C TRP B 290 21.06 -2.46 11.85
N TYR B 291 22.19 -1.87 12.26
CA TYR B 291 22.76 -2.13 13.57
C TYR B 291 22.28 -1.10 14.61
N ALA B 292 22.35 -1.50 15.88
CA ALA B 292 21.83 -0.65 16.94
C ALA B 292 22.71 0.55 17.25
N LEU B 293 24.03 0.43 17.12
CA LEU B 293 24.95 1.35 17.77
C LEU B 293 25.72 2.18 16.75
N PRO B 294 25.51 3.47 16.69
CA PRO B 294 26.40 4.32 15.90
C PRO B 294 27.61 4.72 16.73
N ALA B 295 28.79 4.24 16.37
CA ALA B 295 29.99 4.50 17.18
C ALA B 295 31.08 5.02 16.26
N VAL B 296 31.29 6.33 16.28
CA VAL B 296 32.26 6.95 15.39
C VAL B 296 33.65 6.80 15.98
N SER B 297 34.58 6.30 15.17
CA SER B 297 35.85 5.80 15.64
C SER B 297 37.05 6.41 14.92
N ASN B 298 36.84 7.33 13.99
CA ASN B 298 37.97 7.90 13.25
C ASN B 298 38.17 9.39 13.46
N MET B 299 37.59 9.99 14.48
CA MET B 299 37.81 11.41 14.70
C MET B 299 38.82 11.65 15.83
N LEU B 300 39.41 12.83 15.81
CA LEU B 300 40.42 13.20 16.79
C LEU B 300 39.76 14.05 17.88
N LEU B 301 40.07 13.74 19.13
CA LEU B 301 39.57 14.51 20.25
C LEU B 301 40.67 15.44 20.73
N GLU B 302 40.36 16.73 20.81
CA GLU B 302 41.34 17.74 21.18
C GLU B 302 40.89 18.35 22.50
N ILE B 303 41.79 18.34 23.48
CA ILE B 303 41.52 18.92 24.80
C ILE B 303 42.79 19.66 25.22
N GLY B 304 42.67 20.97 25.43
CA GLY B 304 43.78 21.76 25.98
C GLY B 304 45.09 21.59 25.24
N GLY B 305 45.05 21.53 23.92
CA GLY B 305 46.24 21.33 23.12
C GLY B 305 46.70 19.90 22.97
N LEU B 306 46.23 18.97 23.80
CA LEU B 306 46.56 17.57 23.63
C LEU B 306 45.62 16.94 22.61
N GLU B 307 46.11 15.93 21.90
CA GLU B 307 45.34 15.32 20.82
C GLU B 307 45.24 13.83 21.05
N PHE B 308 44.01 13.31 20.95
CA PHE B 308 43.72 11.89 21.11
C PHE B 308 43.25 11.38 19.75
N PRO B 309 44.14 10.85 18.92
CA PRO B 309 43.72 10.36 17.60
C PRO B 309 42.87 9.10 17.67
N ALA B 310 42.76 8.46 18.84
CA ALA B 310 41.84 7.33 19.00
C ALA B 310 40.99 7.55 20.25
N ALA B 311 39.71 7.87 20.01
CA ALA B 311 38.75 8.12 21.09
C ALA B 311 37.33 7.89 20.56
N PRO B 312 36.98 6.63 20.30
CA PRO B 312 35.67 6.34 19.68
C PRO B 312 34.53 6.72 20.59
N PHE B 313 33.46 7.30 20.00
CA PHE B 313 32.27 7.69 20.75
C PHE B 313 30.98 7.18 20.10
N SER B 314 29.99 6.92 20.95
CA SER B 314 28.74 6.32 20.47
C SER B 314 27.56 6.96 21.18
N GLY B 315 26.41 7.01 20.48
CA GLY B 315 25.14 7.52 20.99
C GLY B 315 24.01 6.56 20.66
N TRP B 316 22.90 7.12 20.17
CA TRP B 316 21.89 6.28 19.53
C TRP B 316 21.44 6.98 18.25
N TYR B 317 20.81 6.21 17.37
CA TYR B 317 20.45 6.74 16.05
C TYR B 317 19.26 7.69 16.09
N MET B 318 19.28 8.67 15.20
CA MET B 318 18.09 9.36 14.75
C MET B 318 17.61 8.66 13.49
N SER B 319 16.30 8.38 13.40
CA SER B 319 15.79 7.45 12.41
C SER B 319 16.11 7.88 10.97
N THR B 320 16.15 9.18 10.69
CA THR B 320 16.46 9.61 9.33
C THR B 320 17.90 9.30 8.90
N GLU B 321 18.83 9.05 9.83
CA GLU B 321 20.16 8.67 9.36
C GLU B 321 20.10 7.32 8.68
N ILE B 322 19.27 6.42 9.21
CA ILE B 322 19.15 5.07 8.70
C ILE B 322 18.27 5.06 7.46
N GLY B 323 17.06 5.60 7.59
CA GLY B 323 16.10 5.54 6.50
C GLY B 323 16.42 6.44 5.31
N THR B 324 16.63 7.73 5.56
CA THR B 324 16.94 8.62 4.44
C THR B 324 18.40 8.45 4.01
N ARG B 325 19.36 8.72 4.90
CA ARG B 325 20.75 8.71 4.45
C ARG B 325 21.21 7.29 4.12
N ASN B 326 21.22 6.38 5.10
CA ASN B 326 21.92 5.12 4.87
C ASN B 326 21.23 4.25 3.82
N LEU B 327 19.90 4.20 3.82
CA LEU B 327 19.22 3.35 2.85
C LEU B 327 18.81 4.06 1.56
N CYS B 328 18.55 5.38 1.57
CA CYS B 328 18.02 6.04 0.38
C CYS B 328 19.04 6.82 -0.44
N ASP B 329 20.12 7.33 0.18
CA ASP B 329 21.17 8.03 -0.56
C ASP B 329 21.53 7.22 -1.82
N PRO B 330 21.58 7.83 -2.99
CA PRO B 330 21.81 7.05 -4.22
C PRO B 330 23.18 6.40 -4.27
N HIS B 331 24.14 6.88 -3.48
CA HIS B 331 25.46 6.28 -3.40
C HIS B 331 25.62 5.36 -2.19
N ARG B 332 24.53 5.06 -1.49
CA ARG B 332 24.54 4.11 -0.38
C ARG B 332 23.75 2.88 -0.82
N TYR B 333 22.79 2.40 -0.03
CA TYR B 333 22.05 1.20 -0.42
C TYR B 333 21.04 1.49 -1.54
N ASN B 334 20.56 2.73 -1.65
CA ASN B 334 19.78 3.20 -2.80
C ASN B 334 18.53 2.33 -3.06
N ILE B 335 17.72 2.12 -2.01
CA ILE B 335 16.54 1.25 -2.13
C ILE B 335 15.28 2.02 -2.56
N LEU B 336 15.35 3.34 -2.71
CA LEU B 336 14.16 4.17 -2.88
C LEU B 336 13.30 3.70 -4.06
N GLU B 337 13.91 3.56 -5.24
CA GLU B 337 13.11 3.18 -6.40
C GLU B 337 12.54 1.78 -6.23
N ASP B 338 13.35 0.85 -5.73
CA ASP B 338 12.86 -0.50 -5.47
C ASP B 338 11.68 -0.49 -4.51
N VAL B 339 11.73 0.38 -3.49
CA VAL B 339 10.61 0.50 -2.55
C VAL B 339 9.39 1.11 -3.24
N ALA B 340 9.58 2.21 -3.97
CA ALA B 340 8.44 2.88 -4.60
C ALA B 340 7.74 1.98 -5.61
N VAL B 341 8.51 1.17 -6.34
CA VAL B 341 7.90 0.26 -7.30
C VAL B 341 7.02 -0.75 -6.57
N CYS B 342 7.50 -1.31 -5.46
CA CYS B 342 6.70 -2.26 -4.70
C CYS B 342 5.44 -1.63 -4.12
N MET B 343 5.51 -0.35 -3.76
CA MET B 343 4.32 0.38 -3.32
C MET B 343 3.33 0.66 -4.45
N ASP B 344 3.62 0.24 -5.69
CA ASP B 344 2.80 0.57 -6.87
C ASP B 344 2.56 2.08 -6.98
N LEU B 345 3.60 2.86 -6.70
CA LEU B 345 3.59 4.27 -7.06
C LEU B 345 3.98 4.45 -8.53
N ASP B 346 3.61 5.60 -9.09
CA ASP B 346 3.94 5.93 -10.47
C ASP B 346 5.32 6.59 -10.50
N THR B 347 6.35 5.81 -10.84
CA THR B 347 7.71 6.30 -10.83
C THR B 347 8.17 6.83 -12.18
N ARG B 348 7.24 7.15 -13.08
CA ARG B 348 7.62 7.69 -14.37
C ARG B 348 7.58 9.21 -14.43
N THR B 349 6.79 9.86 -13.58
CA THR B 349 6.80 11.30 -13.44
C THR B 349 7.14 11.67 -12.00
N THR B 350 7.92 12.74 -11.82
CA THR B 350 8.29 13.11 -10.46
C THR B 350 7.21 13.89 -9.73
N SER B 351 6.26 14.50 -10.46
CA SER B 351 5.21 15.27 -9.80
C SER B 351 4.21 14.40 -9.03
N SER B 352 4.29 13.07 -9.12
CA SER B 352 3.55 12.20 -8.20
C SER B 352 4.17 12.12 -6.81
N LEU B 353 5.36 12.70 -6.61
CA LEU B 353 6.06 12.68 -5.34
C LEU B 353 6.28 11.26 -4.84
N TRP B 354 6.55 10.33 -5.77
CA TRP B 354 6.80 8.95 -5.35
C TRP B 354 8.04 8.85 -4.46
N LYS B 355 9.07 9.64 -4.78
CA LYS B 355 10.28 9.64 -3.95
C LYS B 355 9.96 10.02 -2.52
N ASP B 356 9.23 11.12 -2.33
CA ASP B 356 8.87 11.55 -0.98
C ASP B 356 7.98 10.51 -0.29
N LYS B 357 7.03 9.91 -1.02
CA LYS B 357 6.16 8.90 -0.42
C LYS B 357 6.96 7.67 0.02
N ALA B 358 7.82 7.15 -0.87
CA ALA B 358 8.57 5.95 -0.52
C ALA B 358 9.50 6.23 0.65
N ALA B 359 10.15 7.39 0.66
CA ALA B 359 11.08 7.69 1.76
C ALA B 359 10.37 7.81 3.09
N VAL B 360 9.15 8.38 3.09
CA VAL B 360 8.45 8.50 4.36
C VAL B 360 8.15 7.11 4.93
N GLU B 361 7.76 6.18 4.07
CA GLU B 361 7.45 4.83 4.54
C GLU B 361 8.71 4.08 4.98
N ILE B 362 9.86 4.34 4.35
CA ILE B 362 11.10 3.73 4.82
C ILE B 362 11.41 4.22 6.23
N ASN B 363 11.23 5.52 6.49
CA ASN B 363 11.43 6.03 7.84
C ASN B 363 10.43 5.45 8.84
N VAL B 364 9.18 5.21 8.42
CA VAL B 364 8.20 4.60 9.30
C VAL B 364 8.66 3.21 9.70
N ALA B 365 9.15 2.44 8.73
CA ALA B 365 9.62 1.08 9.01
C ALA B 365 10.82 1.07 9.95
N VAL B 366 11.74 2.03 9.80
CA VAL B 366 12.87 2.06 10.71
C VAL B 366 12.40 2.30 12.14
N LEU B 367 11.51 3.28 12.32
CA LEU B 367 11.06 3.60 13.67
C LEU B 367 10.32 2.42 14.27
N HIS B 368 9.46 1.79 13.49
CA HIS B 368 8.71 0.64 13.96
C HIS B 368 9.62 -0.53 14.27
N SER B 369 10.59 -0.79 13.39
CA SER B 369 11.46 -1.94 13.62
C SER B 369 12.28 -1.75 14.89
N TYR B 370 12.81 -0.55 15.11
CA TYR B 370 13.63 -0.34 16.31
C TYR B 370 12.79 -0.37 17.57
N GLN B 371 11.56 0.15 17.52
CA GLN B 371 10.71 0.07 18.70
C GLN B 371 10.34 -1.37 19.01
N LEU B 372 10.01 -2.16 17.97
CA LEU B 372 9.65 -3.57 18.16
C LEU B 372 10.78 -4.34 18.85
N ALA B 373 12.01 -4.12 18.41
CA ALA B 373 13.19 -4.78 18.96
C ALA B 373 13.64 -4.18 20.28
N LYS B 374 12.96 -3.13 20.76
CA LYS B 374 13.31 -2.48 22.03
C LYS B 374 14.73 -1.92 21.99
N VAL B 375 15.09 -1.33 20.86
CA VAL B 375 16.36 -0.64 20.68
C VAL B 375 16.10 0.85 20.57
N THR B 376 16.81 1.63 21.39
CA THR B 376 16.65 3.07 21.43
C THR B 376 16.76 3.69 20.05
N ILE B 377 15.84 4.60 19.75
CA ILE B 377 15.88 5.35 18.52
C ILE B 377 15.05 6.61 18.71
N VAL B 378 15.42 7.68 18.01
CA VAL B 378 14.71 8.95 18.12
C VAL B 378 14.35 9.45 16.72
N ASP B 379 13.14 10.00 16.57
CA ASP B 379 12.72 10.52 15.29
C ASP B 379 13.11 11.99 15.16
N HIS B 380 13.16 12.48 13.92
CA HIS B 380 13.67 13.83 13.67
C HIS B 380 12.81 14.94 14.27
N HIS B 381 11.51 14.69 14.52
CA HIS B 381 10.69 15.67 15.22
C HIS B 381 11.05 15.76 16.70
N ALA B 382 11.15 14.62 17.40
CA ALA B 382 11.54 14.69 18.80
C ALA B 382 12.97 15.21 18.96
N ALA B 383 13.88 14.77 18.10
CA ALA B 383 15.28 15.18 18.24
C ALA B 383 15.44 16.69 18.06
N THR B 384 14.91 17.24 16.95
CA THR B 384 14.99 18.69 16.76
C THR B 384 14.25 19.45 17.86
N ALA B 385 13.17 18.89 18.40
CA ALA B 385 12.49 19.58 19.50
C ALA B 385 13.39 19.69 20.73
N SER B 386 14.09 18.61 21.09
CA SER B 386 14.98 18.69 22.24
C SER B 386 16.18 19.56 21.94
N PHE B 387 16.61 19.62 20.68
CA PHE B 387 17.72 20.49 20.35
C PHE B 387 17.36 21.96 20.60
N MET B 388 16.10 22.33 20.37
CA MET B 388 15.67 23.69 20.67
C MET B 388 15.77 23.98 22.15
N LYS B 389 15.35 23.02 22.98
CA LYS B 389 15.57 23.16 24.42
C LYS B 389 17.05 23.33 24.72
N HIS B 390 17.90 22.54 24.04
CA HIS B 390 19.34 22.70 24.20
C HIS B 390 19.80 24.11 23.88
N LEU B 391 19.34 24.66 22.73
CA LEU B 391 19.68 26.03 22.37
C LEU B 391 19.25 27.01 23.47
N GLU B 392 18.06 26.81 24.02
CA GLU B 392 17.59 27.67 25.10
C GLU B 392 18.43 27.48 26.37
N ASN B 393 18.75 26.23 26.71
CA ASN B 393 19.64 25.98 27.85
C ASN B 393 20.99 26.64 27.62
N GLU B 394 21.53 26.49 26.41
CA GLU B 394 22.88 26.99 26.14
C GLU B 394 22.94 28.51 26.15
N GLN B 395 21.88 29.18 25.71
CA GLN B 395 21.91 30.64 25.71
C GLN B 395 21.99 31.19 27.13
N LYS B 396 21.34 30.53 28.08
CA LYS B 396 21.41 30.98 29.47
C LYS B 396 22.77 30.65 30.10
N ALA B 397 23.44 29.59 29.63
CA ALA B 397 24.66 29.13 30.28
C ALA B 397 25.89 29.87 29.75
N ARG B 398 26.15 29.77 28.45
CA ARG B 398 27.32 30.35 27.82
C ARG B 398 27.04 31.58 26.99
N GLY B 399 25.77 31.93 26.79
CA GLY B 399 25.42 33.05 25.94
C GLY B 399 25.48 32.74 24.46
N GLY B 400 25.16 31.53 24.07
CA GLY B 400 25.15 31.16 22.67
C GLY B 400 25.45 29.69 22.51
N CYS B 401 25.40 29.25 21.27
CA CYS B 401 25.59 27.84 20.96
C CYS B 401 26.01 27.68 19.51
N PRO B 402 27.16 27.06 19.26
CA PRO B 402 27.61 26.86 17.87
C PRO B 402 26.75 25.80 17.20
N ALA B 403 26.20 26.15 16.03
CA ALA B 403 25.33 25.21 15.32
C ALA B 403 25.46 25.41 13.81
N ASP B 404 25.57 24.27 13.12
CA ASP B 404 25.71 24.21 11.66
C ASP B 404 24.32 23.86 11.08
N TRP B 405 23.62 24.89 10.59
CA TRP B 405 22.21 24.78 10.23
C TRP B 405 21.97 23.66 9.24
N ALA B 406 22.81 23.60 8.20
CA ALA B 406 22.69 22.59 7.17
C ALA B 406 22.82 21.17 7.70
N TRP B 407 23.40 21.00 8.88
CA TRP B 407 23.51 19.66 9.46
C TRP B 407 22.49 19.41 10.55
N ILE B 408 22.04 20.46 11.23
CA ILE B 408 21.04 20.30 12.27
C ILE B 408 19.66 20.03 11.67
N VAL B 409 19.32 20.69 10.56
CA VAL B 409 18.04 20.43 9.88
C VAL B 409 18.08 19.02 9.29
N PRO B 410 17.06 18.20 9.54
CA PRO B 410 17.07 16.81 9.05
C PRO B 410 16.97 16.77 7.53
N PRO B 411 17.41 15.65 6.92
CA PRO B 411 17.36 15.54 5.45
C PRO B 411 15.98 15.33 4.84
N ILE B 412 14.94 15.08 5.63
CA ILE B 412 13.56 15.15 5.15
C ILE B 412 12.77 16.02 6.11
N SER B 413 11.68 16.57 5.59
CA SER B 413 10.72 17.32 6.41
C SER B 413 11.40 18.45 7.17
N GLY B 414 12.41 19.05 6.53
CA GLY B 414 13.20 20.10 7.17
C GLY B 414 12.37 21.19 7.83
N SER B 415 11.44 21.79 7.07
CA SER B 415 10.67 22.93 7.58
C SER B 415 9.50 22.52 8.47
N LEU B 416 9.21 21.21 8.58
CA LEU B 416 8.28 20.70 9.58
C LEU B 416 8.90 20.65 10.97
N THR B 417 10.20 20.75 11.07
CA THR B 417 10.85 20.73 12.36
C THR B 417 11.11 22.15 12.82
N PRO B 418 11.20 22.41 14.12
CA PRO B 418 11.40 23.80 14.59
C PRO B 418 12.81 24.36 14.39
N VAL B 419 13.81 23.55 14.06
CA VAL B 419 15.14 24.12 13.85
C VAL B 419 15.24 24.84 12.51
N PHE B 420 14.30 24.57 11.59
CA PHE B 420 14.38 25.17 10.25
C PHE B 420 14.33 26.69 10.31
N HIS B 421 13.36 27.24 11.05
CA HIS B 421 13.16 28.69 11.04
C HIS B 421 13.95 29.38 12.13
N GLN B 422 14.88 28.65 12.75
CA GLN B 422 15.83 29.19 13.71
C GLN B 422 17.13 29.53 12.98
N GLU B 423 17.53 30.80 13.03
CA GLU B 423 18.85 31.17 12.56
C GLU B 423 19.92 30.63 13.51
N MET B 424 21.11 30.38 12.97
CA MET B 424 22.18 29.77 13.75
C MET B 424 23.53 30.39 13.36
N VAL B 425 24.46 30.38 14.32
CA VAL B 425 25.83 30.87 14.13
C VAL B 425 26.77 29.69 14.26
N ASN B 426 27.61 29.50 13.25
CA ASN B 426 28.56 28.39 13.25
C ASN B 426 29.98 28.88 13.56
N TYR B 427 30.65 28.20 14.50
CA TYR B 427 32.03 28.54 14.87
C TYR B 427 32.62 27.38 15.66
N PHE B 428 33.95 27.40 15.79
CA PHE B 428 34.72 26.29 16.33
C PHE B 428 35.21 26.64 17.73
N LEU B 429 34.68 25.96 18.74
CA LEU B 429 35.16 26.02 20.11
C LEU B 429 35.97 24.77 20.44
N SER B 430 36.87 24.90 21.43
CA SER B 430 37.65 23.79 21.93
C SER B 430 37.45 23.65 23.42
N PRO B 431 37.42 22.41 23.95
CA PRO B 431 37.57 21.08 23.37
C PRO B 431 36.65 20.75 22.21
N ALA B 432 37.09 19.80 21.40
CA ALA B 432 36.41 19.58 20.13
C ALA B 432 36.80 18.23 19.57
N PHE B 433 35.90 17.70 18.75
CA PHE B 433 36.19 16.60 17.85
C PHE B 433 36.50 17.16 16.48
N ARG B 434 37.53 16.62 15.86
CA ARG B 434 38.05 17.10 14.60
C ARG B 434 38.20 15.91 13.67
N TYR B 435 38.09 16.15 12.37
CA TYR B 435 38.48 15.15 11.39
C TYR B 435 40.00 15.09 11.30
N GLN B 436 40.50 13.95 10.80
CA GLN B 436 41.92 13.69 10.66
C GLN B 436 42.13 12.82 9.42
N PRO B 437 43.31 12.80 8.82
CA PRO B 437 43.50 12.00 7.62
C PRO B 437 43.41 10.51 7.92
N ASP B 438 43.17 9.74 6.87
CA ASP B 438 43.13 8.30 6.99
C ASP B 438 44.55 7.78 7.18
N PRO B 439 44.78 6.90 8.16
CA PRO B 439 46.16 6.48 8.46
C PRO B 439 46.86 5.75 7.32
N TRP B 440 46.15 5.39 6.25
CA TRP B 440 46.81 4.63 5.18
C TRP B 440 47.13 5.47 3.94
N LYS C 27 -40.07 -40.34 -2.88
CA LYS C 27 -39.30 -39.98 -4.07
C LYS C 27 -37.79 -39.96 -3.74
N PHE C 28 -37.00 -40.67 -4.54
CA PHE C 28 -35.58 -40.79 -4.26
C PHE C 28 -34.79 -39.94 -5.25
N PRO C 29 -34.15 -38.87 -4.78
CA PRO C 29 -33.40 -37.98 -5.69
C PRO C 29 -32.37 -38.72 -6.52
N ARG C 30 -32.45 -38.54 -7.84
CA ARG C 30 -31.47 -39.07 -8.77
C ARG C 30 -30.26 -38.14 -8.84
N VAL C 31 -29.06 -38.70 -8.73
CA VAL C 31 -27.85 -37.90 -8.57
C VAL C 31 -26.78 -38.43 -9.51
N LYS C 32 -26.23 -37.54 -10.33
CA LYS C 32 -25.38 -37.92 -11.46
C LYS C 32 -23.97 -37.32 -11.33
N ASN C 33 -22.97 -38.09 -11.75
CA ASN C 33 -21.61 -37.62 -11.92
C ASN C 33 -21.37 -37.35 -13.39
N TRP C 34 -21.26 -36.06 -13.75
CA TRP C 34 -21.20 -35.65 -15.14
C TRP C 34 -19.84 -35.88 -15.79
N GLU C 35 -18.81 -36.18 -15.00
CA GLU C 35 -17.51 -36.54 -15.57
C GLU C 35 -17.54 -37.98 -16.06
N VAL C 36 -18.02 -38.89 -15.21
CA VAL C 36 -18.02 -40.31 -15.51
C VAL C 36 -19.30 -40.73 -16.22
N GLY C 37 -20.42 -40.14 -15.83
CA GLY C 37 -21.72 -40.51 -16.34
C GLY C 37 -22.51 -41.45 -15.47
N SER C 38 -22.04 -41.73 -14.25
CA SER C 38 -22.71 -42.70 -13.40
C SER C 38 -23.86 -42.06 -12.63
N ILE C 39 -24.85 -42.89 -12.29
CA ILE C 39 -26.08 -42.45 -11.66
C ILE C 39 -26.31 -43.27 -10.40
N THR C 40 -26.57 -42.60 -9.27
CA THR C 40 -27.04 -43.26 -8.06
C THR C 40 -28.34 -42.61 -7.60
N TYR C 41 -28.95 -43.21 -6.58
CA TYR C 41 -30.15 -42.69 -5.96
C TYR C 41 -29.95 -42.60 -4.46
N ASP C 42 -30.27 -41.45 -3.88
CA ASP C 42 -30.13 -41.23 -2.44
C ASP C 42 -31.41 -41.67 -1.76
N THR C 43 -31.41 -42.90 -1.24
CA THR C 43 -32.49 -43.39 -0.40
C THR C 43 -32.28 -43.02 1.06
N LEU C 44 -31.08 -42.58 1.43
CA LEU C 44 -30.83 -42.16 2.80
C LEU C 44 -31.48 -40.82 3.12
N SER C 45 -31.60 -39.94 2.12
CA SER C 45 -32.22 -38.64 2.36
C SER C 45 -33.65 -38.78 2.87
N ALA C 46 -34.32 -39.91 2.59
CA ALA C 46 -35.67 -40.08 3.12
C ALA C 46 -35.67 -40.11 4.64
N GLN C 47 -34.58 -40.57 5.24
CA GLN C 47 -34.38 -40.65 6.68
C GLN C 47 -34.01 -39.32 7.32
N ALA C 48 -33.95 -38.23 6.55
CA ALA C 48 -33.55 -36.94 7.11
C ALA C 48 -34.58 -36.47 8.12
N GLN C 49 -34.15 -36.28 9.36
CA GLN C 49 -35.08 -35.95 10.44
C GLN C 49 -35.47 -34.49 10.39
N GLN C 50 -34.61 -33.60 10.90
CA GLN C 50 -34.97 -32.21 11.05
C GLN C 50 -35.04 -31.54 9.68
N ASP C 51 -35.32 -30.23 9.68
CA ASP C 51 -35.61 -29.50 8.46
C ASP C 51 -34.54 -28.45 8.21
N GLY C 52 -34.02 -28.44 6.98
CA GLY C 52 -33.09 -27.42 6.55
C GLY C 52 -33.81 -26.17 6.09
N PRO C 53 -33.09 -25.29 5.37
CA PRO C 53 -33.63 -23.96 5.07
C PRO C 53 -34.40 -23.81 3.76
N CYS C 54 -34.37 -24.80 2.88
CA CYS C 54 -34.85 -24.64 1.51
C CYS C 54 -36.34 -24.98 1.42
N THR C 55 -37.01 -24.34 0.48
CA THR C 55 -38.40 -24.64 0.13
C THR C 55 -38.51 -24.78 -1.38
N PRO C 56 -39.61 -25.35 -1.86
CA PRO C 56 -39.82 -25.39 -3.32
C PRO C 56 -39.80 -24.01 -3.97
N ARG C 57 -40.07 -22.96 -3.18
CA ARG C 57 -40.04 -21.61 -3.74
C ARG C 57 -38.63 -21.07 -3.88
N ARG C 58 -37.71 -21.39 -2.95
CA ARG C 58 -36.35 -20.87 -3.09
C ARG C 58 -35.35 -21.72 -2.33
N CYS C 59 -34.14 -21.78 -2.89
CA CYS C 59 -33.03 -22.54 -2.32
C CYS C 59 -32.13 -21.61 -1.50
N LEU C 60 -31.83 -22.01 -0.26
CA LEU C 60 -30.95 -21.24 0.62
C LEU C 60 -29.71 -22.05 1.03
N GLY C 61 -29.27 -22.96 0.14
CA GLY C 61 -28.16 -23.86 0.46
C GLY C 61 -26.80 -23.20 0.61
N SER C 62 -26.66 -21.95 0.17
CA SER C 62 -25.40 -21.24 0.31
C SER C 62 -25.31 -20.44 1.60
N LEU C 63 -26.37 -20.44 2.43
CA LEU C 63 -26.29 -19.76 3.71
C LEU C 63 -25.41 -20.55 4.68
N VAL C 64 -24.48 -19.85 5.32
CA VAL C 64 -23.58 -20.45 6.29
C VAL C 64 -24.34 -21.05 7.47
N PHE C 65 -25.24 -20.25 8.05
CA PHE C 65 -26.02 -20.63 9.23
C PHE C 65 -27.48 -20.85 8.84
N PRO C 66 -27.92 -22.11 8.59
CA PRO C 66 -29.32 -22.40 8.22
C PRO C 66 -30.33 -22.09 9.34
N ALA C 79 -40.85 -30.80 27.55
CA ALA C 79 -40.94 -31.92 26.62
C ALA C 79 -40.13 -33.11 27.13
N PRO C 80 -40.75 -33.89 28.04
CA PRO C 80 -40.14 -35.15 28.47
C PRO C 80 -40.35 -36.24 27.43
N GLU C 81 -41.45 -36.12 26.68
CA GLU C 81 -41.80 -37.09 25.64
C GLU C 81 -41.03 -36.85 24.36
N GLN C 82 -40.54 -35.64 24.13
CA GLN C 82 -39.69 -35.39 22.97
C GLN C 82 -38.28 -35.91 23.19
N LEU C 83 -37.75 -35.76 24.39
CA LEU C 83 -36.45 -36.38 24.70
C LEU C 83 -36.49 -37.88 24.39
N LEU C 84 -37.58 -38.54 24.77
CA LEU C 84 -37.70 -39.99 24.62
C LEU C 84 -37.64 -40.43 23.17
N SER C 85 -38.38 -39.73 22.29
CA SER C 85 -38.45 -40.15 20.90
C SER C 85 -37.10 -40.09 20.23
N GLN C 86 -36.33 -39.03 20.51
CA GLN C 86 -34.96 -38.96 20.01
C GLN C 86 -34.09 -40.04 20.67
N ALA C 87 -34.26 -40.25 21.97
CA ALA C 87 -33.46 -41.27 22.66
C ALA C 87 -33.77 -42.66 22.12
N ARG C 88 -35.05 -42.92 21.81
CA ARG C 88 -35.41 -44.23 21.26
C ARG C 88 -34.82 -44.40 19.87
N ASP C 89 -34.87 -43.36 19.04
CA ASP C 89 -34.39 -43.48 17.68
C ASP C 89 -32.89 -43.72 17.64
N PHE C 90 -32.15 -43.09 18.55
CA PHE C 90 -30.71 -43.33 18.62
C PHE C 90 -30.39 -44.76 19.08
N ILE C 91 -31.13 -45.29 20.07
CA ILE C 91 -30.81 -46.65 20.52
C ILE C 91 -31.08 -47.66 19.40
N ASN C 92 -32.10 -47.42 18.59
CA ASN C 92 -32.42 -48.34 17.49
C ASN C 92 -31.33 -48.31 16.43
N GLN C 93 -30.90 -47.10 16.05
CA GLN C 93 -29.74 -46.96 15.15
C GLN C 93 -28.56 -47.79 15.66
N TYR C 94 -28.22 -47.61 16.93
CA TYR C 94 -27.05 -48.28 17.50
C TYR C 94 -27.17 -49.80 17.41
N TYR C 95 -28.28 -50.36 17.89
CA TYR C 95 -28.41 -51.82 17.87
C TYR C 95 -28.51 -52.35 16.45
N SER C 96 -29.04 -51.56 15.52
CA SER C 96 -29.03 -51.96 14.11
C SER C 96 -27.62 -52.04 13.57
N SER C 97 -26.76 -51.10 13.95
CA SER C 97 -25.40 -51.03 13.45
C SER C 97 -24.52 -52.16 13.98
N ILE C 98 -24.84 -52.74 15.13
CA ILE C 98 -24.04 -53.86 15.63
C ILE C 98 -24.74 -55.19 15.39
N LYS C 99 -25.78 -55.22 14.55
CA LYS C 99 -26.44 -56.44 14.13
C LYS C 99 -27.09 -57.19 15.29
N ARG C 100 -27.49 -56.48 16.34
CA ARG C 100 -28.16 -57.11 17.47
C ARG C 100 -29.47 -56.39 17.81
N SER C 101 -30.19 -55.94 16.78
CA SER C 101 -31.47 -55.29 16.96
C SER C 101 -32.54 -56.32 17.29
N GLY C 102 -33.59 -55.87 17.98
CA GLY C 102 -34.65 -56.75 18.42
C GLY C 102 -34.26 -57.77 19.47
N SER C 103 -32.98 -57.87 19.81
CA SER C 103 -32.52 -58.77 20.86
C SER C 103 -33.01 -58.30 22.22
N GLN C 104 -32.73 -59.11 23.25
CA GLN C 104 -33.08 -58.73 24.61
C GLN C 104 -32.17 -57.62 25.12
N ALA C 105 -30.92 -57.56 24.64
CA ALA C 105 -30.07 -56.42 24.96
C ALA C 105 -30.68 -55.13 24.43
N HIS C 106 -31.20 -55.15 23.20
CA HIS C 106 -31.89 -53.98 22.67
C HIS C 106 -33.05 -53.59 23.59
N GLU C 107 -33.83 -54.57 24.04
CA GLU C 107 -35.02 -54.26 24.82
C GLU C 107 -34.67 -53.72 26.21
N GLN C 108 -33.67 -54.29 26.86
CA GLN C 108 -33.29 -53.78 28.18
C GLN C 108 -32.85 -52.32 28.09
N ARG C 109 -32.06 -51.99 27.08
CA ARG C 109 -31.58 -50.62 26.94
C ARG C 109 -32.75 -49.65 26.85
N LEU C 110 -33.80 -50.00 26.10
CA LEU C 110 -34.94 -49.12 25.94
C LEU C 110 -35.60 -48.83 27.28
N GLN C 111 -35.86 -49.88 28.08
CA GLN C 111 -36.53 -49.73 29.35
C GLN C 111 -35.68 -48.97 30.35
N GLU C 112 -34.36 -49.15 30.30
CA GLU C 112 -33.50 -48.39 31.21
C GLU C 112 -33.59 -46.90 30.92
N VAL C 113 -33.57 -46.52 29.65
CA VAL C 113 -33.64 -45.10 29.33
C VAL C 113 -34.98 -44.52 29.78
N GLU C 114 -36.06 -45.29 29.63
CA GLU C 114 -37.37 -44.80 30.05
C GLU C 114 -37.37 -44.45 31.54
N ALA C 115 -36.90 -45.37 32.38
CA ALA C 115 -36.92 -45.15 33.83
C ALA C 115 -35.98 -44.02 34.23
N GLU C 116 -34.83 -43.93 33.57
CA GLU C 116 -33.89 -42.86 33.86
C GLU C 116 -34.55 -41.50 33.65
N VAL C 117 -35.23 -41.32 32.52
CA VAL C 117 -35.87 -40.04 32.23
C VAL C 117 -37.03 -39.79 33.17
N ALA C 118 -37.80 -40.83 33.49
CA ALA C 118 -38.96 -40.66 34.38
C ALA C 118 -38.52 -40.18 35.76
N ALA C 119 -37.42 -40.74 36.29
CA ALA C 119 -36.93 -40.40 37.62
C ALA C 119 -36.05 -39.14 37.64
N THR C 120 -35.42 -38.78 36.52
CA THR C 120 -34.53 -37.62 36.52
C THR C 120 -34.77 -36.61 35.41
N GLY C 121 -35.49 -36.96 34.35
CA GLY C 121 -35.71 -36.04 33.25
C GLY C 121 -34.75 -36.21 32.09
N THR C 122 -33.67 -36.97 32.30
CA THR C 122 -32.63 -37.14 31.29
C THR C 122 -32.13 -38.58 31.41
N TYR C 123 -31.05 -38.91 30.71
CA TYR C 123 -30.45 -40.23 30.86
C TYR C 123 -28.99 -40.16 30.45
N GLN C 124 -28.29 -41.26 30.69
CA GLN C 124 -26.86 -41.37 30.44
C GLN C 124 -26.59 -42.32 29.29
N LEU C 125 -25.63 -41.95 28.44
CA LEU C 125 -25.11 -42.83 27.40
C LEU C 125 -24.10 -43.82 27.97
N ARG C 126 -24.21 -45.09 27.57
CA ARG C 126 -23.11 -46.03 27.76
C ARG C 126 -21.92 -45.55 26.96
N GLU C 127 -20.71 -45.90 27.41
CA GLU C 127 -19.52 -45.41 26.71
C GLU C 127 -19.51 -45.88 25.27
N SER C 128 -19.97 -47.10 25.00
CA SER C 128 -19.99 -47.58 23.64
C SER C 128 -20.96 -46.77 22.78
N GLU C 129 -22.12 -46.39 23.35
CA GLU C 129 -23.04 -45.51 22.63
C GLU C 129 -22.42 -44.13 22.40
N LEU C 130 -21.71 -43.60 23.40
CA LEU C 130 -21.07 -42.31 23.24
C LEU C 130 -20.02 -42.34 22.13
N VAL C 131 -19.21 -43.41 22.06
CA VAL C 131 -18.25 -43.53 20.96
C VAL C 131 -18.97 -43.52 19.61
N PHE C 132 -19.95 -44.42 19.45
CA PHE C 132 -20.66 -44.55 18.19
C PHE C 132 -21.34 -43.24 17.82
N GLY C 133 -21.93 -42.56 18.80
CA GLY C 133 -22.62 -41.31 18.51
C GLY C 133 -21.69 -40.21 18.06
N ALA C 134 -20.49 -40.14 18.67
CA ALA C 134 -19.48 -39.21 18.20
C ALA C 134 -19.13 -39.49 16.74
N LYS C 135 -18.89 -40.77 16.40
CA LYS C 135 -18.51 -41.13 15.03
C LYS C 135 -19.63 -40.83 14.03
N GLN C 136 -20.88 -41.11 14.39
CA GLN C 136 -21.98 -40.85 13.47
C GLN C 136 -22.09 -39.36 13.17
N ALA C 137 -21.89 -38.53 14.18
CA ALA C 137 -22.04 -37.10 14.00
C ALA C 137 -21.01 -36.57 13.00
N TRP C 138 -19.78 -37.10 13.03
CA TRP C 138 -18.79 -36.76 12.01
C TRP C 138 -19.21 -37.30 10.65
N ARG C 139 -19.55 -38.59 10.60
CA ARG C 139 -20.01 -39.22 9.36
C ARG C 139 -21.19 -38.46 8.73
N ASN C 140 -22.07 -37.90 9.54
CA ASN C 140 -23.22 -37.20 8.99
C ASN C 140 -22.95 -35.74 8.69
N ALA C 141 -21.78 -35.21 9.02
CA ALA C 141 -21.47 -33.80 8.81
C ALA C 141 -21.40 -33.48 7.31
N PRO C 142 -22.35 -32.74 6.75
CA PRO C 142 -22.44 -32.65 5.28
C PRO C 142 -21.32 -31.83 4.66
N ARG C 143 -20.72 -30.89 5.38
CA ARG C 143 -19.72 -30.01 4.78
C ARG C 143 -18.29 -30.55 4.90
N CYS C 144 -18.08 -31.69 5.55
CA CYS C 144 -16.73 -32.17 5.80
C CYS C 144 -16.25 -33.07 4.67
N VAL C 145 -15.16 -32.67 4.01
CA VAL C 145 -14.55 -33.46 2.93
C VAL C 145 -13.63 -34.55 3.45
N GLY C 146 -13.37 -34.60 4.76
CA GLY C 146 -12.42 -35.56 5.32
C GLY C 146 -13.05 -36.83 5.86
N ARG C 147 -14.32 -37.10 5.48
CA ARG C 147 -15.10 -38.15 6.13
C ARG C 147 -14.66 -39.59 5.78
N ILE C 148 -13.81 -39.80 4.78
CA ILE C 148 -13.22 -41.12 4.57
C ILE C 148 -12.60 -41.68 5.85
N GLN C 149 -12.28 -40.81 6.82
CA GLN C 149 -11.62 -41.18 8.08
C GLN C 149 -12.59 -41.43 9.23
N TRP C 150 -13.90 -41.54 8.98
CA TRP C 150 -14.85 -41.34 10.05
C TRP C 150 -14.79 -42.42 11.13
N GLY C 151 -14.43 -43.65 10.76
CA GLY C 151 -14.43 -44.73 11.74
C GLY C 151 -13.22 -44.74 12.65
N LYS C 152 -12.15 -44.04 12.28
CA LYS C 152 -10.93 -43.95 13.07
C LYS C 152 -10.98 -42.57 13.73
N LEU C 153 -11.52 -42.54 14.94
CA LEU C 153 -11.67 -41.33 15.74
C LEU C 153 -11.51 -41.69 17.20
N GLN C 154 -10.77 -40.87 17.94
CA GLN C 154 -10.48 -41.13 19.34
C GLN C 154 -11.44 -40.32 20.21
N VAL C 155 -12.30 -41.02 20.93
CA VAL C 155 -13.30 -40.39 21.79
C VAL C 155 -12.74 -40.39 23.21
N PHE C 156 -12.58 -39.21 23.79
CA PHE C 156 -12.11 -39.08 25.17
C PHE C 156 -13.32 -38.72 26.02
N ASP C 157 -13.67 -39.59 26.94
CA ASP C 157 -14.84 -39.36 27.78
C ASP C 157 -14.43 -38.49 28.97
N ALA C 158 -14.86 -37.22 28.94
CA ALA C 158 -14.63 -36.29 30.04
C ALA C 158 -15.93 -35.93 30.74
N ARG C 159 -16.94 -36.80 30.68
CA ARG C 159 -18.22 -36.52 31.32
C ARG C 159 -18.14 -36.49 32.84
N ASP C 160 -16.98 -36.73 33.44
CA ASP C 160 -16.80 -36.65 34.89
C ASP C 160 -16.02 -35.40 35.30
N CYS C 161 -16.06 -34.36 34.46
CA CYS C 161 -15.32 -33.12 34.71
C CYS C 161 -16.08 -32.20 35.65
N ARG C 162 -15.36 -31.62 36.62
CA ARG C 162 -15.97 -30.84 37.69
C ARG C 162 -15.61 -29.36 37.62
N SER C 163 -14.35 -29.02 37.41
CA SER C 163 -13.87 -27.65 37.46
C SER C 163 -13.32 -27.21 36.12
N ALA C 164 -13.09 -25.90 35.99
CA ALA C 164 -12.47 -25.37 34.79
C ALA C 164 -11.01 -25.79 34.68
N GLN C 165 -10.35 -26.03 35.82
CA GLN C 165 -8.98 -26.51 35.81
C GLN C 165 -8.93 -27.95 35.29
N GLU C 166 -9.90 -28.77 35.66
CA GLU C 166 -9.95 -30.12 35.13
C GLU C 166 -10.31 -30.10 33.64
N MET C 167 -11.19 -29.18 33.25
CA MET C 167 -11.43 -28.96 31.83
C MET C 167 -10.12 -28.74 31.09
N PHE C 168 -9.35 -27.76 31.55
CA PHE C 168 -8.05 -27.45 30.96
C PHE C 168 -7.16 -28.69 30.85
N THR C 169 -7.24 -29.59 31.83
CA THR C 169 -6.40 -30.79 31.82
C THR C 169 -6.81 -31.76 30.71
N TYR C 170 -8.11 -32.09 30.64
CA TYR C 170 -8.63 -32.87 29.52
C TYR C 170 -8.25 -32.26 28.18
N ILE C 171 -8.20 -30.93 28.11
CA ILE C 171 -7.95 -30.27 26.83
C ILE C 171 -6.49 -30.45 26.42
N CYS C 172 -5.56 -30.16 27.34
CA CYS C 172 -4.14 -30.34 27.06
C CYS C 172 -3.83 -31.78 26.71
N ASN C 173 -4.58 -32.73 27.28
CA ASN C 173 -4.38 -34.13 26.94
C ASN C 173 -4.85 -34.42 25.52
N HIS C 174 -6.05 -33.93 25.17
CA HIS C 174 -6.50 -33.96 23.77
C HIS C 174 -5.42 -33.44 22.84
N ILE C 175 -4.95 -32.21 23.06
CA ILE C 175 -3.97 -31.60 22.15
C ILE C 175 -2.73 -32.48 22.04
N LYS C 176 -2.22 -32.93 23.19
CA LYS C 176 -1.06 -33.81 23.22
C LYS C 176 -1.28 -35.07 22.38
N TYR C 177 -2.40 -35.78 22.62
CA TYR C 177 -2.68 -36.98 21.83
C TYR C 177 -2.86 -36.67 20.34
N ALA C 178 -3.64 -35.62 20.01
CA ALA C 178 -3.95 -35.39 18.59
C ALA C 178 -2.73 -34.90 17.83
N THR C 179 -1.89 -34.10 18.47
CA THR C 179 -0.70 -33.58 17.79
C THR C 179 0.28 -34.71 17.52
N ASN C 180 0.75 -35.39 18.57
CA ASN C 180 1.51 -36.62 18.41
C ASN C 180 2.78 -36.38 17.59
N ARG C 181 3.48 -35.30 17.93
CA ARG C 181 4.75 -34.93 17.31
C ARG C 181 4.60 -34.63 15.82
N GLY C 182 3.37 -34.36 15.37
CA GLY C 182 3.10 -34.06 13.98
C GLY C 182 2.45 -35.16 13.20
N ASN C 183 2.39 -36.38 13.75
CA ASN C 183 1.63 -37.46 13.11
C ASN C 183 0.20 -37.37 13.62
N LEU C 184 -0.59 -36.52 12.98
CA LEU C 184 -1.87 -36.12 13.56
C LEU C 184 -2.86 -37.29 13.58
N ARG C 185 -3.69 -37.31 14.61
CA ARG C 185 -4.70 -38.34 14.82
C ARG C 185 -6.01 -37.68 15.23
N SER C 186 -7.10 -38.12 14.62
CA SER C 186 -8.40 -37.54 14.91
C SER C 186 -8.84 -37.89 16.31
N ALA C 187 -9.50 -36.93 16.98
CA ALA C 187 -9.96 -37.15 18.34
C ALA C 187 -11.09 -36.18 18.67
N ILE C 188 -11.87 -36.55 19.69
CA ILE C 188 -12.88 -35.67 20.28
C ILE C 188 -12.87 -35.91 21.78
N THR C 189 -13.09 -34.85 22.55
CA THR C 189 -13.22 -34.94 23.99
C THR C 189 -14.60 -34.42 24.39
N VAL C 190 -15.36 -35.24 25.12
CA VAL C 190 -16.77 -35.00 25.42
C VAL C 190 -16.92 -34.58 26.87
N PHE C 191 -17.34 -33.35 27.10
CA PHE C 191 -17.54 -32.80 28.44
C PHE C 191 -18.98 -33.03 28.89
N PRO C 192 -19.36 -32.73 30.13
CA PRO C 192 -20.70 -33.12 30.59
C PRO C 192 -21.83 -32.50 29.78
N GLN C 193 -22.85 -33.32 29.51
CA GLN C 193 -24.06 -32.88 28.83
C GLN C 193 -24.77 -31.81 29.64
N ARG C 194 -25.43 -30.89 28.95
CA ARG C 194 -26.32 -29.96 29.63
C ARG C 194 -27.49 -30.72 30.23
N CYS C 195 -27.89 -30.32 31.43
CA CYS C 195 -29.10 -30.79 32.11
C CYS C 195 -29.91 -29.57 32.52
N PRO C 196 -31.17 -29.76 32.89
CA PRO C 196 -31.99 -28.61 33.30
C PRO C 196 -31.51 -27.97 34.59
N GLY C 197 -31.86 -26.68 34.74
CA GLY C 197 -31.69 -25.98 35.99
C GLY C 197 -30.27 -25.63 36.39
N ARG C 198 -29.26 -26.23 35.76
CA ARG C 198 -27.88 -25.90 36.06
C ARG C 198 -27.13 -25.61 34.76
N GLY C 199 -26.02 -24.90 34.90
CA GLY C 199 -25.31 -24.37 33.77
C GLY C 199 -24.65 -25.45 32.90
N ASP C 200 -23.95 -24.97 31.88
CA ASP C 200 -23.20 -25.81 30.95
C ASP C 200 -21.72 -25.54 31.08
N PHE C 201 -20.93 -26.46 30.53
CA PHE C 201 -19.54 -26.19 30.22
C PHE C 201 -19.47 -25.56 28.83
N ARG C 202 -18.65 -24.53 28.69
CA ARG C 202 -18.43 -23.91 27.39
C ARG C 202 -16.95 -23.66 27.20
N ILE C 203 -16.51 -23.78 25.96
CA ILE C 203 -15.23 -23.25 25.52
C ILE C 203 -15.55 -22.01 24.67
N TRP C 204 -15.30 -20.83 25.24
CA TRP C 204 -15.58 -19.59 24.53
C TRP C 204 -14.76 -19.46 23.27
N ASN C 205 -13.58 -20.05 23.23
CA ASN C 205 -12.75 -19.99 22.03
C ASN C 205 -13.42 -20.79 20.92
N SER C 206 -13.43 -20.22 19.71
CA SER C 206 -13.98 -20.94 18.56
C SER C 206 -13.11 -22.12 18.17
N GLN C 207 -11.81 -22.05 18.47
CA GLN C 207 -10.87 -23.15 18.32
C GLN C 207 -9.90 -23.13 19.50
N LEU C 208 -9.26 -24.28 19.72
CA LEU C 208 -8.28 -24.38 20.80
C LEU C 208 -7.03 -23.56 20.51
N VAL C 209 -6.70 -23.39 19.22
CA VAL C 209 -5.51 -22.65 18.82
C VAL C 209 -5.95 -21.56 17.86
N ARG C 210 -5.83 -20.31 18.30
CA ARG C 210 -6.20 -19.12 17.52
C ARG C 210 -5.19 -18.02 17.78
N TYR C 211 -4.78 -17.34 16.71
CA TYR C 211 -3.90 -16.17 16.83
C TYR C 211 -4.71 -14.91 17.16
N ALA C 212 -4.13 -14.04 17.97
CA ALA C 212 -4.86 -12.85 18.42
C ALA C 212 -5.01 -11.84 17.29
N GLY C 213 -6.06 -11.02 17.41
CA GLY C 213 -6.26 -9.89 16.53
C GLY C 213 -6.38 -8.61 17.32
N TYR C 214 -5.47 -7.67 17.07
CA TYR C 214 -5.41 -6.41 17.79
C TYR C 214 -5.73 -5.27 16.84
N ARG C 215 -6.70 -4.44 17.20
CA ARG C 215 -7.08 -3.29 16.38
C ARG C 215 -6.42 -2.02 16.89
N GLN C 216 -6.41 -0.99 16.04
CA GLN C 216 -5.78 0.29 16.35
C GLN C 216 -6.69 1.44 15.94
N GLN C 217 -6.34 2.65 16.40
CA GLN C 217 -6.96 3.87 15.90
C GLN C 217 -6.61 4.15 14.45
N ASP C 218 -5.79 3.28 13.86
CA ASP C 218 -5.65 3.19 12.41
C ASP C 218 -6.86 2.52 11.78
N GLY C 219 -7.64 1.76 12.56
CA GLY C 219 -8.76 0.99 12.07
C GLY C 219 -8.41 -0.43 11.71
N SER C 220 -7.16 -0.68 11.31
CA SER C 220 -6.75 -2.00 10.85
C SER C 220 -6.43 -2.91 12.02
N VAL C 221 -6.25 -4.20 11.69
CA VAL C 221 -5.96 -5.23 12.67
C VAL C 221 -4.57 -5.80 12.41
N ARG C 222 -3.86 -6.10 13.48
CA ARG C 222 -2.64 -6.88 13.44
C ARG C 222 -2.94 -8.24 14.08
N GLY C 223 -2.67 -9.31 13.34
CA GLY C 223 -3.12 -10.63 13.72
C GLY C 223 -4.30 -11.08 12.89
N ASP C 224 -5.03 -12.05 13.43
CA ASP C 224 -6.15 -12.65 12.72
C ASP C 224 -7.40 -11.79 12.93
N PRO C 225 -7.98 -11.21 11.88
CA PRO C 225 -9.18 -10.40 12.07
C PRO C 225 -10.38 -11.18 12.56
N ALA C 226 -10.43 -12.48 12.28
CA ALA C 226 -11.56 -13.29 12.73
C ALA C 226 -11.65 -13.40 14.24
N ASN C 227 -10.59 -13.03 14.96
CA ASN C 227 -10.52 -13.25 16.41
C ASN C 227 -10.45 -11.95 17.19
N VAL C 228 -10.82 -10.83 16.58
CA VAL C 228 -10.75 -9.56 17.30
C VAL C 228 -11.66 -9.57 18.52
N GLU C 229 -12.76 -10.33 18.47
CA GLU C 229 -13.70 -10.37 19.59
C GLU C 229 -13.18 -11.21 20.75
N ILE C 230 -12.75 -12.45 20.46
CA ILE C 230 -12.21 -13.30 21.53
C ILE C 230 -10.98 -12.66 22.16
N THR C 231 -10.17 -12.00 21.33
CA THR C 231 -8.99 -11.31 21.85
C THR C 231 -9.39 -10.22 22.85
N GLU C 232 -10.43 -9.45 22.51
CA GLU C 232 -10.99 -8.47 23.45
C GLU C 232 -11.37 -9.12 24.77
N LEU C 233 -12.11 -10.22 24.71
CA LEU C 233 -12.57 -10.87 25.93
C LEU C 233 -11.39 -11.37 26.76
N CYS C 234 -10.41 -11.99 26.10
CA CYS C 234 -9.22 -12.45 26.81
C CYS C 234 -8.56 -11.31 27.56
N ILE C 235 -8.43 -10.16 26.90
CA ILE C 235 -7.87 -9.00 27.58
C ILE C 235 -8.73 -8.59 28.77
N GLN C 236 -10.06 -8.56 28.58
CA GLN C 236 -10.96 -8.17 29.66
C GLN C 236 -10.81 -9.10 30.86
N HIS C 237 -10.59 -10.39 30.61
CA HIS C 237 -10.50 -11.39 31.68
C HIS C 237 -9.07 -11.61 32.16
N GLY C 238 -8.19 -10.62 32.00
CA GLY C 238 -6.90 -10.62 32.62
C GLY C 238 -5.72 -10.81 31.68
N TRP C 239 -5.93 -11.40 30.51
CA TRP C 239 -4.80 -11.77 29.67
C TRP C 239 -3.99 -10.54 29.25
N THR C 240 -2.69 -10.62 29.49
CA THR C 240 -1.79 -9.54 29.07
C THR C 240 -1.46 -9.74 27.59
N PRO C 241 -1.83 -8.82 26.71
CA PRO C 241 -1.77 -9.10 25.28
C PRO C 241 -0.37 -8.95 24.71
N GLY C 242 -0.11 -9.69 23.63
CA GLY C 242 1.09 -9.51 22.84
C GLY C 242 0.91 -8.44 21.79
N ASN C 243 1.95 -8.25 20.99
CA ASN C 243 1.87 -7.32 19.86
C ASN C 243 2.37 -7.97 18.57
N GLY C 244 2.19 -9.28 18.43
CA GLY C 244 2.59 -9.98 17.23
C GLY C 244 1.41 -10.24 16.29
N ARG C 245 1.74 -10.63 15.06
CA ARG C 245 0.76 -11.09 14.09
C ARG C 245 0.39 -12.56 14.28
N PHE C 246 1.04 -13.25 15.21
CA PHE C 246 0.79 -14.67 15.43
C PHE C 246 0.90 -15.02 16.91
N ASP C 247 0.39 -14.16 17.78
CA ASP C 247 0.28 -14.48 19.20
C ASP C 247 -0.88 -15.47 19.42
N VAL C 248 -0.56 -16.64 19.98
CA VAL C 248 -1.57 -17.63 20.33
C VAL C 248 -2.38 -17.14 21.52
N LEU C 249 -3.71 -17.14 21.37
CA LEU C 249 -4.58 -16.67 22.44
C LEU C 249 -4.59 -17.67 23.60
N PRO C 250 -5.02 -17.23 24.78
CA PRO C 250 -5.33 -18.17 25.86
C PRO C 250 -6.75 -18.69 25.73
N LEU C 251 -7.04 -19.74 26.49
CA LEU C 251 -8.35 -20.36 26.49
C LEU C 251 -9.23 -19.73 27.56
N LEU C 252 -10.48 -19.45 27.21
CA LEU C 252 -11.51 -18.99 28.13
C LEU C 252 -12.43 -20.18 28.39
N LEU C 253 -12.19 -20.90 29.48
CA LEU C 253 -12.94 -22.10 29.80
C LEU C 253 -13.98 -21.79 30.87
N GLN C 254 -15.23 -22.19 30.62
CA GLN C 254 -16.35 -21.86 31.49
C GLN C 254 -16.97 -23.14 32.02
N ALA C 255 -17.00 -23.29 33.36
CA ALA C 255 -17.66 -24.33 34.13
C ALA C 255 -19.05 -23.86 34.56
N PRO C 256 -19.99 -24.78 34.83
CA PRO C 256 -21.39 -24.38 35.06
C PRO C 256 -21.55 -23.31 36.13
N ASP C 257 -22.21 -22.22 35.75
CA ASP C 257 -22.60 -21.11 36.62
C ASP C 257 -21.41 -20.37 37.21
N GLU C 258 -20.21 -20.59 36.70
CA GLU C 258 -19.10 -19.76 37.04
C GLU C 258 -18.70 -18.93 35.83
N PRO C 259 -18.14 -17.75 36.03
CA PRO C 259 -17.53 -17.01 34.91
C PRO C 259 -16.41 -17.82 34.29
N PRO C 260 -15.92 -17.44 33.11
CA PRO C 260 -14.84 -18.19 32.50
C PRO C 260 -13.49 -17.85 33.11
N GLU C 261 -12.65 -18.87 33.23
CA GLU C 261 -11.29 -18.69 33.73
C GLU C 261 -10.32 -18.67 32.56
N LEU C 262 -9.26 -17.88 32.73
CA LEU C 262 -8.26 -17.67 31.69
C LEU C 262 -7.13 -18.66 31.89
N PHE C 263 -6.92 -19.52 30.90
CA PHE C 263 -5.89 -20.56 30.95
C PHE C 263 -4.96 -20.39 29.75
N LEU C 264 -3.65 -20.42 30.01
CA LEU C 264 -2.64 -20.27 28.97
C LEU C 264 -2.11 -21.63 28.55
N LEU C 265 -1.99 -21.83 27.24
CA LEU C 265 -1.50 -23.11 26.74
C LEU C 265 0.01 -23.15 26.84
N PRO C 266 0.59 -24.21 27.39
CA PRO C 266 2.05 -24.36 27.39
C PRO C 266 2.59 -24.27 25.97
N PRO C 267 3.61 -23.45 25.74
CA PRO C 267 4.14 -23.31 24.37
C PRO C 267 4.59 -24.62 23.75
N GLU C 268 5.13 -25.55 24.56
CA GLU C 268 5.55 -26.85 24.07
C GLU C 268 4.38 -27.69 23.56
N LEU C 269 3.15 -27.34 23.94
CA LEU C 269 1.97 -28.10 23.51
C LEU C 269 1.55 -27.76 22.09
N VAL C 270 1.78 -26.53 21.64
CA VAL C 270 1.16 -25.98 20.43
C VAL C 270 2.19 -26.08 19.30
N LEU C 271 2.04 -27.08 18.45
CA LEU C 271 2.97 -27.31 17.37
C LEU C 271 2.71 -26.33 16.23
N GLU C 272 3.77 -25.65 15.76
CA GLU C 272 3.63 -24.61 14.75
C GLU C 272 4.59 -24.83 13.60
N VAL C 273 4.18 -24.41 12.40
CA VAL C 273 4.98 -24.59 11.20
C VAL C 273 5.33 -23.23 10.61
N PRO C 274 6.60 -22.84 10.58
CA PRO C 274 6.96 -21.63 9.84
C PRO C 274 6.92 -21.91 8.35
N LEU C 275 6.46 -20.94 7.57
CA LEU C 275 6.14 -21.16 6.17
C LEU C 275 7.30 -20.74 5.29
N GLU C 276 7.78 -21.67 4.48
CA GLU C 276 8.84 -21.44 3.50
CA GLU C 276 8.83 -21.42 3.49
C GLU C 276 8.36 -21.95 2.15
N HIS C 277 8.99 -21.46 1.09
CA HIS C 277 8.66 -21.90 -0.24
C HIS C 277 9.86 -22.62 -0.85
N PRO C 278 9.65 -23.71 -1.57
CA PRO C 278 10.78 -24.50 -2.08
C PRO C 278 11.74 -23.75 -2.98
N THR C 279 11.30 -22.68 -3.67
CA THR C 279 12.21 -21.99 -4.58
C THR C 279 12.24 -20.48 -4.41
N LEU C 280 11.23 -19.85 -3.83
CA LEU C 280 11.23 -18.42 -3.58
C LEU C 280 11.83 -18.19 -2.20
N GLU C 281 13.13 -17.91 -2.16
CA GLU C 281 13.84 -17.79 -0.87
C GLU C 281 13.30 -16.63 -0.03
N TRP C 282 12.81 -15.56 -0.65
CA TRP C 282 12.29 -14.44 0.12
C TRP C 282 11.00 -14.79 0.89
N PHE C 283 10.35 -15.92 0.57
CA PHE C 283 9.04 -16.21 1.17
C PHE C 283 9.14 -16.43 2.68
N ALA C 284 10.23 -17.07 3.15
CA ALA C 284 10.38 -17.26 4.58
C ALA C 284 10.52 -15.94 5.32
N ALA C 285 11.13 -14.94 4.69
CA ALA C 285 11.34 -13.67 5.37
C ALA C 285 10.03 -12.90 5.60
N LEU C 286 8.93 -13.36 4.99
CA LEU C 286 7.65 -12.74 5.28
C LEU C 286 7.18 -13.07 6.69
N GLY C 287 7.78 -14.05 7.35
CA GLY C 287 7.45 -14.34 8.73
C GLY C 287 6.13 -15.03 8.92
N LEU C 288 5.65 -15.78 7.94
CA LEU C 288 4.35 -16.44 8.07
C LEU C 288 4.50 -17.76 8.81
N ARG C 289 3.52 -18.05 9.66
CA ARG C 289 3.43 -19.31 10.38
C ARG C 289 2.00 -19.78 10.33
N TRP C 290 1.79 -21.04 10.69
CA TRP C 290 0.46 -21.52 11.05
C TRP C 290 0.63 -22.71 11.97
N TYR C 291 -0.47 -23.11 12.61
CA TYR C 291 -0.44 -24.18 13.59
C TYR C 291 -0.90 -25.50 12.99
N ALA C 292 -0.45 -26.58 13.63
CA ALA C 292 -0.63 -27.94 13.11
C ALA C 292 -2.06 -28.42 13.25
N LEU C 293 -2.70 -28.15 14.40
CA LEU C 293 -3.91 -28.87 14.78
C LEU C 293 -5.18 -28.05 14.56
N PRO C 294 -6.03 -28.41 13.59
CA PRO C 294 -7.34 -27.74 13.50
C PRO C 294 -8.33 -28.36 14.48
N ALA C 295 -8.65 -27.67 15.57
CA ALA C 295 -9.49 -28.23 16.62
C ALA C 295 -10.60 -27.24 16.96
N VAL C 296 -11.84 -27.61 16.60
CA VAL C 296 -13.00 -26.74 16.75
C VAL C 296 -13.65 -26.98 18.10
N SER C 297 -13.95 -25.89 18.82
CA SER C 297 -14.35 -25.98 20.22
C SER C 297 -15.57 -25.14 20.55
N ASN C 298 -16.38 -24.73 19.57
CA ASN C 298 -17.58 -23.98 19.90
C ASN C 298 -18.84 -24.59 19.28
N MET C 299 -18.75 -25.84 18.81
CA MET C 299 -19.92 -26.53 18.27
C MET C 299 -20.52 -27.49 19.29
N LEU C 300 -21.84 -27.65 19.22
CA LEU C 300 -22.59 -28.48 20.14
C LEU C 300 -22.79 -29.86 19.51
N LEU C 301 -22.51 -30.90 20.28
CA LEU C 301 -22.72 -32.28 19.86
C LEU C 301 -24.06 -32.75 20.36
N GLU C 302 -24.86 -33.36 19.48
CA GLU C 302 -26.20 -33.85 19.81
C GLU C 302 -26.29 -35.34 19.50
N ILE C 303 -26.64 -36.15 20.51
CA ILE C 303 -26.71 -37.62 20.43
C ILE C 303 -27.98 -38.07 21.15
N GLY C 304 -28.90 -38.69 20.41
CA GLY C 304 -30.07 -39.29 21.05
C GLY C 304 -30.85 -38.35 21.93
N GLY C 305 -31.01 -37.10 21.50
CA GLY C 305 -31.69 -36.09 22.27
C GLY C 305 -30.88 -35.46 23.38
N LEU C 306 -29.67 -35.95 23.63
CA LEU C 306 -28.74 -35.32 24.56
C LEU C 306 -27.87 -34.30 23.81
N GLU C 307 -27.41 -33.30 24.54
CA GLU C 307 -26.71 -32.16 23.94
C GLU C 307 -25.44 -31.86 24.74
N PHE C 308 -24.29 -31.88 24.06
CA PHE C 308 -23.02 -31.65 24.73
C PHE C 308 -22.45 -30.34 24.23
N PRO C 309 -22.67 -29.24 24.95
CA PRO C 309 -22.26 -27.92 24.44
C PRO C 309 -20.76 -27.72 24.38
N ALA C 310 -19.98 -28.63 24.94
CA ALA C 310 -18.52 -28.57 24.89
C ALA C 310 -18.04 -29.98 24.55
N ALA C 311 -17.53 -30.14 23.34
CA ALA C 311 -17.02 -31.41 22.85
C ALA C 311 -16.07 -31.14 21.70
N PRO C 312 -14.90 -30.56 22.00
CA PRO C 312 -13.98 -30.18 20.94
C PRO C 312 -13.44 -31.39 20.20
N PHE C 313 -13.32 -31.25 18.88
CA PHE C 313 -12.80 -32.30 18.00
C PHE C 313 -11.68 -31.73 17.15
N SER C 314 -10.88 -32.61 16.58
CA SER C 314 -9.76 -32.18 15.76
C SER C 314 -9.43 -33.25 14.74
N GLY C 315 -8.84 -32.81 13.64
CA GLY C 315 -8.39 -33.74 12.64
C GLY C 315 -7.03 -33.30 12.18
N TRP C 316 -6.94 -32.95 10.90
CA TRP C 316 -5.75 -32.33 10.35
C TRP C 316 -6.18 -31.52 9.13
N TYR C 317 -5.30 -30.62 8.69
CA TYR C 317 -5.69 -29.64 7.67
C TYR C 317 -5.62 -30.19 6.26
N MET C 318 -6.56 -29.75 5.45
CA MET C 318 -6.39 -29.63 4.02
C MET C 318 -5.63 -28.33 3.75
N SER C 319 -4.67 -28.38 2.82
CA SER C 319 -3.77 -27.24 2.67
C SER C 319 -4.50 -26.00 2.19
N THR C 320 -5.60 -26.16 1.42
CA THR C 320 -6.30 -24.97 0.96
C THR C 320 -6.97 -24.22 2.09
N GLU C 321 -7.16 -24.84 3.26
CA GLU C 321 -7.77 -24.11 4.36
C GLU C 321 -6.80 -23.10 4.94
N ILE C 322 -5.52 -23.46 4.96
CA ILE C 322 -4.50 -22.53 5.43
C ILE C 322 -4.15 -21.51 4.35
N GLY C 323 -3.73 -21.99 3.18
CA GLY C 323 -3.12 -21.10 2.21
C GLY C 323 -4.13 -20.18 1.54
N THR C 324 -5.29 -20.73 1.20
CA THR C 324 -6.31 -19.92 0.53
C THR C 324 -7.23 -19.22 1.52
N ARG C 325 -7.83 -19.97 2.46
CA ARG C 325 -8.83 -19.33 3.30
C ARG C 325 -8.20 -18.46 4.38
N ASN C 326 -7.28 -19.00 5.18
CA ASN C 326 -6.82 -18.26 6.34
C ASN C 326 -5.78 -17.18 6.00
N LEU C 327 -4.96 -17.40 4.97
CA LEU C 327 -3.98 -16.37 4.63
C LEU C 327 -4.44 -15.46 3.49
N CYS C 328 -5.39 -15.89 2.65
CA CYS C 328 -5.78 -15.11 1.48
C CYS C 328 -7.19 -14.52 1.50
N ASP C 329 -8.09 -14.96 2.38
CA ASP C 329 -9.39 -14.29 2.45
C ASP C 329 -9.16 -12.80 2.70
N PRO C 330 -9.96 -11.92 2.10
CA PRO C 330 -9.77 -10.48 2.32
C PRO C 330 -9.97 -10.05 3.75
N HIS C 331 -10.71 -10.83 4.53
CA HIS C 331 -11.03 -10.48 5.91
C HIS C 331 -10.26 -11.34 6.90
N ARG C 332 -9.32 -12.14 6.44
CA ARG C 332 -8.37 -12.84 7.30
C ARG C 332 -7.02 -12.17 7.19
N TYR C 333 -5.91 -12.89 6.93
CA TYR C 333 -4.60 -12.25 6.88
C TYR C 333 -4.38 -11.46 5.59
N ASN C 334 -5.07 -11.84 4.51
CA ASN C 334 -5.18 -10.98 3.32
C ASN C 334 -3.79 -10.67 2.74
N ILE C 335 -2.96 -11.71 2.63
CA ILE C 335 -1.55 -11.56 2.23
C ILE C 335 -1.34 -11.59 0.73
N LEU C 336 -2.41 -11.79 -0.06
CA LEU C 336 -2.25 -12.12 -1.47
C LEU C 336 -1.41 -11.08 -2.21
N GLU C 337 -1.75 -9.80 -2.06
CA GLU C 337 -1.08 -8.77 -2.82
C GLU C 337 0.37 -8.61 -2.38
N ASP C 338 0.63 -8.83 -1.08
CA ASP C 338 1.99 -8.85 -0.57
C ASP C 338 2.83 -9.90 -1.28
N VAL C 339 2.28 -11.11 -1.44
CA VAL C 339 3.02 -12.17 -2.13
C VAL C 339 3.18 -11.82 -3.61
N ALA C 340 2.14 -11.25 -4.23
CA ALA C 340 2.22 -10.92 -5.65
C ALA C 340 3.28 -9.83 -5.92
N VAL C 341 3.37 -8.84 -5.04
CA VAL C 341 4.41 -7.82 -5.18
C VAL C 341 5.81 -8.46 -5.14
N CYS C 342 6.04 -9.35 -4.18
CA CYS C 342 7.37 -9.98 -4.07
C CYS C 342 7.68 -10.87 -5.27
N MET C 343 6.67 -11.40 -5.95
CA MET C 343 6.87 -12.15 -7.18
C MET C 343 6.99 -11.26 -8.41
N ASP C 344 6.94 -9.94 -8.26
CA ASP C 344 6.92 -8.99 -9.37
C ASP C 344 5.85 -9.34 -10.41
N LEU C 345 4.62 -9.50 -9.93
CA LEU C 345 3.49 -9.73 -10.81
C LEU C 345 2.86 -8.41 -11.21
N ASP C 346 2.11 -8.42 -12.32
CA ASP C 346 1.42 -7.20 -12.74
C ASP C 346 0.12 -7.08 -11.95
N THR C 347 0.17 -6.38 -10.82
CA THR C 347 -0.98 -6.20 -9.94
C THR C 347 -1.91 -5.09 -10.40
N ARG C 348 -1.63 -4.46 -11.55
CA ARG C 348 -2.41 -3.31 -11.98
C ARG C 348 -3.64 -3.69 -12.80
N THR C 349 -3.67 -4.89 -13.35
CA THR C 349 -4.80 -5.37 -14.12
C THR C 349 -5.17 -6.79 -13.67
N THR C 350 -6.47 -7.09 -13.71
CA THR C 350 -6.92 -8.41 -13.25
C THR C 350 -6.58 -9.50 -14.24
N SER C 351 -6.40 -9.16 -15.52
CA SER C 351 -6.25 -10.20 -16.52
C SER C 351 -4.88 -10.88 -16.52
N SER C 352 -3.89 -10.34 -15.80
CA SER C 352 -2.64 -11.09 -15.66
C SER C 352 -2.82 -12.34 -14.82
N LEU C 353 -3.94 -12.45 -14.11
CA LEU C 353 -4.21 -13.54 -13.18
C LEU C 353 -3.20 -13.56 -12.03
N TRP C 354 -2.77 -12.39 -11.56
CA TRP C 354 -1.78 -12.35 -10.50
C TRP C 354 -2.33 -12.86 -9.18
N LYS C 355 -3.63 -12.71 -8.93
CA LYS C 355 -4.19 -13.29 -7.73
C LYS C 355 -4.11 -14.81 -7.77
N ASP C 356 -4.30 -15.39 -8.95
CA ASP C 356 -4.30 -16.84 -9.09
C ASP C 356 -2.89 -17.39 -8.99
N LYS C 357 -1.92 -16.70 -9.57
CA LYS C 357 -0.55 -17.19 -9.46
C LYS C 357 -0.02 -17.06 -8.04
N ALA C 358 -0.32 -15.94 -7.37
CA ALA C 358 0.13 -15.78 -5.98
C ALA C 358 -0.50 -16.85 -5.09
N ALA C 359 -1.82 -17.07 -5.22
CA ALA C 359 -2.50 -18.06 -4.40
C ALA C 359 -1.88 -19.45 -4.55
N VAL C 360 -1.63 -19.90 -5.79
CA VAL C 360 -1.06 -21.24 -5.98
C VAL C 360 0.30 -21.36 -5.29
N GLU C 361 1.15 -20.36 -5.46
CA GLU C 361 2.43 -20.38 -4.77
C GLU C 361 2.26 -20.40 -3.25
N ILE C 362 1.26 -19.71 -2.70
CA ILE C 362 1.07 -19.73 -1.24
C ILE C 362 0.61 -21.12 -0.80
N ASN C 363 -0.20 -21.78 -1.61
CA ASN C 363 -0.59 -23.14 -1.27
C ASN C 363 0.57 -24.12 -1.45
N VAL C 364 1.46 -23.86 -2.42
CA VAL C 364 2.65 -24.69 -2.57
C VAL C 364 3.55 -24.56 -1.35
N ALA C 365 3.70 -23.35 -0.82
CA ALA C 365 4.55 -23.14 0.33
C ALA C 365 3.96 -23.79 1.58
N VAL C 366 2.63 -23.80 1.70
CA VAL C 366 2.01 -24.48 2.83
C VAL C 366 2.27 -25.98 2.75
N LEU C 367 2.07 -26.58 1.58
CA LEU C 367 2.28 -28.03 1.50
C LEU C 367 3.75 -28.37 1.76
N HIS C 368 4.67 -27.58 1.20
CA HIS C 368 6.10 -27.86 1.33
C HIS C 368 6.57 -27.74 2.77
N SER C 369 6.12 -26.70 3.47
CA SER C 369 6.51 -26.46 4.86
C SER C 369 6.01 -27.56 5.79
N TYR C 370 4.75 -27.97 5.64
CA TYR C 370 4.22 -29.03 6.50
C TYR C 370 4.93 -30.35 6.25
N GLN C 371 5.17 -30.68 4.97
CA GLN C 371 5.87 -31.90 4.63
C GLN C 371 7.29 -31.88 5.19
N LEU C 372 7.96 -30.75 5.08
CA LEU C 372 9.32 -30.62 5.61
C LEU C 372 9.32 -30.80 7.13
N ALA C 373 8.33 -30.23 7.81
CA ALA C 373 8.25 -30.30 9.26
C ALA C 373 7.72 -31.63 9.77
N LYS C 374 7.33 -32.52 8.86
CA LYS C 374 6.73 -33.82 9.20
C LYS C 374 5.42 -33.64 9.99
N VAL C 375 4.61 -32.67 9.57
CA VAL C 375 3.28 -32.47 10.13
C VAL C 375 2.26 -32.93 9.09
N THR C 376 1.29 -33.72 9.51
CA THR C 376 0.26 -34.22 8.59
C THR C 376 -0.46 -33.09 7.88
N ILE C 377 -0.60 -33.23 6.57
CA ILE C 377 -1.36 -32.29 5.75
C ILE C 377 -1.80 -33.04 4.51
N VAL C 378 -2.91 -32.58 3.92
CA VAL C 378 -3.44 -33.21 2.71
C VAL C 378 -3.76 -32.10 1.71
N ASP C 379 -3.46 -32.34 0.44
CA ASP C 379 -3.80 -31.33 -0.56
C ASP C 379 -5.22 -31.57 -1.05
N HIS C 380 -5.80 -30.52 -1.67
CA HIS C 380 -7.20 -30.61 -2.07
C HIS C 380 -7.43 -31.64 -3.16
N HIS C 381 -6.45 -31.94 -4.01
CA HIS C 381 -6.67 -33.03 -4.96
C HIS C 381 -6.78 -34.37 -4.24
N ALA C 382 -5.81 -34.67 -3.36
CA ALA C 382 -5.86 -35.92 -2.62
C ALA C 382 -7.14 -36.02 -1.81
N ALA C 383 -7.53 -34.95 -1.10
CA ALA C 383 -8.69 -34.97 -0.22
C ALA C 383 -9.96 -35.24 -1.01
N THR C 384 -10.19 -34.48 -2.10
CA THR C 384 -11.41 -34.66 -2.87
C THR C 384 -11.50 -36.05 -3.46
N ALA C 385 -10.37 -36.59 -3.95
CA ALA C 385 -10.38 -37.95 -4.46
C ALA C 385 -10.75 -38.98 -3.39
N SER C 386 -10.36 -38.73 -2.14
CA SER C 386 -10.76 -39.67 -1.09
CA SER C 386 -10.76 -39.65 -1.07
C SER C 386 -12.23 -39.47 -0.71
N PHE C 387 -12.76 -38.25 -0.88
CA PHE C 387 -14.18 -38.07 -0.61
C PHE C 387 -15.03 -38.78 -1.66
N MET C 388 -14.59 -38.73 -2.93
CA MET C 388 -15.26 -39.57 -3.93
C MET C 388 -15.32 -41.03 -3.48
N LYS C 389 -14.24 -41.55 -2.90
CA LYS C 389 -14.26 -42.95 -2.46
C LYS C 389 -15.21 -43.13 -1.29
N HIS C 390 -15.20 -42.19 -0.35
CA HIS C 390 -16.19 -42.19 0.72
C HIS C 390 -17.63 -42.20 0.19
N LEU C 391 -17.88 -41.46 -0.89
CA LEU C 391 -19.22 -41.49 -1.51
C LEU C 391 -19.56 -42.88 -2.00
N GLU C 392 -18.60 -43.56 -2.62
CA GLU C 392 -18.82 -44.92 -3.12
C GLU C 392 -19.09 -45.89 -1.97
N ASN C 393 -18.36 -45.75 -0.85
CA ASN C 393 -18.59 -46.64 0.29
C ASN C 393 -19.91 -46.33 0.98
N GLU C 394 -20.24 -45.04 1.14
CA GLU C 394 -21.52 -44.70 1.75
C GLU C 394 -22.71 -45.15 0.90
N GLN C 395 -22.56 -45.15 -0.42
CA GLN C 395 -23.65 -45.61 -1.27
C GLN C 395 -24.02 -47.04 -0.93
N LYS C 396 -23.03 -47.92 -0.81
CA LYS C 396 -23.32 -49.30 -0.42
C LYS C 396 -23.67 -49.43 1.05
N ALA C 397 -23.05 -48.62 1.93
CA ALA C 397 -23.26 -48.75 3.37
C ALA C 397 -24.68 -48.37 3.78
N ARG C 398 -25.16 -47.20 3.33
CA ARG C 398 -26.35 -46.57 3.88
C ARG C 398 -27.30 -46.06 2.82
N GLY C 399 -27.03 -46.32 1.54
CA GLY C 399 -27.88 -45.82 0.48
C GLY C 399 -27.71 -44.36 0.14
N GLY C 400 -26.62 -43.73 0.53
CA GLY C 400 -26.36 -42.36 0.16
C GLY C 400 -25.41 -41.70 1.14
N CYS C 401 -25.33 -40.38 1.03
CA CYS C 401 -24.41 -39.60 1.84
C CYS C 401 -24.73 -38.11 1.73
N PRO C 402 -25.06 -37.45 2.85
CA PRO C 402 -25.34 -36.01 2.81
C PRO C 402 -24.07 -35.19 2.58
N ALA C 403 -24.15 -34.28 1.62
CA ALA C 403 -23.00 -33.50 1.19
C ALA C 403 -23.44 -32.13 0.71
N ASP C 404 -22.71 -31.11 1.14
CA ASP C 404 -22.97 -29.72 0.83
C ASP C 404 -21.93 -29.30 -0.20
N TRP C 405 -22.35 -29.25 -1.46
CA TRP C 405 -21.44 -29.04 -2.59
C TRP C 405 -20.58 -27.79 -2.39
N ALA C 406 -21.18 -26.69 -1.94
CA ALA C 406 -20.46 -25.44 -1.78
C ALA C 406 -19.28 -25.56 -0.85
N TRP C 407 -19.32 -26.52 0.08
CA TRP C 407 -18.27 -26.71 1.03
C TRP C 407 -17.38 -27.90 0.70
N ILE C 408 -17.87 -28.84 -0.11
CA ILE C 408 -17.02 -29.97 -0.46
C ILE C 408 -16.04 -29.56 -1.56
N VAL C 409 -16.49 -28.75 -2.51
CA VAL C 409 -15.60 -28.26 -3.59
C VAL C 409 -14.55 -27.33 -2.98
N PRO C 410 -13.26 -27.52 -3.28
CA PRO C 410 -12.21 -26.68 -2.68
C PRO C 410 -12.33 -25.23 -3.14
N PRO C 411 -11.75 -24.28 -2.39
CA PRO C 411 -11.85 -22.87 -2.78
C PRO C 411 -10.89 -22.41 -3.88
N ILE C 412 -9.99 -23.28 -4.35
CA ILE C 412 -9.21 -23.03 -5.56
C ILE C 412 -9.25 -24.28 -6.41
N SER C 413 -9.17 -24.09 -7.73
CA SER C 413 -9.11 -25.18 -8.69
C SER C 413 -10.29 -26.13 -8.58
N GLY C 414 -11.45 -25.61 -8.15
CA GLY C 414 -12.60 -26.45 -7.86
C GLY C 414 -12.87 -27.48 -8.94
N SER C 415 -12.96 -27.03 -10.19
CA SER C 415 -13.34 -27.90 -11.30
C SER C 415 -12.25 -28.83 -11.76
N LEU C 416 -11.04 -28.70 -11.19
CA LEU C 416 -9.94 -29.64 -11.40
C LEU C 416 -10.04 -30.87 -10.51
N THR C 417 -10.86 -30.84 -9.44
CA THR C 417 -11.07 -31.91 -8.49
C THR C 417 -12.30 -32.74 -8.89
N PRO C 418 -12.38 -34.03 -8.54
CA PRO C 418 -13.48 -34.86 -9.06
C PRO C 418 -14.80 -34.66 -8.34
N VAL C 419 -14.85 -33.83 -7.29
CA VAL C 419 -16.13 -33.52 -6.66
C VAL C 419 -16.91 -32.45 -7.44
N PHE C 420 -16.23 -31.64 -8.26
CA PHE C 420 -16.92 -30.54 -8.95
C PHE C 420 -18.08 -31.03 -9.80
N HIS C 421 -17.89 -32.10 -10.56
CA HIS C 421 -18.91 -32.58 -11.49
C HIS C 421 -19.82 -33.63 -10.87
N GLN C 422 -19.74 -33.82 -9.56
CA GLN C 422 -20.58 -34.74 -8.81
C GLN C 422 -21.79 -33.99 -8.25
N GLU C 423 -22.99 -34.36 -8.67
CA GLU C 423 -24.16 -33.81 -8.01
C GLU C 423 -24.24 -34.33 -6.58
N MET C 424 -24.74 -33.50 -5.68
CA MET C 424 -24.86 -33.90 -4.28
C MET C 424 -26.24 -33.58 -3.72
N VAL C 425 -26.61 -34.32 -2.67
CA VAL C 425 -27.83 -34.10 -1.90
C VAL C 425 -27.43 -33.74 -0.47
N ASN C 426 -27.96 -32.62 0.03
CA ASN C 426 -27.68 -32.13 1.36
C ASN C 426 -28.91 -32.28 2.25
N TYR C 427 -28.73 -32.88 3.43
CA TYR C 427 -29.77 -33.05 4.45
C TYR C 427 -29.13 -33.28 5.83
N PHE C 428 -29.96 -33.21 6.87
CA PHE C 428 -29.49 -33.23 8.25
C PHE C 428 -29.87 -34.57 8.92
N LEU C 429 -28.87 -35.42 9.14
CA LEU C 429 -29.09 -36.61 9.96
C LEU C 429 -28.67 -36.33 11.40
N SER C 430 -29.10 -37.22 12.30
CA SER C 430 -28.68 -37.22 13.70
C SER C 430 -28.11 -38.58 14.04
N PRO C 431 -27.08 -38.66 14.93
CA PRO C 431 -26.33 -37.63 15.67
C PRO C 431 -25.69 -36.59 14.78
N ALA C 432 -25.43 -35.41 15.33
CA ALA C 432 -24.93 -34.30 14.54
C ALA C 432 -24.13 -33.31 15.38
N PHE C 433 -23.24 -32.60 14.70
CA PHE C 433 -22.65 -31.35 15.20
C PHE C 433 -23.51 -30.17 14.73
N ARG C 434 -23.94 -29.32 15.68
CA ARG C 434 -24.73 -28.13 15.39
C ARG C 434 -23.95 -26.89 15.82
N TYR C 435 -24.31 -25.75 15.24
CA TYR C 435 -23.82 -24.48 15.73
C TYR C 435 -24.61 -24.06 16.96
N GLN C 436 -24.05 -23.14 17.74
CA GLN C 436 -24.74 -22.77 18.97
C GLN C 436 -24.46 -21.31 19.27
N PRO C 437 -25.33 -20.66 20.04
CA PRO C 437 -25.10 -19.25 20.35
C PRO C 437 -23.80 -19.09 21.13
N ASP C 438 -23.22 -17.91 21.05
CA ASP C 438 -22.06 -17.60 21.86
C ASP C 438 -22.46 -17.57 23.34
N PRO C 439 -21.52 -17.88 24.24
CA PRO C 439 -21.89 -17.86 25.66
C PRO C 439 -22.10 -16.45 26.19
N TRP C 440 -21.35 -15.48 25.70
CA TRP C 440 -21.50 -14.09 26.10
C TRP C 440 -22.71 -13.43 25.44
N PHE D 28 -38.93 -13.52 5.00
CA PHE D 28 -37.93 -12.99 4.07
C PHE D 28 -36.50 -13.44 4.43
N PRO D 29 -35.84 -14.15 3.51
CA PRO D 29 -34.51 -14.69 3.80
C PRO D 29 -33.48 -13.58 4.00
N ARG D 30 -32.77 -13.65 5.12
CA ARG D 30 -31.65 -12.76 5.42
C ARG D 30 -30.39 -13.26 4.72
N VAL D 31 -29.78 -12.40 3.90
CA VAL D 31 -28.61 -12.76 3.11
C VAL D 31 -27.43 -11.91 3.57
N LYS D 32 -26.27 -12.54 3.71
CA LYS D 32 -25.11 -11.86 4.25
C LYS D 32 -23.93 -11.95 3.29
N ASN D 33 -23.16 -10.87 3.24
CA ASN D 33 -21.85 -10.91 2.64
C ASN D 33 -20.84 -11.11 3.75
N TRP D 34 -20.06 -12.18 3.67
CA TRP D 34 -19.13 -12.50 4.73
C TRP D 34 -17.77 -11.81 4.57
N GLU D 35 -17.49 -11.22 3.41
CA GLU D 35 -16.31 -10.38 3.30
C GLU D 35 -16.55 -9.03 3.95
N VAL D 36 -17.65 -8.38 3.61
CA VAL D 36 -17.91 -7.01 4.02
C VAL D 36 -18.65 -6.95 5.35
N GLY D 37 -19.52 -7.92 5.62
CA GLY D 37 -20.38 -7.91 6.79
C GLY D 37 -21.79 -7.43 6.53
N SER D 38 -22.09 -7.04 5.30
CA SER D 38 -23.38 -6.44 4.99
C SER D 38 -24.50 -7.49 4.96
N ILE D 39 -25.69 -7.05 5.34
CA ILE D 39 -26.87 -7.90 5.49
C ILE D 39 -28.02 -7.27 4.71
N THR D 40 -28.65 -8.05 3.84
CA THR D 40 -29.85 -7.63 3.13
C THR D 40 -30.91 -8.71 3.20
N TYR D 41 -32.15 -8.32 2.88
CA TYR D 41 -33.29 -9.23 2.82
C TYR D 41 -33.78 -9.33 1.38
N ASP D 42 -33.86 -10.55 0.86
CA ASP D 42 -34.39 -10.80 -0.48
C ASP D 42 -35.91 -10.92 -0.38
N THR D 43 -36.59 -9.79 -0.60
CA THR D 43 -38.04 -9.81 -0.65
C THR D 43 -38.57 -10.26 -2.01
N LEU D 44 -37.73 -10.27 -3.04
CA LEU D 44 -38.21 -10.65 -4.37
C LEU D 44 -38.57 -12.13 -4.48
N SER D 45 -37.87 -12.99 -3.73
CA SER D 45 -38.10 -14.43 -3.83
C SER D 45 -39.54 -14.79 -3.52
N ALA D 46 -40.21 -13.98 -2.71
CA ALA D 46 -41.61 -14.23 -2.35
C ALA D 46 -42.53 -14.24 -3.57
N GLN D 47 -42.10 -13.67 -4.69
CA GLN D 47 -42.87 -13.62 -5.92
C GLN D 47 -42.49 -14.72 -6.89
N ALA D 48 -41.64 -15.66 -6.48
CA ALA D 48 -41.31 -16.80 -7.30
C ALA D 48 -42.56 -17.67 -7.48
N GLN D 49 -42.93 -17.91 -8.73
CA GLN D 49 -44.14 -18.66 -8.97
C GLN D 49 -43.82 -20.14 -9.24
N GLN D 50 -42.89 -20.41 -10.14
CA GLN D 50 -42.55 -21.79 -10.45
C GLN D 50 -41.68 -22.40 -9.35
N ASP D 51 -41.89 -23.69 -9.09
CA ASP D 51 -41.23 -24.37 -7.99
C ASP D 51 -39.95 -25.04 -8.45
N GLY D 52 -38.94 -25.02 -7.58
CA GLY D 52 -37.70 -25.69 -7.81
C GLY D 52 -37.63 -27.04 -7.11
N PRO D 53 -36.41 -27.60 -7.02
CA PRO D 53 -36.27 -29.01 -6.63
C PRO D 53 -36.11 -29.27 -5.14
N CYS D 54 -35.94 -28.23 -4.34
CA CYS D 54 -35.56 -28.44 -2.95
C CYS D 54 -36.79 -28.47 -2.07
N THR D 55 -36.67 -29.16 -0.95
CA THR D 55 -37.66 -29.24 0.11
C THR D 55 -36.93 -29.04 1.43
N PRO D 56 -37.64 -28.74 2.52
CA PRO D 56 -36.98 -28.64 3.82
C PRO D 56 -36.30 -29.94 4.24
N ARG D 57 -36.61 -31.04 3.57
CA ARG D 57 -36.04 -32.35 3.86
C ARG D 57 -34.66 -32.55 3.21
N ARG D 58 -34.45 -31.98 2.03
CA ARG D 58 -33.23 -32.21 1.26
C ARG D 58 -33.05 -31.07 0.27
N CYS D 59 -31.84 -30.53 0.18
CA CYS D 59 -31.49 -29.52 -0.81
C CYS D 59 -30.85 -30.19 -2.01
N LEU D 60 -31.35 -29.85 -3.19
CA LEU D 60 -30.83 -30.34 -4.47
C LEU D 60 -30.29 -29.20 -5.31
N GLY D 61 -29.76 -28.18 -4.65
CA GLY D 61 -29.25 -27.03 -5.37
C GLY D 61 -28.09 -27.32 -6.31
N SER D 62 -27.46 -28.50 -6.19
CA SER D 62 -26.32 -28.79 -7.05
C SER D 62 -26.67 -29.56 -8.32
N LEU D 63 -27.94 -29.97 -8.49
CA LEU D 63 -28.33 -30.70 -9.69
C LEU D 63 -28.28 -29.82 -10.93
N VAL D 64 -27.82 -30.37 -12.05
CA VAL D 64 -27.69 -29.58 -13.27
C VAL D 64 -29.06 -29.30 -13.89
N PHE D 65 -29.90 -30.32 -14.03
CA PHE D 65 -31.25 -30.18 -14.60
C PHE D 65 -32.31 -30.51 -13.57
N PRO D 66 -32.88 -29.52 -12.87
CA PRO D 66 -34.02 -29.77 -12.00
C PRO D 66 -35.38 -29.48 -12.66
N ALA D 79 -55.33 -24.79 -21.01
CA ALA D 79 -54.51 -23.63 -20.68
C ALA D 79 -55.27 -22.38 -20.17
N PRO D 80 -56.46 -22.04 -20.78
CA PRO D 80 -56.91 -20.64 -20.82
C PRO D 80 -56.68 -19.80 -19.57
N GLU D 81 -57.06 -20.30 -18.39
CA GLU D 81 -56.95 -19.49 -17.18
C GLU D 81 -55.49 -19.37 -16.71
N GLN D 82 -54.67 -20.39 -16.90
CA GLN D 82 -53.29 -20.27 -16.46
C GLN D 82 -52.47 -19.42 -17.41
N LEU D 83 -52.75 -19.48 -18.71
CA LEU D 83 -52.10 -18.58 -19.65
C LEU D 83 -52.42 -17.13 -19.33
N LEU D 84 -53.68 -16.86 -18.98
CA LEU D 84 -54.13 -15.49 -18.72
C LEU D 84 -53.46 -14.91 -17.48
N SER D 85 -53.38 -15.69 -16.39
CA SER D 85 -52.79 -15.13 -15.18
C SER D 85 -51.29 -14.87 -15.36
N GLN D 86 -50.62 -15.64 -16.23
CA GLN D 86 -49.23 -15.35 -16.57
C GLN D 86 -49.13 -14.12 -17.46
N ALA D 87 -50.07 -13.97 -18.39
CA ALA D 87 -50.06 -12.80 -19.26
C ALA D 87 -50.28 -11.53 -18.46
N ARG D 88 -51.28 -11.55 -17.56
CA ARG D 88 -51.55 -10.37 -16.75
C ARG D 88 -50.33 -9.98 -15.96
N ASP D 89 -49.65 -10.95 -15.36
CA ASP D 89 -48.47 -10.62 -14.58
C ASP D 89 -47.41 -10.00 -15.46
N PHE D 90 -47.21 -10.58 -16.65
CA PHE D 90 -46.21 -10.02 -17.53
C PHE D 90 -46.56 -8.58 -17.91
N ILE D 91 -47.82 -8.34 -18.31
CA ILE D 91 -48.26 -6.98 -18.67
C ILE D 91 -48.03 -6.03 -17.51
N ASN D 92 -48.38 -6.47 -16.29
CA ASN D 92 -48.14 -5.64 -15.11
C ASN D 92 -46.65 -5.37 -14.94
N GLN D 93 -45.80 -6.31 -15.36
CA GLN D 93 -44.37 -6.07 -15.26
C GLN D 93 -43.95 -4.99 -16.25
N TYR D 94 -44.35 -5.15 -17.51
CA TYR D 94 -44.03 -4.16 -18.54
C TYR D 94 -44.49 -2.76 -18.12
N TYR D 95 -45.72 -2.64 -17.63
CA TYR D 95 -46.21 -1.29 -17.36
C TYR D 95 -45.60 -0.69 -16.11
N SER D 96 -45.05 -1.50 -15.22
CA SER D 96 -44.26 -0.96 -14.11
C SER D 96 -42.91 -0.45 -14.59
N SER D 97 -42.25 -1.21 -15.47
CA SER D 97 -40.91 -0.86 -15.93
C SER D 97 -40.89 0.55 -16.50
N ILE D 98 -41.93 0.94 -17.24
CA ILE D 98 -41.97 2.28 -17.81
C ILE D 98 -42.68 3.27 -16.92
N LYS D 99 -43.09 2.85 -15.72
CA LYS D 99 -43.70 3.74 -14.72
C LYS D 99 -45.02 4.32 -15.25
N ARG D 100 -45.93 3.41 -15.60
CA ARG D 100 -47.29 3.76 -16.01
C ARG D 100 -48.26 2.66 -15.58
N SER D 101 -48.28 2.36 -14.26
CA SER D 101 -49.23 1.40 -13.72
CA SER D 101 -49.23 1.39 -13.73
C SER D 101 -50.55 2.08 -13.41
N GLY D 102 -51.65 1.39 -13.72
CA GLY D 102 -52.97 1.97 -13.53
C GLY D 102 -53.42 2.91 -14.62
N SER D 103 -52.57 3.21 -15.59
CA SER D 103 -52.93 4.09 -16.70
C SER D 103 -53.98 3.42 -17.59
N GLN D 104 -54.64 4.26 -18.40
CA GLN D 104 -55.59 3.74 -19.40
C GLN D 104 -54.91 2.71 -20.31
N ALA D 105 -53.74 3.05 -20.85
CA ALA D 105 -53.05 2.12 -21.75
C ALA D 105 -52.82 0.79 -21.08
N HIS D 106 -52.48 0.80 -19.78
CA HIS D 106 -52.26 -0.43 -19.02
C HIS D 106 -53.55 -1.26 -18.95
N GLU D 107 -54.63 -0.64 -18.46
CA GLU D 107 -55.98 -1.23 -18.46
C GLU D 107 -56.37 -1.80 -19.82
N GLN D 108 -56.30 -0.96 -20.86
CA GLN D 108 -56.72 -1.39 -22.19
C GLN D 108 -55.90 -2.59 -22.67
N ARG D 109 -54.58 -2.56 -22.46
CA ARG D 109 -53.75 -3.67 -22.91
C ARG D 109 -54.12 -4.97 -22.21
N LEU D 110 -54.36 -4.91 -20.90
CA LEU D 110 -54.88 -6.08 -20.19
C LEU D 110 -56.18 -6.58 -20.81
N GLN D 111 -57.12 -5.66 -21.08
CA GLN D 111 -58.39 -6.08 -21.66
C GLN D 111 -58.18 -6.63 -23.06
N GLU D 112 -57.27 -6.02 -23.81
CA GLU D 112 -56.93 -6.51 -25.14
C GLU D 112 -56.39 -7.93 -25.09
N VAL D 113 -55.46 -8.20 -24.17
CA VAL D 113 -54.92 -9.56 -24.08
C VAL D 113 -55.99 -10.54 -23.65
N GLU D 114 -56.83 -10.13 -22.69
CA GLU D 114 -57.91 -10.99 -22.20
C GLU D 114 -58.86 -11.39 -23.31
N ALA D 115 -59.13 -10.47 -24.25
CA ALA D 115 -60.04 -10.82 -25.34
C ALA D 115 -59.37 -11.70 -26.37
N GLU D 116 -58.10 -11.46 -26.66
CA GLU D 116 -57.43 -12.26 -27.67
C GLU D 116 -57.29 -13.71 -27.21
N VAL D 117 -56.96 -13.92 -25.92
CA VAL D 117 -56.95 -15.27 -25.35
C VAL D 117 -58.34 -15.91 -25.41
N ALA D 118 -59.40 -15.11 -25.33
CA ALA D 118 -60.75 -15.67 -25.33
C ALA D 118 -61.18 -16.14 -26.71
N ALA D 119 -60.78 -15.44 -27.78
CA ALA D 119 -61.22 -15.79 -29.13
C ALA D 119 -60.29 -16.75 -29.83
N THR D 120 -59.01 -16.79 -29.46
CA THR D 120 -58.04 -17.60 -30.18
C THR D 120 -57.34 -18.63 -29.32
N GLY D 121 -57.41 -18.52 -28.00
CA GLY D 121 -56.65 -19.38 -27.13
C GLY D 121 -55.21 -18.97 -26.91
N THR D 122 -54.71 -17.95 -27.63
CA THR D 122 -53.37 -17.40 -27.42
C THR D 122 -53.40 -15.90 -27.69
N TYR D 123 -52.24 -15.24 -27.60
CA TYR D 123 -52.14 -13.82 -27.94
C TYR D 123 -50.76 -13.53 -28.49
N GLN D 124 -50.57 -12.29 -28.95
CA GLN D 124 -49.32 -11.86 -29.53
C GLN D 124 -48.75 -10.69 -28.74
N LEU D 125 -47.45 -10.74 -28.48
CA LEU D 125 -46.76 -9.64 -27.83
C LEU D 125 -46.64 -8.46 -28.78
N ARG D 126 -46.78 -7.25 -28.25
CA ARG D 126 -46.31 -6.07 -28.95
C ARG D 126 -44.79 -6.11 -29.06
N GLU D 127 -44.25 -5.37 -30.04
CA GLU D 127 -42.81 -5.30 -30.21
C GLU D 127 -42.12 -4.86 -28.92
N SER D 128 -42.65 -3.83 -28.27
CA SER D 128 -42.00 -3.28 -27.08
CA SER D 128 -42.01 -3.27 -27.07
C SER D 128 -42.03 -4.25 -25.90
N GLU D 129 -43.08 -5.09 -25.80
CA GLU D 129 -43.17 -6.10 -24.76
C GLU D 129 -42.21 -7.25 -25.04
N LEU D 130 -41.94 -7.52 -26.31
CA LEU D 130 -40.96 -8.55 -26.65
C LEU D 130 -39.54 -8.11 -26.30
N VAL D 131 -39.20 -6.85 -26.59
CA VAL D 131 -37.89 -6.37 -26.19
C VAL D 131 -37.75 -6.42 -24.69
N PHE D 132 -38.80 -6.01 -23.97
CA PHE D 132 -38.77 -6.01 -22.52
C PHE D 132 -38.71 -7.42 -21.93
N GLY D 133 -39.45 -8.37 -22.53
CA GLY D 133 -39.46 -9.72 -22.00
C GLY D 133 -38.11 -10.40 -22.15
N ALA D 134 -37.46 -10.24 -23.30
CA ALA D 134 -36.16 -10.89 -23.52
C ALA D 134 -35.11 -10.37 -22.53
N LYS D 135 -35.07 -9.05 -22.31
CA LYS D 135 -34.15 -8.51 -21.32
C LYS D 135 -34.46 -9.02 -19.93
N GLN D 136 -35.75 -9.17 -19.61
CA GLN D 136 -36.13 -9.66 -18.30
C GLN D 136 -35.72 -11.11 -18.12
N ALA D 137 -35.82 -11.92 -19.18
CA ALA D 137 -35.42 -13.31 -19.06
C ALA D 137 -33.93 -13.42 -18.74
N TRP D 138 -33.11 -12.63 -19.41
CA TRP D 138 -31.68 -12.57 -19.09
C TRP D 138 -31.48 -12.12 -17.65
N ARG D 139 -32.11 -11.01 -17.27
CA ARG D 139 -32.00 -10.48 -15.92
C ARG D 139 -32.41 -11.51 -14.86
N ASN D 140 -33.33 -12.42 -15.20
CA ASN D 140 -33.79 -13.41 -14.24
C ASN D 140 -32.95 -14.68 -14.24
N ALA D 141 -31.94 -14.78 -15.09
CA ALA D 141 -31.27 -16.06 -15.27
C ALA D 141 -30.31 -16.31 -14.10
N PRO D 142 -30.60 -17.27 -13.21
CA PRO D 142 -29.89 -17.31 -11.92
C PRO D 142 -28.43 -17.70 -12.05
N ARG D 143 -28.06 -18.53 -13.03
CA ARG D 143 -26.69 -18.99 -13.22
C ARG D 143 -25.82 -18.08 -14.06
N CYS D 144 -26.29 -16.88 -14.47
CA CYS D 144 -25.54 -16.00 -15.36
C CYS D 144 -24.81 -14.92 -14.57
N VAL D 145 -23.47 -14.88 -14.70
CA VAL D 145 -22.66 -13.89 -13.99
C VAL D 145 -22.53 -12.59 -14.77
N GLY D 146 -22.90 -12.57 -16.06
CA GLY D 146 -22.78 -11.35 -16.84
C GLY D 146 -24.02 -10.45 -16.89
N ARG D 147 -24.90 -10.57 -15.90
CA ARG D 147 -26.14 -9.82 -15.95
C ARG D 147 -25.99 -8.33 -15.71
N ILE D 148 -24.80 -7.80 -15.38
CA ILE D 148 -24.67 -6.35 -15.28
C ILE D 148 -25.09 -5.71 -16.60
N GLN D 149 -24.96 -6.44 -17.70
CA GLN D 149 -25.24 -5.96 -19.04
C GLN D 149 -26.72 -6.09 -19.48
N TRP D 150 -27.62 -6.56 -18.61
CA TRP D 150 -28.91 -7.08 -19.10
C TRP D 150 -29.70 -6.04 -19.89
N GLY D 151 -29.53 -4.75 -19.59
CA GLY D 151 -30.28 -3.71 -20.29
C GLY D 151 -29.75 -3.34 -21.67
N LYS D 152 -28.54 -3.76 -22.03
CA LYS D 152 -27.98 -3.41 -23.33
C LYS D 152 -28.00 -4.63 -24.25
N LEU D 153 -29.14 -5.28 -24.31
CA LEU D 153 -29.36 -6.42 -25.18
C LEU D 153 -30.08 -5.94 -26.44
N GLN D 154 -29.58 -6.35 -27.60
CA GLN D 154 -30.17 -6.01 -28.89
C GLN D 154 -31.10 -7.14 -29.29
N VAL D 155 -32.38 -6.81 -29.48
CA VAL D 155 -33.44 -7.80 -29.70
C VAL D 155 -33.81 -7.77 -31.18
N PHE D 156 -33.56 -8.87 -31.89
CA PHE D 156 -33.98 -8.98 -33.28
C PHE D 156 -35.32 -9.73 -33.35
N ASP D 157 -36.33 -9.06 -33.89
CA ASP D 157 -37.66 -9.66 -34.03
C ASP D 157 -37.72 -10.47 -35.32
N ALA D 158 -37.74 -11.80 -35.20
CA ALA D 158 -37.87 -12.67 -36.36
C ALA D 158 -39.18 -13.45 -36.32
N ARG D 159 -40.23 -12.88 -35.72
CA ARG D 159 -41.47 -13.63 -35.56
C ARG D 159 -42.24 -13.80 -36.87
N ASP D 160 -41.90 -13.07 -37.92
CA ASP D 160 -42.56 -13.29 -39.20
C ASP D 160 -41.80 -14.28 -40.07
N CYS D 161 -40.74 -14.91 -39.51
CA CYS D 161 -39.94 -15.87 -40.27
C CYS D 161 -40.81 -17.02 -40.74
N ARG D 162 -40.51 -17.55 -41.93
CA ARG D 162 -41.41 -18.47 -42.59
C ARG D 162 -40.79 -19.76 -43.11
N SER D 163 -39.48 -19.92 -43.06
CA SER D 163 -38.88 -21.15 -43.56
C SER D 163 -37.51 -21.33 -42.92
N ALA D 164 -36.91 -22.49 -43.18
CA ALA D 164 -35.58 -22.74 -42.63
C ALA D 164 -34.54 -21.87 -43.33
N GLN D 165 -34.77 -21.52 -44.59
CA GLN D 165 -33.85 -20.63 -45.28
C GLN D 165 -33.86 -19.22 -44.68
N GLU D 166 -35.06 -18.69 -44.38
CA GLU D 166 -35.13 -17.38 -43.74
C GLU D 166 -34.56 -17.42 -42.34
N MET D 167 -34.70 -18.57 -41.65
CA MET D 167 -34.02 -18.77 -40.38
C MET D 167 -32.53 -18.51 -40.53
N PHE D 168 -31.90 -19.13 -41.52
CA PHE D 168 -30.46 -18.99 -41.73
C PHE D 168 -30.06 -17.54 -41.96
N THR D 169 -30.84 -16.82 -42.77
CA THR D 169 -30.55 -15.41 -42.99
C THR D 169 -30.63 -14.61 -41.69
N TYR D 170 -31.65 -14.88 -40.87
CA TYR D 170 -31.71 -14.25 -39.57
C TYR D 170 -30.49 -14.59 -38.71
N ILE D 171 -30.01 -15.83 -38.78
CA ILE D 171 -28.94 -16.26 -37.88
C ILE D 171 -27.62 -15.65 -38.31
N CYS D 172 -27.35 -15.64 -39.62
CA CYS D 172 -26.17 -14.99 -40.15
C CYS D 172 -26.13 -13.51 -39.79
N ASN D 173 -27.27 -12.81 -39.93
CA ASN D 173 -27.35 -11.41 -39.50
C ASN D 173 -27.02 -11.27 -38.02
N HIS D 174 -27.51 -12.20 -37.19
CA HIS D 174 -27.23 -12.13 -35.76
C HIS D 174 -25.73 -12.28 -35.50
N ILE D 175 -25.09 -13.25 -36.15
CA ILE D 175 -23.67 -13.50 -35.97
C ILE D 175 -22.86 -12.29 -36.42
N LYS D 176 -23.23 -11.72 -37.56
CA LYS D 176 -22.59 -10.50 -38.01
C LYS D 176 -22.68 -9.42 -36.96
N TYR D 177 -23.91 -9.08 -36.54
CA TYR D 177 -24.09 -7.98 -35.60
C TYR D 177 -23.33 -8.24 -34.30
N ALA D 178 -23.46 -9.43 -33.73
CA ALA D 178 -22.93 -9.67 -32.39
C ALA D 178 -21.41 -9.78 -32.39
N THR D 179 -20.84 -10.35 -33.47
CA THR D 179 -19.38 -10.44 -33.55
C THR D 179 -18.76 -9.06 -33.72
N ASN D 180 -19.26 -8.30 -34.71
CA ASN D 180 -18.89 -6.92 -34.91
C ASN D 180 -17.36 -6.80 -34.94
N ARG D 181 -16.76 -7.68 -35.75
CA ARG D 181 -15.33 -7.79 -36.02
C ARG D 181 -14.49 -7.82 -34.73
N GLY D 182 -15.05 -8.35 -33.64
CA GLY D 182 -14.32 -8.56 -32.41
C GLY D 182 -14.78 -7.73 -31.24
N ASN D 183 -15.50 -6.64 -31.47
CA ASN D 183 -16.09 -5.85 -30.39
C ASN D 183 -17.50 -6.40 -30.16
N LEU D 184 -17.61 -7.39 -29.28
CA LEU D 184 -18.82 -8.18 -29.22
C LEU D 184 -19.97 -7.39 -28.62
N ARG D 185 -21.17 -7.72 -29.08
CA ARG D 185 -22.40 -7.03 -28.69
C ARG D 185 -23.46 -8.07 -28.38
N SER D 186 -24.09 -7.97 -27.22
CA SER D 186 -25.09 -8.95 -26.82
C SER D 186 -26.30 -8.88 -27.74
N ALA D 187 -26.86 -10.04 -28.06
CA ALA D 187 -28.03 -10.03 -28.93
C ALA D 187 -28.86 -11.29 -28.71
N ILE D 188 -30.13 -11.20 -29.11
CA ILE D 188 -31.03 -12.35 -29.16
C ILE D 188 -31.92 -12.20 -30.40
N THR D 189 -32.15 -13.31 -31.09
CA THR D 189 -33.08 -13.34 -32.21
C THR D 189 -34.22 -14.29 -31.82
N VAL D 190 -35.46 -13.81 -31.85
CA VAL D 190 -36.57 -14.67 -31.43
C VAL D 190 -37.43 -15.01 -32.64
N PHE D 191 -37.43 -16.30 -32.96
CA PHE D 191 -38.21 -16.86 -34.05
C PHE D 191 -39.65 -17.04 -33.58
N PRO D 192 -40.55 -17.51 -34.45
CA PRO D 192 -41.98 -17.53 -34.09
C PRO D 192 -42.32 -18.34 -32.84
N GLN D 193 -43.33 -17.88 -32.13
CA GLN D 193 -43.74 -18.56 -30.91
C GLN D 193 -44.43 -19.88 -31.22
N ARG D 194 -44.45 -20.74 -30.22
CA ARG D 194 -45.15 -22.01 -30.31
C ARG D 194 -46.64 -21.77 -30.32
N CYS D 195 -47.34 -22.43 -31.23
CA CYS D 195 -48.77 -22.26 -31.32
C CYS D 195 -49.43 -23.58 -31.72
N PRO D 196 -50.65 -23.83 -31.23
CA PRO D 196 -51.31 -25.10 -31.53
C PRO D 196 -51.56 -25.26 -33.03
N GLY D 197 -51.34 -26.47 -33.52
CA GLY D 197 -51.58 -26.80 -34.90
C GLY D 197 -50.38 -26.68 -35.83
N ARG D 198 -49.23 -26.25 -35.31
CA ARG D 198 -48.03 -26.06 -36.11
C ARG D 198 -46.89 -26.64 -35.29
N GLY D 199 -45.93 -27.28 -35.95
CA GLY D 199 -44.70 -27.63 -35.26
C GLY D 199 -43.91 -26.40 -34.87
N ASP D 200 -42.88 -26.61 -34.06
CA ASP D 200 -42.01 -25.55 -33.58
C ASP D 200 -40.89 -25.25 -34.57
N PHE D 201 -40.48 -23.98 -34.62
CA PHE D 201 -39.12 -23.70 -35.08
C PHE D 201 -38.12 -24.23 -34.05
N ARG D 202 -37.08 -24.94 -34.50
CA ARG D 202 -35.99 -25.34 -33.61
C ARG D 202 -34.65 -25.23 -34.31
N ILE D 203 -33.63 -24.87 -33.53
CA ILE D 203 -32.23 -24.98 -33.94
C ILE D 203 -31.67 -26.22 -33.25
N TRP D 204 -31.28 -27.22 -34.03
CA TRP D 204 -30.84 -28.48 -33.43
C TRP D 204 -29.51 -28.34 -32.70
N ASN D 205 -28.64 -27.41 -33.12
CA ASN D 205 -27.38 -27.18 -32.43
C ASN D 205 -27.59 -26.46 -31.10
N SER D 206 -26.75 -26.83 -30.11
CA SER D 206 -26.78 -26.19 -28.80
C SER D 206 -26.14 -24.82 -28.82
N GLN D 207 -25.19 -24.59 -29.71
CA GLN D 207 -24.64 -23.25 -29.89
C GLN D 207 -24.51 -23.00 -31.38
N LEU D 208 -24.58 -21.72 -31.77
CA LEU D 208 -24.49 -21.39 -33.20
C LEU D 208 -23.13 -21.77 -33.78
N VAL D 209 -22.09 -21.75 -32.95
CA VAL D 209 -20.74 -22.07 -33.39
C VAL D 209 -20.22 -23.17 -32.48
N ARG D 210 -19.94 -24.35 -33.04
CA ARG D 210 -19.43 -25.48 -32.26
C ARG D 210 -18.43 -26.25 -33.11
N TYR D 211 -17.48 -26.92 -32.45
CA TYR D 211 -16.50 -27.72 -33.15
C TYR D 211 -16.98 -29.17 -33.25
N ALA D 212 -16.83 -29.75 -34.43
CA ALA D 212 -17.19 -31.15 -34.62
C ALA D 212 -16.41 -32.02 -33.63
N GLY D 213 -17.02 -33.14 -33.26
CA GLY D 213 -16.38 -34.14 -32.43
C GLY D 213 -16.62 -35.51 -33.04
N TYR D 214 -15.57 -36.12 -33.55
CA TYR D 214 -15.67 -37.37 -34.29
C TYR D 214 -15.30 -38.55 -33.39
N ARG D 215 -16.20 -39.53 -33.29
CA ARG D 215 -15.82 -40.80 -32.67
C ARG D 215 -14.64 -41.40 -33.41
N GLN D 216 -13.65 -41.86 -32.66
CA GLN D 216 -12.48 -42.44 -33.27
C GLN D 216 -12.57 -43.96 -33.23
N GLN D 217 -11.47 -44.62 -33.60
CA GLN D 217 -11.43 -46.08 -33.66
C GLN D 217 -11.83 -46.70 -32.32
N ASP D 218 -11.06 -46.40 -31.28
CA ASP D 218 -11.19 -47.05 -29.98
C ASP D 218 -12.06 -46.22 -29.02
N GLY D 219 -13.30 -45.95 -29.46
CA GLY D 219 -14.27 -45.25 -28.65
C GLY D 219 -13.86 -43.86 -28.19
N SER D 220 -12.71 -43.37 -28.66
CA SER D 220 -12.23 -42.06 -28.27
C SER D 220 -12.89 -40.99 -29.14
N VAL D 221 -12.41 -39.75 -29.04
CA VAL D 221 -12.99 -38.62 -29.76
C VAL D 221 -11.86 -37.71 -30.25
N ARG D 222 -11.95 -37.29 -31.51
CA ARG D 222 -11.13 -36.20 -32.02
C ARG D 222 -12.02 -34.97 -32.19
N GLY D 223 -11.52 -33.82 -31.74
CA GLY D 223 -12.32 -32.62 -31.65
C GLY D 223 -12.97 -32.52 -30.29
N ASP D 224 -14.17 -31.93 -30.24
CA ASP D 224 -14.84 -31.67 -28.99
C ASP D 224 -15.77 -32.82 -28.64
N PRO D 225 -15.59 -33.50 -27.50
CA PRO D 225 -16.48 -34.63 -27.18
C PRO D 225 -17.88 -34.22 -26.79
N ALA D 226 -18.06 -33.00 -26.29
CA ALA D 226 -19.39 -32.50 -26.00
C ALA D 226 -20.30 -32.51 -27.22
N ASN D 227 -19.74 -32.64 -28.42
CA ASN D 227 -20.49 -32.43 -29.66
C ASN D 227 -20.52 -33.67 -30.54
N VAL D 228 -20.36 -34.86 -29.96
CA VAL D 228 -20.32 -36.05 -30.79
C VAL D 228 -21.71 -36.41 -31.30
N GLU D 229 -22.74 -36.23 -30.48
CA GLU D 229 -24.08 -36.57 -30.91
C GLU D 229 -24.52 -35.65 -32.03
N ILE D 230 -24.37 -34.33 -31.83
CA ILE D 230 -24.78 -33.38 -32.85
C ILE D 230 -23.95 -33.56 -34.10
N THR D 231 -22.70 -33.99 -33.96
CA THR D 231 -21.86 -34.25 -35.13
C THR D 231 -22.40 -35.43 -35.93
N GLU D 232 -22.77 -36.51 -35.24
CA GLU D 232 -23.35 -37.66 -35.91
C GLU D 232 -24.64 -37.30 -36.64
N LEU D 233 -25.43 -36.40 -36.06
CA LEU D 233 -26.66 -35.96 -36.72
C LEU D 233 -26.35 -35.13 -37.97
N CYS D 234 -25.28 -34.33 -37.95
CA CYS D 234 -24.92 -33.59 -39.15
C CYS D 234 -24.49 -34.51 -40.28
N ILE D 235 -23.68 -35.53 -39.96
CA ILE D 235 -23.35 -36.55 -40.96
C ILE D 235 -24.62 -37.20 -41.48
N GLN D 236 -25.44 -37.73 -40.56
CA GLN D 236 -26.68 -38.41 -40.92
C GLN D 236 -27.52 -37.58 -41.88
N HIS D 237 -27.58 -36.26 -41.67
CA HIS D 237 -28.29 -35.37 -42.55
C HIS D 237 -27.43 -34.85 -43.70
N GLY D 238 -26.27 -35.45 -43.93
CA GLY D 238 -25.53 -35.23 -45.16
C GLY D 238 -24.52 -34.09 -45.17
N TRP D 239 -23.67 -34.01 -44.14
CA TRP D 239 -22.55 -33.09 -44.13
C TRP D 239 -21.27 -33.86 -44.40
N THR D 240 -20.40 -33.30 -45.23
CA THR D 240 -19.09 -33.90 -45.43
C THR D 240 -18.21 -33.54 -44.24
N PRO D 241 -17.82 -34.51 -43.42
CA PRO D 241 -17.09 -34.19 -42.20
C PRO D 241 -15.65 -33.82 -42.49
N GLY D 242 -15.04 -33.12 -41.54
CA GLY D 242 -13.60 -32.96 -41.52
C GLY D 242 -12.95 -34.04 -40.68
N ASN D 243 -11.62 -33.94 -40.56
CA ASN D 243 -10.87 -34.78 -39.64
C ASN D 243 -10.03 -33.94 -38.68
N GLY D 244 -10.38 -32.67 -38.49
CA GLY D 244 -9.63 -31.80 -37.60
C GLY D 244 -10.18 -31.78 -36.19
N ARG D 245 -9.45 -31.08 -35.32
CA ARG D 245 -9.88 -30.87 -33.95
C ARG D 245 -10.67 -29.57 -33.78
N PHE D 246 -10.73 -28.72 -34.80
CA PHE D 246 -11.49 -27.49 -34.68
C PHE D 246 -12.30 -27.23 -35.96
N ASP D 247 -13.06 -28.24 -36.39
CA ASP D 247 -13.94 -28.10 -37.55
C ASP D 247 -15.27 -27.51 -37.10
N VAL D 248 -15.58 -26.31 -37.59
CA VAL D 248 -16.86 -25.69 -37.26
C VAL D 248 -18.00 -26.51 -37.86
N LEU D 249 -18.99 -26.85 -37.03
CA LEU D 249 -20.13 -27.66 -37.46
C LEU D 249 -21.14 -26.83 -38.26
N PRO D 250 -21.85 -27.46 -39.19
CA PRO D 250 -22.98 -26.79 -39.85
C PRO D 250 -24.19 -26.73 -38.93
N LEU D 251 -25.09 -25.81 -39.27
CA LEU D 251 -26.36 -25.69 -38.54
C LEU D 251 -27.39 -26.67 -39.09
N LEU D 252 -28.14 -27.30 -38.19
CA LEU D 252 -29.35 -28.06 -38.53
C LEU D 252 -30.54 -27.22 -38.08
N LEU D 253 -31.27 -26.68 -39.05
CA LEU D 253 -32.41 -25.80 -38.81
C LEU D 253 -33.70 -26.52 -39.10
N GLN D 254 -34.67 -26.40 -38.20
CA GLN D 254 -35.96 -27.09 -38.33
C GLN D 254 -37.04 -26.03 -38.43
N ALA D 255 -37.66 -25.92 -39.62
CA ALA D 255 -38.89 -25.16 -39.79
C ALA D 255 -40.08 -26.05 -39.42
N PRO D 256 -41.20 -25.46 -39.01
CA PRO D 256 -42.34 -26.25 -38.53
C PRO D 256 -42.74 -27.36 -39.50
N ASP D 257 -42.76 -28.59 -38.98
CA ASP D 257 -43.34 -29.74 -39.66
C ASP D 257 -42.51 -30.17 -40.87
N GLU D 258 -41.21 -29.90 -40.83
CA GLU D 258 -40.29 -30.31 -41.87
C GLU D 258 -39.05 -30.86 -41.20
N PRO D 259 -38.39 -31.85 -41.81
CA PRO D 259 -37.12 -32.35 -41.27
C PRO D 259 -36.07 -31.24 -41.21
N PRO D 260 -35.05 -31.39 -40.38
CA PRO D 260 -34.08 -30.31 -40.23
C PRO D 260 -33.23 -30.17 -41.47
N GLU D 261 -32.83 -28.94 -41.77
CA GLU D 261 -32.03 -28.64 -42.94
C GLU D 261 -30.62 -28.24 -42.56
N LEU D 262 -29.68 -28.63 -43.41
CA LEU D 262 -28.27 -28.36 -43.21
C LEU D 262 -27.90 -27.03 -43.86
N PHE D 263 -27.21 -26.18 -43.10
CA PHE D 263 -26.71 -24.89 -43.57
C PHE D 263 -25.29 -24.71 -43.08
N LEU D 264 -24.35 -24.51 -44.01
CA LEU D 264 -22.96 -24.26 -43.63
C LEU D 264 -22.73 -22.79 -43.32
N LEU D 265 -21.97 -22.53 -42.30
CA LEU D 265 -21.69 -21.14 -41.99
C LEU D 265 -20.58 -20.62 -42.89
N PRO D 266 -20.69 -19.39 -43.37
CA PRO D 266 -19.60 -18.77 -44.14
C PRO D 266 -18.36 -18.64 -43.28
N PRO D 267 -17.26 -19.30 -43.68
CA PRO D 267 -16.04 -19.25 -42.87
C PRO D 267 -15.64 -17.85 -42.42
N GLU D 268 -15.92 -16.83 -43.22
CA GLU D 268 -15.58 -15.46 -42.85
C GLU D 268 -16.58 -14.85 -41.89
N LEU D 269 -17.58 -15.60 -41.46
CA LEU D 269 -18.51 -15.16 -40.45
C LEU D 269 -18.16 -15.67 -39.07
N VAL D 270 -17.39 -16.76 -38.98
CA VAL D 270 -16.97 -17.38 -37.73
C VAL D 270 -15.59 -16.84 -37.37
N LEU D 271 -15.55 -15.90 -36.44
CA LEU D 271 -14.30 -15.34 -35.96
C LEU D 271 -13.69 -16.27 -34.92
N GLU D 272 -12.41 -16.58 -35.06
CA GLU D 272 -11.70 -17.51 -34.19
C GLU D 272 -10.39 -16.88 -33.73
N VAL D 273 -9.94 -17.30 -32.55
CA VAL D 273 -8.72 -16.76 -31.97
C VAL D 273 -7.72 -17.91 -31.83
N PRO D 274 -6.60 -17.87 -32.53
CA PRO D 274 -5.51 -18.82 -32.25
C PRO D 274 -4.93 -18.53 -30.89
N LEU D 275 -4.67 -19.60 -30.13
CA LEU D 275 -4.21 -19.46 -28.77
C LEU D 275 -2.69 -19.50 -28.73
N GLU D 276 -2.09 -18.49 -28.11
CA GLU D 276 -0.67 -18.51 -27.83
C GLU D 276 -0.45 -17.93 -26.44
N HIS D 277 0.76 -18.12 -25.93
CA HIS D 277 0.98 -17.71 -24.55
C HIS D 277 2.02 -16.60 -24.51
N PRO D 278 1.86 -15.62 -23.62
CA PRO D 278 2.80 -14.48 -23.63
C PRO D 278 4.26 -14.87 -23.45
N THR D 279 4.57 -15.71 -22.47
CA THR D 279 5.96 -16.06 -22.18
C THR D 279 6.27 -17.52 -22.40
N LEU D 280 5.33 -18.34 -22.90
CA LEU D 280 5.61 -19.75 -23.19
C LEU D 280 5.40 -19.97 -24.69
N GLU D 281 6.50 -19.83 -25.44
CA GLU D 281 6.45 -19.76 -26.89
C GLU D 281 6.09 -21.08 -27.54
N TRP D 282 6.39 -22.21 -26.88
CA TRP D 282 5.98 -23.50 -27.43
C TRP D 282 4.47 -23.68 -27.40
N PHE D 283 3.77 -22.92 -26.57
CA PHE D 283 2.33 -23.09 -26.44
C PHE D 283 1.64 -22.92 -27.79
N ALA D 284 2.15 -22.00 -28.61
CA ALA D 284 1.52 -21.76 -29.90
C ALA D 284 1.57 -23.02 -30.77
N ALA D 285 2.58 -23.88 -30.53
CA ALA D 285 2.72 -25.10 -31.32
C ALA D 285 1.66 -26.15 -30.98
N LEU D 286 0.97 -26.03 -29.84
CA LEU D 286 -0.15 -26.94 -29.55
C LEU D 286 -1.27 -26.83 -30.59
N GLY D 287 -1.32 -25.74 -31.35
CA GLY D 287 -2.32 -25.59 -32.39
C GLY D 287 -3.71 -25.32 -31.88
N LEU D 288 -3.83 -24.69 -30.71
CA LEU D 288 -5.11 -24.46 -30.10
C LEU D 288 -5.74 -23.16 -30.62
N ARG D 289 -7.06 -23.18 -30.71
CA ARG D 289 -7.86 -22.04 -31.13
C ARG D 289 -9.22 -22.19 -30.47
N TRP D 290 -9.95 -21.08 -30.38
CA TRP D 290 -11.34 -21.13 -29.97
C TRP D 290 -12.07 -20.07 -30.78
N TYR D 291 -13.41 -20.18 -30.80
CA TYR D 291 -14.20 -19.20 -31.51
C TYR D 291 -14.54 -18.02 -30.62
N ALA D 292 -14.86 -16.89 -31.25
CA ALA D 292 -15.07 -15.65 -30.52
C ALA D 292 -16.43 -15.60 -29.83
N LEU D 293 -17.45 -16.21 -30.44
CA LEU D 293 -18.84 -15.90 -30.10
C LEU D 293 -19.54 -17.07 -29.42
N PRO D 294 -19.87 -16.97 -28.11
CA PRO D 294 -20.70 -17.98 -27.43
C PRO D 294 -22.18 -17.67 -27.65
N ALA D 295 -22.87 -18.55 -28.37
CA ALA D 295 -24.25 -18.26 -28.79
C ALA D 295 -25.12 -19.48 -28.56
N VAL D 296 -25.84 -19.48 -27.45
CA VAL D 296 -26.69 -20.59 -27.07
C VAL D 296 -27.98 -20.54 -27.86
N SER D 297 -28.32 -21.67 -28.49
CA SER D 297 -29.41 -21.76 -29.44
C SER D 297 -30.47 -22.81 -29.08
N ASN D 298 -30.35 -23.50 -27.97
CA ASN D 298 -31.27 -24.60 -27.69
C ASN D 298 -32.12 -24.39 -26.45
N MET D 299 -32.13 -23.20 -25.88
CA MET D 299 -33.05 -22.99 -24.77
C MET D 299 -34.38 -22.42 -25.28
N LEU D 300 -35.38 -22.45 -24.40
CA LEU D 300 -36.70 -21.92 -24.71
C LEU D 300 -36.88 -20.62 -23.96
N LEU D 301 -37.34 -19.60 -24.66
CA LEU D 301 -37.63 -18.31 -24.05
C LEU D 301 -39.13 -18.26 -23.76
N GLU D 302 -39.47 -17.90 -22.52
CA GLU D 302 -40.84 -17.90 -22.05
C GLU D 302 -41.15 -16.50 -21.59
N ILE D 303 -42.18 -15.90 -22.20
CA ILE D 303 -42.62 -14.54 -21.89
C ILE D 303 -44.13 -14.52 -21.77
N GLY D 304 -44.62 -14.14 -20.59
CA GLY D 304 -46.07 -13.99 -20.40
C GLY D 304 -46.90 -15.22 -20.73
N GLY D 305 -46.35 -16.41 -20.51
CA GLY D 305 -47.02 -17.63 -20.88
C GLY D 305 -46.76 -18.10 -22.28
N LEU D 306 -46.30 -17.22 -23.16
CA LEU D 306 -45.93 -17.63 -24.51
C LEU D 306 -44.55 -18.26 -24.48
N GLU D 307 -44.33 -19.18 -25.42
CA GLU D 307 -43.11 -19.96 -25.46
C GLU D 307 -42.46 -19.77 -26.82
N PHE D 308 -41.14 -19.53 -26.82
CA PHE D 308 -40.37 -19.33 -28.04
C PHE D 308 -39.27 -20.39 -28.07
N PRO D 309 -39.56 -21.58 -28.62
CA PRO D 309 -38.58 -22.68 -28.58
C PRO D 309 -37.34 -22.43 -29.41
N ALA D 310 -37.29 -21.37 -30.20
CA ALA D 310 -36.12 -21.04 -31.00
C ALA D 310 -35.89 -19.56 -30.81
N ALA D 311 -34.86 -19.21 -30.02
CA ALA D 311 -34.49 -17.83 -29.74
C ALA D 311 -33.02 -17.74 -29.36
N PRO D 312 -32.12 -17.92 -30.32
CA PRO D 312 -30.68 -17.97 -29.98
C PRO D 312 -30.22 -16.64 -29.40
N PHE D 313 -29.36 -16.71 -28.38
CA PHE D 313 -28.83 -15.52 -27.73
C PHE D 313 -27.32 -15.65 -27.53
N SER D 314 -26.65 -14.51 -27.39
CA SER D 314 -25.19 -14.56 -27.34
C SER D 314 -24.66 -13.34 -26.61
N GLY D 315 -23.48 -13.51 -26.01
CA GLY D 315 -22.78 -12.39 -25.39
C GLY D 315 -21.30 -12.46 -25.71
N TRP D 316 -20.45 -12.41 -24.70
CA TRP D 316 -19.03 -12.66 -24.88
C TRP D 316 -18.55 -13.62 -23.80
N TYR D 317 -17.35 -14.18 -24.02
CA TYR D 317 -16.84 -15.23 -23.16
C TYR D 317 -16.25 -14.65 -21.90
N MET D 318 -16.38 -15.39 -20.80
CA MET D 318 -15.50 -15.25 -19.65
C MET D 318 -14.37 -16.27 -19.78
N SER D 319 -13.12 -15.83 -19.58
CA SER D 319 -11.96 -16.65 -19.96
C SER D 319 -11.97 -18.03 -19.33
N THR D 320 -12.42 -18.14 -18.09
CA THR D 320 -12.41 -19.48 -17.52
C THR D 320 -13.34 -20.44 -18.26
N GLU D 321 -14.25 -19.95 -19.10
CA GLU D 321 -15.09 -20.94 -19.79
C GLU D 321 -14.28 -21.65 -20.87
N ILE D 322 -13.44 -20.91 -21.56
CA ILE D 322 -12.59 -21.53 -22.58
C ILE D 322 -11.44 -22.27 -21.91
N GLY D 323 -10.73 -21.60 -21.02
CA GLY D 323 -9.52 -22.16 -20.47
C GLY D 323 -9.75 -23.35 -19.56
N THR D 324 -10.58 -23.15 -18.53
CA THR D 324 -10.81 -24.19 -17.55
C THR D 324 -11.84 -25.21 -18.03
N ARG D 325 -13.00 -24.76 -18.49
CA ARG D 325 -14.06 -25.70 -18.83
C ARG D 325 -13.79 -26.39 -20.17
N ASN D 326 -13.67 -25.62 -21.26
CA ASN D 326 -13.62 -26.25 -22.57
C ASN D 326 -12.29 -26.95 -22.82
N LEU D 327 -11.18 -26.39 -22.35
CA LEU D 327 -9.89 -27.00 -22.65
C LEU D 327 -9.41 -27.97 -21.56
N CYS D 328 -9.81 -27.78 -20.30
CA CYS D 328 -9.27 -28.59 -19.20
C CYS D 328 -10.22 -29.65 -18.62
N ASP D 329 -11.54 -29.50 -18.73
CA ASP D 329 -12.42 -30.58 -18.29
C ASP D 329 -11.94 -31.88 -18.93
N PRO D 330 -11.84 -32.98 -18.17
CA PRO D 330 -11.26 -34.21 -18.73
C PRO D 330 -12.14 -34.87 -19.77
N HIS D 331 -13.43 -34.56 -19.77
CA HIS D 331 -14.39 -35.02 -20.77
C HIS D 331 -14.58 -34.00 -21.89
N ARG D 332 -13.73 -32.99 -21.95
CA ARG D 332 -13.70 -32.05 -23.05
C ARG D 332 -12.31 -32.24 -23.80
N TYR D 333 -11.62 -31.17 -24.14
CA TYR D 333 -10.36 -31.34 -24.89
C TYR D 333 -9.25 -31.89 -24.01
N ASN D 334 -9.31 -31.67 -22.69
CA ASN D 334 -8.46 -32.34 -21.71
C ASN D 334 -6.96 -32.20 -22.06
N ILE D 335 -6.48 -30.96 -22.03
CA ILE D 335 -5.07 -30.70 -22.37
C ILE D 335 -4.20 -30.49 -21.14
N LEU D 336 -4.79 -30.53 -19.94
CA LEU D 336 -4.11 -30.03 -18.75
C LEU D 336 -2.78 -30.77 -18.53
N GLU D 337 -2.79 -32.09 -18.67
CA GLU D 337 -1.59 -32.85 -18.34
C GLU D 337 -0.50 -32.59 -19.37
N ASP D 338 -0.88 -32.43 -20.65
CA ASP D 338 0.10 -32.20 -21.70
C ASP D 338 0.76 -30.84 -21.55
N VAL D 339 -0.01 -29.82 -21.16
CA VAL D 339 0.56 -28.52 -20.87
C VAL D 339 1.55 -28.60 -19.70
N ALA D 340 1.13 -29.24 -18.59
CA ALA D 340 1.99 -29.37 -17.41
C ALA D 340 3.32 -30.07 -17.71
N VAL D 341 3.30 -31.09 -18.57
CA VAL D 341 4.54 -31.78 -18.90
C VAL D 341 5.45 -30.87 -19.74
N CYS D 342 4.88 -30.14 -20.70
CA CYS D 342 5.65 -29.14 -21.43
C CYS D 342 6.22 -28.09 -20.49
N MET D 343 5.47 -27.73 -19.44
CA MET D 343 5.98 -26.78 -18.45
C MET D 343 7.05 -27.41 -17.56
N ASP D 344 7.26 -28.72 -17.68
CA ASP D 344 8.25 -29.47 -16.90
C ASP D 344 7.91 -29.45 -15.41
N LEU D 345 6.62 -29.51 -15.11
CA LEU D 345 6.18 -29.75 -13.75
C LEU D 345 6.22 -31.24 -13.41
N ASP D 346 6.25 -31.53 -12.12
CA ASP D 346 6.26 -32.91 -11.61
C ASP D 346 4.82 -33.42 -11.51
N THR D 347 4.33 -34.05 -12.58
CA THR D 347 2.96 -34.55 -12.61
C THR D 347 2.80 -35.89 -11.89
N ARG D 348 3.83 -36.36 -11.16
CA ARG D 348 3.77 -37.62 -10.43
C ARG D 348 3.15 -37.51 -9.05
N THR D 349 3.08 -36.32 -8.47
CA THR D 349 2.41 -36.13 -7.19
C THR D 349 1.45 -34.95 -7.28
N THR D 350 0.25 -35.12 -6.72
CA THR D 350 -0.71 -34.02 -6.72
C THR D 350 -0.20 -32.85 -5.90
N SER D 351 0.65 -33.12 -4.92
CA SER D 351 1.05 -32.10 -3.96
C SER D 351 2.03 -31.06 -4.52
N SER D 352 2.53 -31.24 -5.74
CA SER D 352 3.22 -30.15 -6.41
C SER D 352 2.26 -29.13 -7.01
N LEU D 353 0.96 -29.43 -7.04
CA LEU D 353 -0.05 -28.51 -7.55
C LEU D 353 0.19 -28.23 -9.03
N TRP D 354 0.66 -29.25 -9.76
CA TRP D 354 0.90 -29.08 -11.19
C TRP D 354 -0.40 -28.81 -11.95
N LYS D 355 -1.53 -29.39 -11.51
CA LYS D 355 -2.79 -29.15 -12.19
C LYS D 355 -3.19 -27.68 -12.09
N ASP D 356 -3.13 -27.12 -10.88
CA ASP D 356 -3.44 -25.71 -10.68
C ASP D 356 -2.49 -24.81 -11.46
N LYS D 357 -1.20 -25.16 -11.52
CA LYS D 357 -0.26 -24.33 -12.23
C LYS D 357 -0.51 -24.35 -13.74
N ALA D 358 -0.73 -25.52 -14.34
CA ALA D 358 -1.00 -25.55 -15.77
C ALA D 358 -2.30 -24.81 -16.08
N ALA D 359 -3.30 -24.96 -15.22
CA ALA D 359 -4.61 -24.38 -15.49
C ALA D 359 -4.53 -22.85 -15.45
N VAL D 360 -3.84 -22.30 -14.46
CA VAL D 360 -3.59 -20.86 -14.44
C VAL D 360 -2.98 -20.43 -15.77
N GLU D 361 -1.88 -21.09 -16.19
CA GLU D 361 -1.22 -20.66 -17.42
C GLU D 361 -2.11 -20.82 -18.67
N ILE D 362 -2.97 -21.83 -18.72
CA ILE D 362 -3.85 -21.94 -19.88
C ILE D 362 -4.80 -20.75 -19.92
N ASN D 363 -5.27 -20.33 -18.76
CA ASN D 363 -6.15 -19.17 -18.66
C ASN D 363 -5.43 -17.89 -19.05
N VAL D 364 -4.16 -17.70 -18.60
CA VAL D 364 -3.39 -16.55 -19.05
C VAL D 364 -3.29 -16.54 -20.57
N ALA D 365 -3.01 -17.69 -21.18
CA ALA D 365 -2.92 -17.75 -22.64
C ALA D 365 -4.24 -17.33 -23.31
N VAL D 366 -5.38 -17.84 -22.81
CA VAL D 366 -6.68 -17.49 -23.38
C VAL D 366 -6.89 -15.99 -23.33
N LEU D 367 -6.70 -15.38 -22.15
CA LEU D 367 -6.79 -13.92 -22.01
C LEU D 367 -5.84 -13.20 -22.95
N HIS D 368 -4.58 -13.61 -22.95
CA HIS D 368 -3.61 -12.95 -23.82
C HIS D 368 -4.01 -13.03 -25.28
N SER D 369 -4.49 -14.20 -25.73
CA SER D 369 -4.73 -14.37 -27.16
C SER D 369 -5.95 -13.58 -27.62
N TYR D 370 -6.99 -13.47 -26.78
CA TYR D 370 -8.14 -12.67 -27.15
C TYR D 370 -7.80 -11.19 -27.17
N GLN D 371 -7.07 -10.71 -26.14
CA GLN D 371 -6.69 -9.29 -26.14
C GLN D 371 -5.78 -8.96 -27.31
N LEU D 372 -4.90 -9.90 -27.67
CA LEU D 372 -4.05 -9.73 -28.84
C LEU D 372 -4.87 -9.62 -30.12
N ALA D 373 -5.84 -10.50 -30.30
CA ALA D 373 -6.66 -10.47 -31.51
C ALA D 373 -7.74 -9.40 -31.45
N LYS D 374 -7.82 -8.64 -30.35
CA LYS D 374 -8.83 -7.60 -30.16
C LYS D 374 -10.25 -8.17 -30.23
N VAL D 375 -10.45 -9.30 -29.57
CA VAL D 375 -11.76 -9.90 -29.38
C VAL D 375 -12.16 -9.74 -27.92
N THR D 376 -13.35 -9.20 -27.70
CA THR D 376 -13.88 -8.99 -26.36
C THR D 376 -13.78 -10.26 -25.52
N ILE D 377 -13.33 -10.14 -24.28
CA ILE D 377 -13.34 -11.24 -23.33
C ILE D 377 -13.19 -10.62 -21.97
N VAL D 378 -13.69 -11.31 -20.95
CA VAL D 378 -13.59 -10.79 -19.59
C VAL D 378 -13.02 -11.90 -18.69
N ASP D 379 -12.15 -11.51 -17.76
CA ASP D 379 -11.61 -12.50 -16.85
C ASP D 379 -12.54 -12.62 -15.65
N HIS D 380 -12.38 -13.72 -14.88
CA HIS D 380 -13.35 -14.05 -13.85
C HIS D 380 -13.31 -13.10 -12.66
N HIS D 381 -12.21 -12.35 -12.48
CA HIS D 381 -12.16 -11.36 -11.41
C HIS D 381 -12.97 -10.13 -11.75
N ALA D 382 -12.91 -9.69 -13.01
CA ALA D 382 -13.68 -8.53 -13.41
C ALA D 382 -15.15 -8.89 -13.53
N ALA D 383 -15.44 -10.10 -14.04
CA ALA D 383 -16.82 -10.55 -14.20
C ALA D 383 -17.54 -10.63 -12.86
N THR D 384 -16.89 -11.22 -11.85
CA THR D 384 -17.52 -11.34 -10.53
C THR D 384 -17.61 -10.01 -9.81
N ALA D 385 -16.62 -9.13 -9.99
CA ALA D 385 -16.74 -7.79 -9.43
C ALA D 385 -17.94 -7.04 -10.03
N SER D 386 -18.18 -7.20 -11.33
CA SER D 386 -19.33 -6.49 -11.90
C SER D 386 -20.63 -7.13 -11.45
N PHE D 387 -20.62 -8.46 -11.26
CA PHE D 387 -21.81 -9.11 -10.74
C PHE D 387 -22.15 -8.60 -9.35
N MET D 388 -21.14 -8.31 -8.53
CA MET D 388 -21.41 -7.72 -7.22
C MET D 388 -22.11 -6.36 -7.35
N LYS D 389 -21.70 -5.55 -8.33
CA LYS D 389 -22.42 -4.31 -8.60
C LYS D 389 -23.85 -4.58 -9.07
N HIS D 390 -24.04 -5.61 -9.89
CA HIS D 390 -25.38 -6.02 -10.28
C HIS D 390 -26.26 -6.34 -9.08
N LEU D 391 -25.74 -7.12 -8.11
CA LEU D 391 -26.57 -7.46 -6.96
C LEU D 391 -27.00 -6.21 -6.21
N GLU D 392 -26.08 -5.27 -6.03
CA GLU D 392 -26.41 -4.04 -5.34
C GLU D 392 -27.41 -3.18 -6.13
N ASN D 393 -27.34 -3.21 -7.47
CA ASN D 393 -28.35 -2.51 -8.26
C ASN D 393 -29.69 -3.19 -8.13
N GLU D 394 -29.70 -4.51 -8.18
CA GLU D 394 -30.95 -5.26 -8.15
C GLU D 394 -31.62 -5.15 -6.78
N GLN D 395 -30.84 -5.20 -5.70
CA GLN D 395 -31.43 -4.96 -4.39
C GLN D 395 -32.18 -3.63 -4.35
N LYS D 396 -31.60 -2.57 -4.93
CA LYS D 396 -32.28 -1.28 -4.97
C LYS D 396 -33.52 -1.33 -5.86
N ALA D 397 -33.41 -1.97 -7.02
CA ALA D 397 -34.49 -1.92 -8.00
C ALA D 397 -35.65 -2.86 -7.63
N ARG D 398 -35.34 -4.10 -7.22
CA ARG D 398 -36.38 -5.07 -6.94
C ARG D 398 -36.30 -5.72 -5.57
N GLY D 399 -35.37 -5.32 -4.70
CA GLY D 399 -35.23 -5.97 -3.42
C GLY D 399 -34.77 -7.40 -3.49
N GLY D 400 -33.93 -7.75 -4.46
CA GLY D 400 -33.42 -9.11 -4.55
C GLY D 400 -32.92 -9.41 -5.94
N CYS D 401 -32.33 -10.58 -6.06
CA CYS D 401 -31.70 -11.02 -7.31
C CYS D 401 -31.52 -12.53 -7.23
N PRO D 402 -32.14 -13.31 -8.12
CA PRO D 402 -31.96 -14.77 -8.07
C PRO D 402 -30.57 -15.16 -8.55
N ALA D 403 -29.86 -15.93 -7.74
CA ALA D 403 -28.49 -16.32 -8.10
C ALA D 403 -28.22 -17.73 -7.61
N ASP D 404 -27.61 -18.53 -8.48
CA ASP D 404 -27.24 -19.91 -8.20
C ASP D 404 -25.74 -19.90 -7.84
N TRP D 405 -25.44 -19.93 -6.55
CA TRP D 405 -24.06 -19.81 -6.08
C TRP D 405 -23.10 -20.75 -6.83
N ALA D 406 -23.48 -22.02 -6.97
CA ALA D 406 -22.55 -22.98 -7.55
C ALA D 406 -22.17 -22.64 -8.98
N TRP D 407 -22.96 -21.82 -9.68
CA TRP D 407 -22.63 -21.40 -11.03
C TRP D 407 -22.09 -20.00 -11.11
N ILE D 408 -22.44 -19.12 -10.16
CA ILE D 408 -21.87 -17.78 -10.15
C ILE D 408 -20.37 -17.80 -9.80
N VAL D 409 -19.95 -18.70 -8.89
CA VAL D 409 -18.52 -18.81 -8.53
C VAL D 409 -17.78 -19.49 -9.67
N PRO D 410 -16.70 -18.90 -10.16
CA PRO D 410 -15.96 -19.48 -11.30
C PRO D 410 -15.33 -20.81 -10.95
N PRO D 411 -15.04 -21.65 -11.94
CA PRO D 411 -14.52 -23.00 -11.65
C PRO D 411 -13.08 -23.03 -11.18
N ILE D 412 -12.33 -21.93 -11.29
CA ILE D 412 -11.03 -21.82 -10.65
C ILE D 412 -11.04 -20.57 -9.78
N SER D 413 -10.29 -20.63 -8.69
CA SER D 413 -9.98 -19.47 -7.86
C SER D 413 -11.22 -18.85 -7.22
N GLY D 414 -12.20 -19.70 -6.85
CA GLY D 414 -13.50 -19.19 -6.45
C GLY D 414 -13.46 -18.24 -5.27
N SER D 415 -12.77 -18.64 -4.19
CA SER D 415 -12.69 -17.82 -2.99
C SER D 415 -11.85 -16.54 -3.19
N LEU D 416 -11.06 -16.47 -4.26
CA LEU D 416 -10.44 -15.19 -4.56
C LEU D 416 -11.40 -14.20 -5.22
N THR D 417 -12.61 -14.60 -5.54
CA THR D 417 -13.52 -13.61 -6.10
C THR D 417 -14.53 -13.17 -5.05
N PRO D 418 -15.13 -11.98 -5.20
CA PRO D 418 -16.01 -11.48 -4.14
C PRO D 418 -17.35 -12.19 -4.05
N VAL D 419 -17.76 -12.95 -5.07
CA VAL D 419 -19.05 -13.64 -4.99
C VAL D 419 -18.97 -14.85 -4.08
N PHE D 420 -17.75 -15.35 -3.80
CA PHE D 420 -17.60 -16.57 -3.02
C PHE D 420 -18.19 -16.41 -1.63
N HIS D 421 -17.94 -15.29 -0.97
CA HIS D 421 -18.39 -15.10 0.40
C HIS D 421 -19.75 -14.37 0.45
N GLN D 422 -20.40 -14.21 -0.71
CA GLN D 422 -21.75 -13.64 -0.80
C GLN D 422 -22.77 -14.77 -0.71
N GLU D 423 -23.58 -14.79 0.35
CA GLU D 423 -24.72 -15.69 0.35
C GLU D 423 -25.69 -15.31 -0.77
N MET D 424 -26.39 -16.30 -1.30
CA MET D 424 -27.32 -16.05 -2.40
C MET D 424 -28.58 -16.89 -2.22
N VAL D 425 -29.67 -16.41 -2.81
CA VAL D 425 -30.97 -17.07 -2.82
C VAL D 425 -31.27 -17.45 -4.26
N ASN D 426 -31.57 -18.72 -4.50
CA ASN D 426 -31.89 -19.21 -5.83
C ASN D 426 -33.40 -19.41 -5.98
N TYR D 427 -34.00 -18.86 -7.05
CA TYR D 427 -35.43 -19.03 -7.31
C TYR D 427 -35.77 -18.70 -8.76
N PHE D 428 -36.95 -19.12 -9.21
CA PHE D 428 -37.34 -19.03 -10.61
C PHE D 428 -38.35 -17.89 -10.84
N LEU D 429 -37.94 -16.88 -11.58
CA LEU D 429 -38.85 -15.81 -12.00
C LEU D 429 -39.17 -15.94 -13.49
N SER D 430 -40.24 -15.28 -13.91
CA SER D 430 -40.58 -15.23 -15.32
C SER D 430 -40.76 -13.77 -15.74
N PRO D 431 -40.46 -13.44 -17.00
CA PRO D 431 -39.92 -14.22 -18.13
C PRO D 431 -38.61 -14.95 -17.80
N ALA D 432 -38.33 -15.99 -18.58
CA ALA D 432 -37.26 -16.91 -18.25
C ALA D 432 -36.77 -17.63 -19.49
N PHE D 433 -35.47 -17.96 -19.49
CA PHE D 433 -34.92 -18.97 -20.38
C PHE D 433 -34.99 -20.33 -19.69
N ARG D 434 -35.35 -21.34 -20.46
CA ARG D 434 -35.56 -22.68 -19.91
C ARG D 434 -34.89 -23.72 -20.80
N TYR D 435 -34.53 -24.83 -20.17
CA TYR D 435 -34.12 -26.01 -20.90
C TYR D 435 -35.34 -26.71 -21.48
N GLN D 436 -35.12 -27.39 -22.60
CA GLN D 436 -36.18 -28.08 -23.32
C GLN D 436 -35.62 -29.35 -23.92
N PRO D 437 -36.45 -30.36 -24.17
CA PRO D 437 -35.93 -31.61 -24.72
C PRO D 437 -35.26 -31.40 -26.06
N ASP D 438 -34.34 -32.31 -26.39
CA ASP D 438 -33.75 -32.30 -27.71
C ASP D 438 -34.80 -32.68 -28.74
N PRO D 439 -34.82 -32.00 -29.89
CA PRO D 439 -35.91 -32.20 -30.86
C PRO D 439 -35.92 -33.58 -31.50
N TRP D 440 -34.92 -34.43 -31.25
CA TRP D 440 -34.88 -35.74 -31.86
C TRP D 440 -35.03 -36.87 -30.85
CHA HEM E . 13.96 33.13 -4.59
CHB HEM E . 11.89 29.79 -7.44
CHC HEM E . 11.94 33.01 -11.12
CHD HEM E . 14.40 36.16 -8.39
C1A HEM E . 13.37 31.95 -5.00
C2A HEM E . 13.04 30.79 -4.17
C3A HEM E . 12.49 29.87 -4.97
C4A HEM E . 12.40 30.41 -6.32
CMA HEM E . 11.99 28.47 -4.54
CAA HEM E . 13.34 30.60 -2.67
CBA HEM E . 12.21 31.01 -1.73
CGA HEM E . 12.45 30.35 -0.40
O1A HEM E . 13.18 29.33 -0.34
O2A HEM E . 11.91 30.85 0.64
C1B HEM E . 11.74 30.38 -8.69
C2B HEM E . 11.21 29.71 -9.85
C3B HEM E . 11.20 30.57 -10.88
C4B HEM E . 11.74 31.84 -10.40
CMB HEM E . 10.71 28.25 -9.90
CAB HEM E . 10.69 30.20 -12.29
CBB HEM E . 10.48 31.08 -13.27
C1C HEM E . 12.57 34.18 -10.71
C2C HEM E . 12.69 35.44 -11.45
C3C HEM E . 13.37 36.30 -10.66
C4C HEM E . 13.71 35.62 -9.44
CMC HEM E . 12.10 35.69 -12.85
CAC HEM E . 13.80 37.77 -10.92
CBC HEM E . 13.75 38.40 -12.10
C1D HEM E . 14.52 35.58 -7.14
C2D HEM E . 15.28 36.13 -6.04
C3D HEM E . 15.15 35.30 -5.01
C4D HEM E . 14.31 34.19 -5.39
CMD HEM E . 16.08 37.44 -6.06
CAD HEM E . 15.83 35.50 -3.63
CBD HEM E . 14.97 36.42 -2.77
CGD HEM E . 15.68 36.61 -1.47
O1D HEM E . 16.94 36.53 -1.46
O2D HEM E . 15.00 36.84 -0.45
NA HEM E . 12.96 31.68 -6.29
NB HEM E . 12.07 31.66 -9.06
NC HEM E . 13.21 34.34 -9.50
ND HEM E . 13.94 34.40 -6.70
FE HEM E . 13.28 32.92 -7.93
C02 WRI F . 9.19 31.95 -6.77
C03 WRI F . 9.55 32.92 -7.69
C04 WRI F . 10.10 34.08 -7.23
C05 WRI F . 10.30 34.26 -5.87
C06 WRI F . 10.88 35.44 -5.42
C07 WRI F . 11.08 35.63 -4.06
C08 WRI F . 10.71 34.65 -3.14
C09 WRI F . 10.13 33.46 -3.59
C10 WRI F . 9.94 33.28 -4.97
C11 WRI F . 10.50 35.16 -8.20
C21 WRI F . 10.95 35.00 -1.72
C22 WRI F . 11.94 35.92 -1.43
C23 WRI F . 12.18 36.31 -0.13
C24 WRI F . 11.44 35.79 0.92
C25 WRI F . 10.43 34.87 0.64
C26 WRI F . 10.19 34.48 -0.68
C27 WRI F . 11.80 36.28 2.32
C28 WRI F . 11.18 35.48 3.45
C29 WRI F . 11.49 33.99 3.33
C30 WRI F . 10.41 33.29 2.53
C31 WRI F . 9.60 34.29 1.73
N01 WRI F . 9.38 32.15 -5.44
N02 WRI F . 8.63 30.81 -7.22
N32 WRI F . 8.39 33.66 1.16
C02 WRI G . 15.29 29.10 4.49
C03 WRI G . 16.21 28.97 5.55
C04 WRI G . 15.98 29.67 6.73
C05 WRI G . 14.85 30.47 6.86
C06 WRI G . 14.57 31.18 8.02
C07 WRI G . 13.43 31.99 8.10
C08 WRI G . 12.57 32.08 7.01
C09 WRI G . 12.84 31.36 5.85
C10 WRI G . 13.97 30.56 5.76
C11 WRI G . 16.95 29.56 7.89
C21 WRI G . 11.32 32.88 7.00
C22 WRI G . 10.13 32.16 7.00
C23 WRI G . 8.91 32.80 6.98
C24 WRI G . 8.85 34.19 6.94
C25 WRI G . 10.04 34.93 6.93
C26 WRI G . 11.28 34.27 6.95
C27 WRI G . 7.46 34.80 6.92
C28 WRI G . 7.35 36.02 7.83
C29 WRI G . 7.70 37.27 7.04
C30 WRI G . 8.87 36.99 6.11
C31 WRI G . 10.05 36.43 6.88
N01 WRI G . 14.21 29.88 4.62
N02 WRI G . 15.47 28.43 3.32
N32 WRI G . 11.30 36.91 6.24
C1 BTB H . -3.09 19.22 19.25
O1 BTB H . -2.21 20.30 19.59
C2 BTB H . -2.96 18.11 20.28
C3 BTB H . -2.30 18.72 21.50
O3 BTB H . -2.96 19.95 21.77
C4 BTB H . -4.35 17.62 20.69
O4 BTB H . -4.24 16.68 21.77
N BTB H . -2.15 16.98 19.79
C5 BTB H . -0.98 17.47 19.00
C6 BTB H . 0.32 16.93 19.59
O6 BTB H . 0.39 17.15 21.00
C7 BTB H . -2.95 16.05 18.96
C8 BTB H . -2.89 14.64 19.57
O8 BTB H . -2.80 14.70 21.00
C1 BTB I . -0.57 68.41 -1.81
O1 BTB I . -1.31 68.02 -0.65
C2 BTB I . -0.15 67.17 -2.59
C3 BTB I . 0.61 66.23 -1.66
O3 BTB I . -0.28 65.67 -0.69
C4 BTB I . -1.41 66.45 -3.10
O4 BTB I . -1.43 65.11 -2.62
N BTB I . 0.71 67.55 -3.74
C5 BTB I . 1.78 68.45 -3.28
C6 BTB I . 3.16 67.94 -3.68
O6 BTB I . 3.46 66.72 -2.99
C7 BTB I . -0.12 68.21 -4.77
C8 BTB I . 0.67 68.54 -6.04
O8 BTB I . 1.24 67.35 -6.60
C1 GOL J . -13.41 9.37 10.58
O1 GOL J . -12.05 9.74 10.65
C2 GOL J . -13.78 9.18 9.11
O2 GOL J . -12.59 9.22 8.35
C3 GOL J . -14.70 10.32 8.68
O3 GOL J . -14.16 10.94 7.53
CL CL K . 4.53 32.86 -1.72
ZN ZN L . 29.40 31.26 5.97
ZN ZN M . 8.89 28.28 6.26
CA CA N . -7.56 8.25 14.95
CHA HEM O . 26.85 14.58 14.32
CHB HEM O . 22.85 12.76 16.37
CHC HEM O . 25.31 11.50 20.38
CHD HEM O . 29.20 13.79 18.54
C1A HEM O . 25.57 14.11 14.47
C2A HEM O . 24.56 13.97 13.43
C3A HEM O . 23.44 13.47 14.00
C4A HEM O . 23.72 13.26 15.41
CMA HEM O . 22.07 13.14 13.35
CAA HEM O . 24.82 14.40 11.97
CBA HEM O . 24.69 13.25 11.00
CGA HEM O . 24.09 13.76 9.70
O1A HEM O . 23.53 14.90 9.68
O2A HEM O . 24.17 13.02 8.68
C1B HEM O . 23.14 12.26 17.62
C2B HEM O . 22.20 11.66 18.56
C3B HEM O . 22.86 11.31 19.66
C4B HEM O . 24.26 11.68 19.48
CMB HEM O . 20.69 11.43 18.34
CAB HEM O . 22.16 10.62 20.87
CBB HEM O . 22.79 10.26 21.98
C1C HEM O . 26.60 11.98 20.22
C2C HEM O . 27.74 11.74 21.11
C3C HEM O . 28.81 12.36 20.59
C4C HEM O . 28.40 13.04 19.38
CMC HEM O . 27.65 10.88 22.39
CAC HEM O . 30.26 12.46 21.14
CBC HEM O . 30.57 12.29 22.43
C1D HEM O . 28.91 14.19 17.24
C2D HEM O . 29.81 14.85 16.33
C3D HEM O . 29.16 15.06 15.18
C4D HEM O . 27.83 14.54 15.30
CMD HEM O . 31.26 15.21 16.65
CAD HEM O . 29.74 15.75 13.92
CBD HEM O . 30.22 14.68 12.97
CGD HEM O . 30.91 15.36 11.83
O1D HEM O . 31.38 16.53 11.99
O2D HEM O . 31.02 14.74 10.73
NA HEM O . 25.02 13.67 15.64
NB HEM O . 24.37 12.27 18.23
NC HEM O . 27.05 12.77 19.19
ND HEM O . 27.70 14.03 16.56
FE HEM O . 25.95 13.49 17.50
C02 WRI P . 24.47 9.61 15.63
C03 WRI P . 25.32 9.64 16.72
C04 WRI P . 26.64 10.04 16.52
C05 WRI P . 27.08 10.40 15.27
C06 WRI P . 28.40 10.79 15.11
C07 WRI P . 28.84 11.15 13.85
C08 WRI P . 27.99 11.15 12.76
C09 WRI P . 26.69 10.70 12.93
C10 WRI P . 26.22 10.35 14.19
C11 WRI P . 27.61 10.10 17.67
C21 WRI P . 28.63 11.45 11.44
C22 WRI P . 30.00 11.62 11.53
C23 WRI P . 30.80 11.83 10.43
C24 WRI P . 30.23 11.83 9.17
C25 WRI P . 28.85 11.62 9.03
C26 WRI P . 28.06 11.39 10.17
C27 WRI P . 31.21 12.07 8.04
C28 WRI P . 31.06 13.48 7.52
C29 WRI P . 29.60 13.67 7.15
C30 WRI P . 28.98 12.39 6.60
C31 WRI P . 28.22 11.59 7.67
N01 WRI P . 24.92 9.96 14.39
N02 WRI P . 23.19 9.22 15.84
N32 WRI P . 26.82 12.07 7.73
C02 WRI Q . 24.65 18.13 4.88
C03 WRI Q . 24.93 19.19 3.99
C04 WRI Q . 25.75 18.93 2.89
C05 WRI Q . 26.27 17.66 2.69
C06 WRI Q . 27.10 17.37 1.60
C07 WRI Q . 27.61 16.08 1.44
C08 WRI Q . 27.33 15.08 2.36
C09 WRI Q . 26.50 15.36 3.45
C10 WRI Q . 25.97 16.64 3.62
C11 WRI Q . 26.09 20.01 1.89
C21 WRI Q . 27.88 13.70 2.17
C22 WRI Q . 27.10 12.79 1.50
C23 WRI Q . 27.55 11.49 1.28
C24 WRI Q . 28.80 11.09 1.72
C25 WRI Q . 29.60 12.00 2.42
C26 WRI Q . 29.13 13.31 2.63
C27 WRI Q . 29.19 9.66 1.42
C28 WRI Q . 29.16 8.81 2.69
C29 WRI Q . 30.14 9.37 3.72
C30 WRI Q . 31.25 10.13 3.01
C31 WRI Q . 30.97 11.64 2.92
N01 WRI Q . 25.19 16.90 4.68
N02 WRI Q . 23.87 18.32 5.97
N32 WRI Q . 31.17 12.23 4.26
C1 BTB R . -4.99 -4.90 6.78
O1 BTB R . -4.94 -4.98 8.21
C2 BTB R . -3.59 -4.59 6.23
C3 BTB R . -3.33 -3.08 6.06
O3 BTB R . -1.91 -2.79 6.05
C4 BTB R . -2.55 -5.09 7.22
O4 BTB R . -1.25 -4.75 6.71
N BTB R . -3.43 -5.30 4.94
C5 BTB R . -4.32 -4.74 3.91
C6 BTB R . -3.54 -4.06 2.80
O6 BTB R . -2.71 -5.02 2.13
C7 BTB R . -3.53 -6.77 5.05
C8 BTB R . -2.19 -7.48 4.75
O8 BTB R . -1.53 -7.00 3.57
C1 BTB S . 58.34 -5.26 16.43
O1 BTB S . 59.15 -4.74 15.36
C2 BTB S . 56.83 -5.18 16.10
C3 BTB S . 56.48 -3.78 15.57
O3 BTB S . 57.06 -2.73 16.33
C4 BTB S . 56.46 -6.12 14.97
O4 BTB S . 56.67 -5.42 13.73
N BTB S . 56.07 -5.61 17.31
C5 BTB S . 56.46 -4.76 18.46
C6 BTB S . 55.42 -4.66 19.59
O6 BTB S . 55.50 -5.74 20.54
C7 BTB S . 56.58 -6.99 17.55
C8 BTB S . 55.76 -7.87 18.51
O8 BTB S . 54.58 -8.35 17.85
CL CL T . 25.58 5.89 10.27
GD GD U . -0.91 -4.42 4.23
ZN ZN V . 22.99 11.71 2.19
CHA HEM W . -15.77 -29.17 7.97
CHB HEM W . -11.67 -31.29 6.38
CHC HEM W . -11.84 -34.00 10.41
CHD HEM W . -16.31 -32.54 11.50
C1A HEM W . -14.62 -29.41 7.22
C2A HEM W . -14.10 -28.65 6.08
C3A HEM W . -12.98 -29.24 5.65
C4A HEM W . -12.72 -30.40 6.48
CMA HEM W . -12.10 -28.78 4.47
CAA HEM W . -14.70 -27.38 5.42
CBA HEM W . -14.29 -26.14 6.21
CGA HEM W . -14.29 -24.92 5.32
O1A HEM W . -14.99 -24.90 4.27
O2A HEM W . -13.59 -23.94 5.68
C1B HEM W . -11.35 -32.23 7.34
C2B HEM W . -10.21 -33.14 7.34
C3B HEM W . -10.27 -33.86 8.48
C4B HEM W . -11.45 -33.46 9.20
CMB HEM W . -9.12 -33.20 6.25
CAB HEM W . -9.32 -34.97 9.00
CBB HEM W . -9.00 -36.00 8.22
C1C HEM W . -13.03 -33.83 11.08
C2C HEM W . -13.39 -34.41 12.37
C3C HEM W . -14.64 -34.00 12.68
C4C HEM W . -15.09 -33.17 11.58
CMC HEM W . -12.43 -35.31 13.20
CAC HEM W . -15.53 -34.29 13.89
CBC HEM W . -15.42 -35.40 14.63
C1D HEM W . -16.53 -31.47 10.65
C2D HEM W . -17.68 -30.61 10.68
C3D HEM W . -17.54 -29.69 9.74
C4D HEM W . -16.28 -29.91 9.04
CMD HEM W . -18.87 -30.72 11.67
CAD HEM W . -18.59 -28.61 9.48
CBD HEM W . -18.09 -27.26 9.94
CGD HEM W . -19.22 -26.30 9.69
O1D HEM W . -20.40 -26.74 9.61
O2D HEM W . -18.95 -25.08 9.58
NA HEM W . -13.74 -30.46 7.41
NB HEM W . -12.08 -32.47 8.48
NC HEM W . -14.11 -33.09 10.63
ND HEM W . -15.69 -31.02 9.64
FE HEM W . -14.05 -31.99 8.81
C02 WRI X . -10.45 -29.32 9.19
C03 WRI X . -10.83 -30.19 10.21
C04 WRI X . -11.93 -29.88 10.99
C05 WRI X . -12.65 -28.72 10.75
C06 WRI X . -13.76 -28.41 11.52
C07 WRI X . -14.47 -27.24 11.28
C08 WRI X . -14.09 -26.37 10.27
C09 WRI X . -12.97 -26.69 9.49
C10 WRI X . -12.26 -27.86 9.73
C11 WRI X . -12.36 -30.80 12.10
C21 WRI X . -14.88 -25.11 10.06
C22 WRI X . -15.95 -24.88 10.90
C23 WRI X . -16.70 -23.73 10.79
C24 WRI X . -16.38 -22.76 9.85
C25 WRI X . -15.27 -22.96 9.02
C26 WRI X . -14.52 -24.14 9.13
C27 WRI X . -17.25 -21.53 9.80
C28 WRI X . -16.49 -20.40 10.49
C29 WRI X . -15.13 -20.23 9.84
C30 WRI X . -15.24 -20.51 8.34
C31 WRI X . -14.87 -21.96 7.98
N01 WRI X . -11.17 -28.19 8.97
N02 WRI X . -9.37 -29.61 8.41
N32 WRI X . -15.49 -22.28 6.68
C02 WRI Y . -18.01 -21.55 1.81
C03 WRI Y . -19.11 -20.94 1.21
C04 WRI Y . -19.63 -19.74 1.76
C05 WRI Y . -19.03 -19.22 2.90
C06 WRI Y . -19.49 -18.04 3.50
C07 WRI Y . -18.89 -17.54 4.66
C08 WRI Y . -17.81 -18.21 5.23
C09 WRI Y . -17.35 -19.37 4.63
C10 WRI Y . -17.95 -19.88 3.47
C11 WRI Y . -20.81 -19.06 1.13
C21 WRI Y . -17.08 -17.71 6.44
C22 WRI Y . -15.72 -17.45 6.27
C23 WRI Y . -14.94 -16.98 7.32
C24 WRI Y . -15.50 -16.76 8.57
C25 WRI Y . -16.87 -17.00 8.78
C26 WRI Y . -17.66 -17.48 7.71
C27 WRI Y . -14.52 -16.24 9.63
C28 WRI Y . -15.02 -14.97 10.30
C29 WRI Y . -15.95 -15.30 11.46
C30 WRI Y . -16.56 -16.70 11.28
C31 WRI Y . -17.52 -16.77 10.10
N01 WRI Y . -17.47 -21.03 2.93
N02 WRI Y . -17.47 -22.70 1.31
N32 WRI Y . -18.48 -17.86 10.38
C1 BTB Z . -4.47 -2.87 -5.64
O1 BTB Z . -4.84 -3.20 -4.29
C2 BTB Z . -3.84 -1.49 -5.60
C3 BTB Z . -4.81 -0.59 -4.89
O3 BTB Z . -3.97 0.30 -4.17
C4 BTB Z . -2.61 -1.58 -4.72
O4 BTB Z . -3.11 -1.70 -3.39
N BTB Z . -3.57 -0.91 -6.94
C5 BTB Z . -3.58 -1.92 -8.02
C6 BTB Z . -4.81 -1.69 -8.90
O6 BTB Z . -5.99 -1.64 -8.07
C7 BTB Z . -2.30 -0.16 -7.00
C8 BTB Z . -2.49 1.33 -6.76
O8 BTB Z . -2.73 1.61 -5.38
C1 BTB AA . -17.90 -20.12 44.33
O1 BTB AA . -17.60 -20.13 42.93
C2 BTB AA . -19.41 -20.00 44.57
C3 BTB AA . -20.00 -21.37 44.97
O3 BTB AA . -19.47 -22.45 44.19
C4 BTB AA . -19.63 -19.04 45.73
O4 BTB AA . -18.41 -18.86 46.46
N BTB AA . -20.08 -19.49 43.33
C5 BTB AA . -20.15 -18.01 43.32
C6 BTB AA . -19.59 -17.52 41.99
O6 BTB AA . -18.27 -18.07 41.86
C7 BTB AA . -21.45 -20.02 43.17
C8 BTB AA . -21.59 -20.50 41.73
O8 BTB AA . -20.37 -21.14 41.34
C1 GOL BA . -11.62 -45.51 30.65
O1 GOL BA . -11.96 -44.83 31.84
C2 GOL BA . -12.87 -45.67 29.78
O2 GOL BA . -13.77 -44.68 30.20
C3 GOL BA . -13.49 -47.05 30.06
O3 GOL BA . -13.59 -47.79 28.86
CL CL CA . -8.94 -22.98 10.37
ZN ZN DA . -31.60 -25.93 -1.80
ZN ZN EA . -12.97 -17.83 2.80
C02 WRI FA . -21.29 -25.96 -11.94
C03 WRI FA . -21.68 -26.74 -10.86
C04 WRI FA . -21.96 -28.08 -11.04
C05 WRI FA . -21.84 -28.65 -12.31
C06 WRI FA . -22.11 -30.00 -12.51
C07 WRI FA . -22.00 -30.55 -13.80
C08 WRI FA . -21.64 -29.74 -14.87
C09 WRI FA . -21.35 -28.39 -14.66
C10 WRI FA . -21.46 -27.85 -13.38
C11 WRI FA . -22.37 -28.90 -9.86
C21 WRI FA . -21.49 -30.34 -16.23
C22 WRI FA . -20.24 -30.83 -16.53
C23 WRI FA . -19.98 -31.40 -17.77
C24 WRI FA . -20.97 -31.48 -18.72
C25 WRI FA . -22.25 -30.99 -18.46
C26 WRI FA . -22.51 -30.41 -17.20
C27 WRI FA . -20.58 -32.14 -20.03
C28 WRI FA . -21.37 -33.44 -20.20
C29 WRI FA . -22.73 -33.15 -20.83
C30 WRI FA . -23.69 -32.51 -19.84
C31 WRI FA . -23.34 -31.07 -19.47
N01 WRI FA . -21.20 -26.53 -13.18
N02 WRI FA . -21.02 -24.63 -11.76
N32 WRI FA . -22.97 -30.38 -20.72
ZN ZN GA . -16.50 -28.59 -16.21
CA CA HA . 6.27 -4.75 -11.61
CHA HEM IA . -24.98 -18.64 -17.83
CHB HEM IA . -21.48 -15.39 -18.78
CHC HEM IA . -24.45 -12.82 -21.60
CHD HEM IA . -28.02 -15.90 -20.52
C1A HEM IA . -23.73 -18.03 -17.89
C2A HEM IA . -22.48 -18.53 -17.34
C3A HEM IA . -21.52 -17.63 -17.60
C4A HEM IA . -22.13 -16.52 -18.34
CMA HEM IA . -20.01 -17.69 -17.23
CAA HEM IA . -22.34 -19.86 -16.57
CBA HEM IA . -22.03 -21.02 -17.51
CGA HEM IA . -21.31 -22.12 -16.76
O1A HEM IA . -21.20 -22.09 -15.51
O2A HEM IA . -20.83 -23.05 -17.46
C1B HEM IA . -22.00 -14.40 -19.59
C2B HEM IA . -21.26 -13.23 -20.02
C3B HEM IA . -22.06 -12.49 -20.81
C4B HEM IA . -23.34 -13.19 -20.88
CMB HEM IA . -19.80 -12.91 -19.64
CAB HEM IA . -21.64 -11.16 -21.47
CBB HEM IA . -22.50 -10.38 -22.13
C1C HEM IA . -25.66 -13.47 -21.60
C2C HEM IA . -26.79 -13.17 -22.45
C3C HEM IA . -27.77 -14.03 -22.18
C4C HEM IA . -27.30 -14.90 -21.11
CMC HEM IA . -26.76 -12.05 -23.51
CAC HEM IA . -29.21 -14.14 -22.75
CBC HEM IA . -29.91 -13.09 -23.20
C1D HEM IA . -27.52 -16.90 -19.71
C2D HEM IA . -28.27 -18.00 -19.17
C3D HEM IA . -27.44 -18.74 -18.43
C4D HEM IA . -26.11 -18.16 -18.47
CMD HEM IA . -29.78 -18.28 -19.38
CAD HEM IA . -27.85 -20.01 -17.68
CBD HEM IA . -27.60 -21.17 -18.61
CGD HEM IA . -28.17 -22.39 -17.93
O1D HEM IA . -29.10 -22.28 -17.08
O2D HEM IA . -27.68 -23.50 -18.25
NA HEM IA . -23.48 -16.81 -18.47
NB HEM IA . -23.26 -14.35 -20.13
NC HEM IA . -26.03 -14.52 -20.79
ND HEM IA . -26.20 -17.03 -19.26
FE HEM IA . -24.87 -15.51 -19.37
C02 WRI JA . -21.28 -16.98 -21.80
C03 WRI JA . -22.36 -16.34 -22.43
C04 WRI JA . -23.57 -17.02 -22.53
C05 WRI JA . -23.67 -18.31 -22.02
C06 WRI JA . -24.86 -19.02 -22.10
C07 WRI JA . -24.94 -20.31 -21.59
C08 WRI JA . -23.85 -20.92 -20.99
C09 WRI JA . -22.66 -20.22 -20.91
C10 WRI JA . -22.57 -18.92 -21.42
C11 WRI JA . -24.75 -16.36 -23.20
C21 WRI JA . -24.02 -22.31 -20.49
C22 WRI JA . -25.30 -22.80 -20.43
C23 WRI JA . -25.55 -24.10 -19.99
C24 WRI JA . -24.52 -24.94 -19.60
C25 WRI JA . -23.20 -24.45 -19.68
C26 WRI JA . -22.96 -23.15 -20.13
C27 WRI JA . -24.94 -26.32 -19.13
C28 WRI JA . -24.29 -27.45 -19.92
C29 WRI JA . -22.84 -27.60 -19.51
C30 WRI JA . -21.96 -26.53 -20.16
C31 WRI JA . -22.03 -25.28 -19.30
N01 WRI JA . -21.41 -18.23 -21.33
N02 WRI JA . -20.09 -16.35 -21.69
N32 WRI JA . -22.07 -25.70 -17.88
C1 BTB KA . 12.93 -14.18 -22.09
O1 BTB KA . 12.45 -12.88 -21.73
C2 BTB KA . 11.75 -15.12 -22.29
C3 BTB KA . 10.99 -15.36 -20.99
O3 BTB KA . 9.68 -15.80 -21.35
C4 BTB KA . 10.71 -14.55 -23.25
O4 BTB KA . 9.76 -15.58 -23.51
N BTB KA . 12.23 -16.42 -22.85
C5 BTB KA . 12.92 -17.24 -21.83
C6 BTB KA . 12.17 -18.54 -21.49
O6 BTB KA . 12.23 -19.45 -22.59
C7 BTB KA . 13.05 -16.23 -24.06
C8 BTB KA . 12.32 -16.73 -25.31
O8 BTB KA . 11.54 -17.90 -25.03
C1 BTB LA . -42.30 -31.80 -45.50
O1 BTB LA . -40.91 -31.55 -45.31
C2 BTB LA . -42.59 -31.86 -46.99
C3 BTB LA . -42.29 -33.28 -47.45
O3 BTB LA . -41.82 -34.05 -46.34
C4 BTB LA . -44.08 -31.58 -47.12
O4 BTB LA . -44.39 -30.58 -46.15
N BTB LA . -41.78 -30.83 -47.73
C5 BTB LA . -42.61 -30.00 -48.62
C6 BTB LA . -42.63 -28.54 -48.18
O6 BTB LA . -41.31 -28.00 -48.20
C7 BTB LA . -40.72 -31.47 -48.54
C8 BTB LA . -40.22 -30.55 -49.66
O8 BTB LA . -39.38 -31.28 -50.57
C1 GOL MA . -2.70 -38.02 -22.91
O1 GOL MA . -1.69 -37.53 -22.05
C2 GOL MA . -2.32 -37.69 -24.34
O2 GOL MA . -1.29 -36.72 -24.31
C3 GOL MA . -3.50 -37.13 -25.11
O3 GOL MA . -3.06 -36.70 -26.39
CL CL NA . -18.76 -22.74 -24.40
GD GD OA . 9.90 -17.94 -22.78
#